data_1KOE
# 
_entry.id   1KOE 
# 
_audit_conform.dict_name       mmcif_pdbx.dic 
_audit_conform.dict_version    5.397 
_audit_conform.dict_location   http://mmcif.pdb.org/dictionaries/ascii/mmcif_pdbx.dic 
# 
loop_
_database_2.database_id 
_database_2.database_code 
_database_2.pdbx_database_accession 
_database_2.pdbx_DOI 
PDB   1KOE         pdb_00001koe 10.2210/pdb1koe/pdb 
WWPDB D_1000174469 ?            ?                   
# 
loop_
_pdbx_audit_revision_history.ordinal 
_pdbx_audit_revision_history.data_content_type 
_pdbx_audit_revision_history.major_revision 
_pdbx_audit_revision_history.minor_revision 
_pdbx_audit_revision_history.revision_date 
1 'Structure model' 1 0 1999-02-16 
2 'Structure model' 1 1 2008-03-24 
3 'Structure model' 1 2 2011-07-13 
4 'Structure model' 1 3 2021-03-31 
5 'Structure model' 1 4 2024-10-23 
# 
_pdbx_audit_revision_details.ordinal             1 
_pdbx_audit_revision_details.revision_ordinal    1 
_pdbx_audit_revision_details.data_content_type   'Structure model' 
_pdbx_audit_revision_details.provider            repository 
_pdbx_audit_revision_details.type                'Initial release' 
_pdbx_audit_revision_details.description         ? 
_pdbx_audit_revision_details.details             ? 
# 
loop_
_pdbx_audit_revision_group.ordinal 
_pdbx_audit_revision_group.revision_ordinal 
_pdbx_audit_revision_group.data_content_type 
_pdbx_audit_revision_group.group 
1 2 'Structure model' 'Version format compliance' 
2 3 'Structure model' 'Version format compliance' 
3 4 'Structure model' Advisory                    
4 4 'Structure model' 'Source and taxonomy'       
5 5 'Structure model' Advisory                    
6 5 'Structure model' 'Data collection'           
7 5 'Structure model' 'Database references'       
8 5 'Structure model' 'Structure summary'         
# 
loop_
_pdbx_audit_revision_category.ordinal 
_pdbx_audit_revision_category.revision_ordinal 
_pdbx_audit_revision_category.data_content_type 
_pdbx_audit_revision_category.category 
1 4 'Structure model' entity_src_gen               
2 4 'Structure model' pdbx_unobs_or_zero_occ_atoms 
3 5 'Structure model' chem_comp_atom               
4 5 'Structure model' chem_comp_bond               
5 5 'Structure model' database_2                   
6 5 'Structure model' pdbx_entry_details           
7 5 'Structure model' pdbx_modification_feature    
8 5 'Structure model' pdbx_unobs_or_zero_occ_atoms 
# 
loop_
_pdbx_audit_revision_item.ordinal 
_pdbx_audit_revision_item.revision_ordinal 
_pdbx_audit_revision_item.data_content_type 
_pdbx_audit_revision_item.item 
1 4 'Structure model' '_entity_src_gen.pdbx_host_org_strain'         
2 5 'Structure model' '_database_2.pdbx_DOI'                         
3 5 'Structure model' '_database_2.pdbx_database_accession'          
4 5 'Structure model' '_pdbx_entry_details.has_protein_modification' 
# 
_pdbx_database_status.status_code                     REL 
_pdbx_database_status.entry_id                        1KOE 
_pdbx_database_status.recvd_initial_deposition_date   1998-01-22 
_pdbx_database_status.deposit_site                    ? 
_pdbx_database_status.process_site                    BNL 
_pdbx_database_status.status_code_sf                  REL 
_pdbx_database_status.status_code_mr                  ? 
_pdbx_database_status.SG_entry                        ? 
_pdbx_database_status.pdb_format_compatible           Y 
_pdbx_database_status.status_code_cs                  ? 
_pdbx_database_status.status_code_nmr_data            ? 
_pdbx_database_status.methods_development_category    ? 
# 
loop_
_audit_author.name 
_audit_author.pdbx_ordinal 
'Hohenester, E.' 1 
'Sasaki, T.'     2 
'Olsen, B.R.'    3 
'Timpl, R.'      4 
# 
loop_
_citation.id 
_citation.title 
_citation.journal_abbrev 
_citation.journal_volume 
_citation.page_first 
_citation.page_last 
_citation.year 
_citation.journal_id_ASTM 
_citation.country 
_citation.journal_id_ISSN 
_citation.journal_id_CSD 
_citation.book_publisher 
_citation.pdbx_database_id_PubMed 
_citation.pdbx_database_id_DOI 
primary 'Crystal structure of the angiogenesis inhibitor endostatin at 1.5 A resolution.' 'EMBO J.'               17 1656 1664 
1998 EMJODG UK 0261-4189 0897 ? 9501087 10.1093/emboj/17.6.1656 
1       'Endostatin: An Endogenous Inhibitor of Angiogenesis and Tumor Growth'            'Cell(Cambridge,Mass.)' 88 277  ?    
1997 CELLB5 US 0092-8674 0998 ? ?       ?                       
# 
loop_
_citation_author.citation_id 
_citation_author.name 
_citation_author.ordinal 
_citation_author.identifier_ORCID 
primary 'Hohenester, E.' 1  ? 
primary 'Sasaki, T.'     2  ? 
primary 'Olsen, B.R.'    3  ? 
primary 'Timpl, R.'      4  ? 
1       
;O'Reilly, M.S.
;
5  ? 
1       'Boehm, T.'      6  ? 
1       'Shing, Y.'      7  ? 
1       'Fukai, N.'      8  ? 
1       'Vasios, G.'     9  ? 
1       'Lane, W.S.'     10 ? 
1       'Flynn, E.'      11 ? 
1       'Birkhead, J.R.' 12 ? 
1       'Olsen, B.R.'    13 ? 
1       'Folkman, J.'    14 ? 
# 
loop_
_entity.id 
_entity.type 
_entity.src_method 
_entity.pdbx_description 
_entity.formula_weight 
_entity.pdbx_number_of_molecules 
_entity.pdbx_ec 
_entity.pdbx_mutation 
_entity.pdbx_fragment 
_entity.details 
1 polymer man ENDOSTATIN 18950.355 1  ? ? 'C-TERMINAL 184 RESIDUES OF ALPHA1 CHAIN OF COLLAGEN XVIII' 
'N-TERMINAL ALA-PRO-LEU-ALA SEQUENCE INTRODUCED BY THE CLONING PROCESS' 
2 water   nat water      18.015    83 ? ? ?                                                           ? 
# 
_entity_poly.entity_id                      1 
_entity_poly.type                           'polypeptide(L)' 
_entity_poly.nstd_linkage                   no 
_entity_poly.nstd_monomer                   no 
_entity_poly.pdbx_seq_one_letter_code       
;QPVLHLVALNTPLSGGMRGIRGADFQCFQQARAVGLSGTFRAFLSSRLQDLYSIVRRADRGSVPIVNLKDEVLSPSWDSL
FSGSQGQLQPGARIFSFDGRDVLRHPAWPQKSVWHGSDPSGRRLMESYCETWRTETTGATGQASSLLSGRLLEQKAASCH
NSYIVLCIENSF
;
_entity_poly.pdbx_seq_one_letter_code_can   
;QPVLHLVALNTPLSGGMRGIRGADFQCFQQARAVGLSGTFRAFLSSRLQDLYSIVRRADRGSVPIVNLKDEVLSPSWDSL
FSGSQGQLQPGARIFSFDGRDVLRHPAWPQKSVWHGSDPSGRRLMESYCETWRTETTGATGQASSLLSGRLLEQKAASCH
NSYIVLCIENSF
;
_entity_poly.pdbx_strand_id                 A 
_entity_poly.pdbx_target_identifier         ? 
# 
_pdbx_entity_nonpoly.entity_id   2 
_pdbx_entity_nonpoly.name        water 
_pdbx_entity_nonpoly.comp_id     HOH 
# 
loop_
_entity_poly_seq.entity_id 
_entity_poly_seq.num 
_entity_poly_seq.mon_id 
_entity_poly_seq.hetero 
1 1   GLN n 
1 2   PRO n 
1 3   VAL n 
1 4   LEU n 
1 5   HIS n 
1 6   LEU n 
1 7   VAL n 
1 8   ALA n 
1 9   LEU n 
1 10  ASN n 
1 11  THR n 
1 12  PRO n 
1 13  LEU n 
1 14  SER n 
1 15  GLY n 
1 16  GLY n 
1 17  MET n 
1 18  ARG n 
1 19  GLY n 
1 20  ILE n 
1 21  ARG n 
1 22  GLY n 
1 23  ALA n 
1 24  ASP n 
1 25  PHE n 
1 26  GLN n 
1 27  CYS n 
1 28  PHE n 
1 29  GLN n 
1 30  GLN n 
1 31  ALA n 
1 32  ARG n 
1 33  ALA n 
1 34  VAL n 
1 35  GLY n 
1 36  LEU n 
1 37  SER n 
1 38  GLY n 
1 39  THR n 
1 40  PHE n 
1 41  ARG n 
1 42  ALA n 
1 43  PHE n 
1 44  LEU n 
1 45  SER n 
1 46  SER n 
1 47  ARG n 
1 48  LEU n 
1 49  GLN n 
1 50  ASP n 
1 51  LEU n 
1 52  TYR n 
1 53  SER n 
1 54  ILE n 
1 55  VAL n 
1 56  ARG n 
1 57  ARG n 
1 58  ALA n 
1 59  ASP n 
1 60  ARG n 
1 61  GLY n 
1 62  SER n 
1 63  VAL n 
1 64  PRO n 
1 65  ILE n 
1 66  VAL n 
1 67  ASN n 
1 68  LEU n 
1 69  LYS n 
1 70  ASP n 
1 71  GLU n 
1 72  VAL n 
1 73  LEU n 
1 74  SER n 
1 75  PRO n 
1 76  SER n 
1 77  TRP n 
1 78  ASP n 
1 79  SER n 
1 80  LEU n 
1 81  PHE n 
1 82  SER n 
1 83  GLY n 
1 84  SER n 
1 85  GLN n 
1 86  GLY n 
1 87  GLN n 
1 88  LEU n 
1 89  GLN n 
1 90  PRO n 
1 91  GLY n 
1 92  ALA n 
1 93  ARG n 
1 94  ILE n 
1 95  PHE n 
1 96  SER n 
1 97  PHE n 
1 98  ASP n 
1 99  GLY n 
1 100 ARG n 
1 101 ASP n 
1 102 VAL n 
1 103 LEU n 
1 104 ARG n 
1 105 HIS n 
1 106 PRO n 
1 107 ALA n 
1 108 TRP n 
1 109 PRO n 
1 110 GLN n 
1 111 LYS n 
1 112 SER n 
1 113 VAL n 
1 114 TRP n 
1 115 HIS n 
1 116 GLY n 
1 117 SER n 
1 118 ASP n 
1 119 PRO n 
1 120 SER n 
1 121 GLY n 
1 122 ARG n 
1 123 ARG n 
1 124 LEU n 
1 125 MET n 
1 126 GLU n 
1 127 SER n 
1 128 TYR n 
1 129 CYS n 
1 130 GLU n 
1 131 THR n 
1 132 TRP n 
1 133 ARG n 
1 134 THR n 
1 135 GLU n 
1 136 THR n 
1 137 THR n 
1 138 GLY n 
1 139 ALA n 
1 140 THR n 
1 141 GLY n 
1 142 GLN n 
1 143 ALA n 
1 144 SER n 
1 145 SER n 
1 146 LEU n 
1 147 LEU n 
1 148 SER n 
1 149 GLY n 
1 150 ARG n 
1 151 LEU n 
1 152 LEU n 
1 153 GLU n 
1 154 GLN n 
1 155 LYS n 
1 156 ALA n 
1 157 ALA n 
1 158 SER n 
1 159 CYS n 
1 160 HIS n 
1 161 ASN n 
1 162 SER n 
1 163 TYR n 
1 164 ILE n 
1 165 VAL n 
1 166 LEU n 
1 167 CYS n 
1 168 ILE n 
1 169 GLU n 
1 170 ASN n 
1 171 SER n 
1 172 PHE n 
# 
_entity_src_gen.entity_id                          1 
_entity_src_gen.pdbx_src_id                        1 
_entity_src_gen.pdbx_alt_source_flag               sample 
_entity_src_gen.pdbx_seq_type                      ? 
_entity_src_gen.pdbx_beg_seq_num                   ? 
_entity_src_gen.pdbx_end_seq_num                   ? 
_entity_src_gen.gene_src_common_name               'house mouse' 
_entity_src_gen.gene_src_genus                     Mus 
_entity_src_gen.pdbx_gene_src_gene                 ? 
_entity_src_gen.gene_src_species                   ? 
_entity_src_gen.gene_src_strain                    ? 
_entity_src_gen.gene_src_tissue                    ? 
_entity_src_gen.gene_src_tissue_fraction           ? 
_entity_src_gen.gene_src_details                   ? 
_entity_src_gen.pdbx_gene_src_fragment             ? 
_entity_src_gen.pdbx_gene_src_scientific_name      'Mus musculus' 
_entity_src_gen.pdbx_gene_src_ncbi_taxonomy_id     10090 
_entity_src_gen.pdbx_gene_src_variant              ? 
_entity_src_gen.pdbx_gene_src_cell_line            '293 EBNA CELLS' 
_entity_src_gen.pdbx_gene_src_atcc                 ? 
_entity_src_gen.pdbx_gene_src_organ                KIDNEY 
_entity_src_gen.pdbx_gene_src_organelle            ? 
_entity_src_gen.pdbx_gene_src_cell                 ? 
_entity_src_gen.pdbx_gene_src_cellular_location    ? 
_entity_src_gen.host_org_common_name               human 
_entity_src_gen.pdbx_host_org_scientific_name      'Homo sapiens' 
_entity_src_gen.pdbx_host_org_ncbi_taxonomy_id     9606 
_entity_src_gen.host_org_genus                     Homo 
_entity_src_gen.pdbx_host_org_gene                 ? 
_entity_src_gen.pdbx_host_org_organ                ? 
_entity_src_gen.host_org_species                   ? 
_entity_src_gen.pdbx_host_org_tissue               ? 
_entity_src_gen.pdbx_host_org_tissue_fraction      ? 
_entity_src_gen.pdbx_host_org_strain               ? 
_entity_src_gen.pdbx_host_org_variant              ? 
_entity_src_gen.pdbx_host_org_cell_line            '293 EBNA CELLS' 
_entity_src_gen.pdbx_host_org_atcc                 ? 
_entity_src_gen.pdbx_host_org_culture_collection   ? 
_entity_src_gen.pdbx_host_org_cell                 ? 
_entity_src_gen.pdbx_host_org_organelle            ? 
_entity_src_gen.pdbx_host_org_cellular_location    ? 
_entity_src_gen.pdbx_host_org_vector_type          ? 
_entity_src_gen.pdbx_host_org_vector               ? 
_entity_src_gen.host_org_details                   ? 
_entity_src_gen.expression_system_id               ? 
_entity_src_gen.plasmid_name                       ? 
_entity_src_gen.plasmid_details                    ? 
_entity_src_gen.pdbx_description                   ? 
# 
loop_
_chem_comp.id 
_chem_comp.type 
_chem_comp.mon_nstd_flag 
_chem_comp.name 
_chem_comp.pdbx_synonyms 
_chem_comp.formula 
_chem_comp.formula_weight 
ALA 'L-peptide linking' y ALANINE         ? 'C3 H7 N O2'     89.093  
ARG 'L-peptide linking' y ARGININE        ? 'C6 H15 N4 O2 1' 175.209 
ASN 'L-peptide linking' y ASPARAGINE      ? 'C4 H8 N2 O3'    132.118 
ASP 'L-peptide linking' y 'ASPARTIC ACID' ? 'C4 H7 N O4'     133.103 
CYS 'L-peptide linking' y CYSTEINE        ? 'C3 H7 N O2 S'   121.158 
GLN 'L-peptide linking' y GLUTAMINE       ? 'C5 H10 N2 O3'   146.144 
GLU 'L-peptide linking' y 'GLUTAMIC ACID' ? 'C5 H9 N O4'     147.129 
GLY 'peptide linking'   y GLYCINE         ? 'C2 H5 N O2'     75.067  
HIS 'L-peptide linking' y HISTIDINE       ? 'C6 H10 N3 O2 1' 156.162 
HOH non-polymer         . WATER           ? 'H2 O'           18.015  
ILE 'L-peptide linking' y ISOLEUCINE      ? 'C6 H13 N O2'    131.173 
LEU 'L-peptide linking' y LEUCINE         ? 'C6 H13 N O2'    131.173 
LYS 'L-peptide linking' y LYSINE          ? 'C6 H15 N2 O2 1' 147.195 
MET 'L-peptide linking' y METHIONINE      ? 'C5 H11 N O2 S'  149.211 
PHE 'L-peptide linking' y PHENYLALANINE   ? 'C9 H11 N O2'    165.189 
PRO 'L-peptide linking' y PROLINE         ? 'C5 H9 N O2'     115.130 
SER 'L-peptide linking' y SERINE          ? 'C3 H7 N O3'     105.093 
THR 'L-peptide linking' y THREONINE       ? 'C4 H9 N O3'     119.119 
TRP 'L-peptide linking' y TRYPTOPHAN      ? 'C11 H12 N2 O2'  204.225 
TYR 'L-peptide linking' y TYROSINE        ? 'C9 H11 N O3'    181.189 
VAL 'L-peptide linking' y VALINE          ? 'C5 H11 N O2'    117.146 
# 
loop_
_pdbx_poly_seq_scheme.asym_id 
_pdbx_poly_seq_scheme.entity_id 
_pdbx_poly_seq_scheme.seq_id 
_pdbx_poly_seq_scheme.mon_id 
_pdbx_poly_seq_scheme.ndb_seq_num 
_pdbx_poly_seq_scheme.pdb_seq_num 
_pdbx_poly_seq_scheme.auth_seq_num 
_pdbx_poly_seq_scheme.pdb_mon_id 
_pdbx_poly_seq_scheme.auth_mon_id 
_pdbx_poly_seq_scheme.pdb_strand_id 
_pdbx_poly_seq_scheme.pdb_ins_code 
_pdbx_poly_seq_scheme.hetero 
A 1 1   GLN 1   138 138 GLN GLN A . n 
A 1 2   PRO 2   139 139 PRO PRO A . n 
A 1 3   VAL 3   140 140 VAL VAL A . n 
A 1 4   LEU 4   141 141 LEU LEU A . n 
A 1 5   HIS 5   142 142 HIS HIS A . n 
A 1 6   LEU 6   143 143 LEU LEU A . n 
A 1 7   VAL 7   144 144 VAL VAL A . n 
A 1 8   ALA 8   145 145 ALA ALA A . n 
A 1 9   LEU 9   146 146 LEU LEU A . n 
A 1 10  ASN 10  147 147 ASN ASN A . n 
A 1 11  THR 11  148 148 THR THR A . n 
A 1 12  PRO 12  149 149 PRO PRO A . n 
A 1 13  LEU 13  150 150 LEU LEU A . n 
A 1 14  SER 14  151 151 SER SER A . n 
A 1 15  GLY 15  152 152 GLY GLY A . n 
A 1 16  GLY 16  153 153 GLY GLY A . n 
A 1 17  MET 17  154 154 MET MET A . n 
A 1 18  ARG 18  155 155 ARG ARG A . n 
A 1 19  GLY 19  156 156 GLY GLY A . n 
A 1 20  ILE 20  157 157 ILE ILE A . n 
A 1 21  ARG 21  158 158 ARG ARG A . n 
A 1 22  GLY 22  159 159 GLY GLY A . n 
A 1 23  ALA 23  160 160 ALA ALA A . n 
A 1 24  ASP 24  161 161 ASP ASP A . n 
A 1 25  PHE 25  162 162 PHE PHE A . n 
A 1 26  GLN 26  163 163 GLN GLN A . n 
A 1 27  CYS 27  164 164 CYS CYS A . n 
A 1 28  PHE 28  165 165 PHE PHE A . n 
A 1 29  GLN 29  166 166 GLN GLN A . n 
A 1 30  GLN 30  167 167 GLN GLN A . n 
A 1 31  ALA 31  168 168 ALA ALA A . n 
A 1 32  ARG 32  169 169 ARG ARG A . n 
A 1 33  ALA 33  170 170 ALA ALA A . n 
A 1 34  VAL 34  171 171 VAL VAL A . n 
A 1 35  GLY 35  172 172 GLY GLY A . n 
A 1 36  LEU 36  173 173 LEU LEU A . n 
A 1 37  SER 37  174 174 SER SER A . n 
A 1 38  GLY 38  175 175 GLY GLY A . n 
A 1 39  THR 39  176 176 THR THR A . n 
A 1 40  PHE 40  177 177 PHE PHE A . n 
A 1 41  ARG 41  178 178 ARG ARG A . n 
A 1 42  ALA 42  179 179 ALA ALA A . n 
A 1 43  PHE 43  180 180 PHE PHE A . n 
A 1 44  LEU 44  181 181 LEU LEU A . n 
A 1 45  SER 45  182 182 SER SER A . n 
A 1 46  SER 46  183 183 SER SER A . n 
A 1 47  ARG 47  184 184 ARG ARG A . n 
A 1 48  LEU 48  185 185 LEU LEU A . n 
A 1 49  GLN 49  186 186 GLN GLN A . n 
A 1 50  ASP 50  187 187 ASP ASP A . n 
A 1 51  LEU 51  188 188 LEU LEU A . n 
A 1 52  TYR 52  189 189 TYR TYR A . n 
A 1 53  SER 53  190 190 SER SER A . n 
A 1 54  ILE 54  191 191 ILE ILE A . n 
A 1 55  VAL 55  192 192 VAL VAL A . n 
A 1 56  ARG 56  193 193 ARG ARG A . n 
A 1 57  ARG 57  194 194 ARG ARG A . n 
A 1 58  ALA 58  195 195 ALA ALA A . n 
A 1 59  ASP 59  196 196 ASP ASP A . n 
A 1 60  ARG 60  197 197 ARG ARG A . n 
A 1 61  GLY 61  198 198 GLY GLY A . n 
A 1 62  SER 62  199 199 SER SER A . n 
A 1 63  VAL 63  200 200 VAL VAL A . n 
A 1 64  PRO 64  201 201 PRO PRO A . n 
A 1 65  ILE 65  202 202 ILE ILE A . n 
A 1 66  VAL 66  203 203 VAL VAL A . n 
A 1 67  ASN 67  204 204 ASN ASN A . n 
A 1 68  LEU 68  205 205 LEU LEU A . n 
A 1 69  LYS 69  206 206 LYS LYS A . n 
A 1 70  ASP 70  207 207 ASP ASP A . n 
A 1 71  GLU 71  208 208 GLU GLU A . n 
A 1 72  VAL 72  209 209 VAL VAL A . n 
A 1 73  LEU 73  210 210 LEU LEU A . n 
A 1 74  SER 74  211 211 SER SER A . n 
A 1 75  PRO 75  212 212 PRO PRO A . n 
A 1 76  SER 76  213 213 SER SER A . n 
A 1 77  TRP 77  214 214 TRP TRP A . n 
A 1 78  ASP 78  215 215 ASP ASP A . n 
A 1 79  SER 79  216 216 SER SER A . n 
A 1 80  LEU 80  217 217 LEU LEU A . n 
A 1 81  PHE 81  218 218 PHE PHE A . n 
A 1 82  SER 82  219 219 SER SER A . n 
A 1 83  GLY 83  220 220 GLY GLY A . n 
A 1 84  SER 84  221 221 SER SER A . n 
A 1 85  GLN 85  222 222 GLN GLN A . n 
A 1 86  GLY 86  223 223 GLY GLY A . n 
A 1 87  GLN 87  224 224 GLN GLN A . n 
A 1 88  LEU 88  225 225 LEU LEU A . n 
A 1 89  GLN 89  226 226 GLN GLN A . n 
A 1 90  PRO 90  227 227 PRO PRO A . n 
A 1 91  GLY 91  228 228 GLY GLY A . n 
A 1 92  ALA 92  229 229 ALA ALA A . n 
A 1 93  ARG 93  230 230 ARG ARG A . n 
A 1 94  ILE 94  231 231 ILE ILE A . n 
A 1 95  PHE 95  232 232 PHE PHE A . n 
A 1 96  SER 96  233 233 SER SER A . n 
A 1 97  PHE 97  234 234 PHE PHE A . n 
A 1 98  ASP 98  235 235 ASP ASP A . n 
A 1 99  GLY 99  236 236 GLY GLY A . n 
A 1 100 ARG 100 237 237 ARG ARG A . n 
A 1 101 ASP 101 238 238 ASP ASP A . n 
A 1 102 VAL 102 239 239 VAL VAL A . n 
A 1 103 LEU 103 240 240 LEU LEU A . n 
A 1 104 ARG 104 241 241 ARG ARG A . n 
A 1 105 HIS 105 242 242 HIS HIS A . n 
A 1 106 PRO 106 243 243 PRO PRO A . n 
A 1 107 ALA 107 244 244 ALA ALA A . n 
A 1 108 TRP 108 245 245 TRP TRP A . n 
A 1 109 PRO 109 246 246 PRO PRO A . n 
A 1 110 GLN 110 247 247 GLN GLN A . n 
A 1 111 LYS 111 248 248 LYS LYS A . n 
A 1 112 SER 112 249 249 SER SER A . n 
A 1 113 VAL 113 250 250 VAL VAL A . n 
A 1 114 TRP 114 251 251 TRP TRP A . n 
A 1 115 HIS 115 252 252 HIS HIS A . n 
A 1 116 GLY 116 253 253 GLY GLY A . n 
A 1 117 SER 117 254 254 SER SER A . n 
A 1 118 ASP 118 255 255 ASP ASP A . n 
A 1 119 PRO 119 256 256 PRO PRO A . n 
A 1 120 SER 120 257 257 SER SER A . n 
A 1 121 GLY 121 258 258 GLY GLY A . n 
A 1 122 ARG 122 259 259 ARG ARG A . n 
A 1 123 ARG 123 260 260 ARG ARG A . n 
A 1 124 LEU 124 261 261 LEU LEU A . n 
A 1 125 MET 125 262 262 MET MET A . n 
A 1 126 GLU 126 263 263 GLU GLU A . n 
A 1 127 SER 127 264 264 SER SER A . n 
A 1 128 TYR 128 265 265 TYR TYR A . n 
A 1 129 CYS 129 266 266 CYS CYS A . n 
A 1 130 GLU 130 267 267 GLU GLU A . n 
A 1 131 THR 131 268 268 THR THR A . n 
A 1 132 TRP 132 269 269 TRP TRP A . n 
A 1 133 ARG 133 270 270 ARG ARG A . n 
A 1 134 THR 134 271 271 THR THR A . n 
A 1 135 GLU 135 272 272 GLU GLU A . n 
A 1 136 THR 136 273 273 THR THR A . n 
A 1 137 THR 137 274 274 THR THR A . n 
A 1 138 GLY 138 275 275 GLY GLY A . n 
A 1 139 ALA 139 276 276 ALA ALA A . n 
A 1 140 THR 140 277 277 THR THR A . n 
A 1 141 GLY 141 278 278 GLY GLY A . n 
A 1 142 GLN 142 279 279 GLN GLN A . n 
A 1 143 ALA 143 280 280 ALA ALA A . n 
A 1 144 SER 144 281 281 SER SER A . n 
A 1 145 SER 145 282 282 SER SER A . n 
A 1 146 LEU 146 283 283 LEU LEU A . n 
A 1 147 LEU 147 284 284 LEU LEU A . n 
A 1 148 SER 148 285 285 SER SER A . n 
A 1 149 GLY 149 286 286 GLY GLY A . n 
A 1 150 ARG 150 287 287 ARG ARG A . n 
A 1 151 LEU 151 288 288 LEU LEU A . n 
A 1 152 LEU 152 289 289 LEU LEU A . n 
A 1 153 GLU 153 290 290 GLU GLU A . n 
A 1 154 GLN 154 291 291 GLN GLN A . n 
A 1 155 LYS 155 292 292 LYS LYS A . n 
A 1 156 ALA 156 293 293 ALA ALA A . n 
A 1 157 ALA 157 294 294 ALA ALA A . n 
A 1 158 SER 158 295 295 SER SER A . n 
A 1 159 CYS 159 296 296 CYS CYS A . n 
A 1 160 HIS 160 297 297 HIS HIS A . n 
A 1 161 ASN 161 298 298 ASN ASN A . n 
A 1 162 SER 162 299 299 SER SER A . n 
A 1 163 TYR 163 300 300 TYR TYR A . n 
A 1 164 ILE 164 301 301 ILE ILE A . n 
A 1 165 VAL 165 302 302 VAL VAL A . n 
A 1 166 LEU 166 303 303 LEU LEU A . n 
A 1 167 CYS 167 304 304 CYS CYS A . n 
A 1 168 ILE 168 305 305 ILE ILE A . n 
A 1 169 GLU 169 306 306 GLU GLU A . n 
A 1 170 ASN 170 307 307 ASN ASN A . n 
A 1 171 SER 171 308 308 SER SER A . n 
A 1 172 PHE 172 309 309 PHE PHE A . n 
# 
loop_
_pdbx_nonpoly_scheme.asym_id 
_pdbx_nonpoly_scheme.entity_id 
_pdbx_nonpoly_scheme.mon_id 
_pdbx_nonpoly_scheme.ndb_seq_num 
_pdbx_nonpoly_scheme.pdb_seq_num 
_pdbx_nonpoly_scheme.auth_seq_num 
_pdbx_nonpoly_scheme.pdb_mon_id 
_pdbx_nonpoly_scheme.auth_mon_id 
_pdbx_nonpoly_scheme.pdb_strand_id 
_pdbx_nonpoly_scheme.pdb_ins_code 
B 2 HOH 1  401 401 HOH HOH A . 
B 2 HOH 2  402 402 HOH HOH A . 
B 2 HOH 3  403 403 HOH HOH A . 
B 2 HOH 4  404 404 HOH HOH A . 
B 2 HOH 5  405 405 HOH HOH A . 
B 2 HOH 6  406 406 HOH HOH A . 
B 2 HOH 7  407 407 HOH HOH A . 
B 2 HOH 8  408 408 HOH HOH A . 
B 2 HOH 9  409 409 HOH HOH A . 
B 2 HOH 10 410 410 HOH HOH A . 
B 2 HOH 11 411 411 HOH HOH A . 
B 2 HOH 12 412 412 HOH HOH A . 
B 2 HOH 13 413 413 HOH HOH A . 
B 2 HOH 14 414 414 HOH HOH A . 
B 2 HOH 15 415 415 HOH HOH A . 
B 2 HOH 16 416 416 HOH HOH A . 
B 2 HOH 17 417 417 HOH HOH A . 
B 2 HOH 18 418 418 HOH HOH A . 
B 2 HOH 19 419 419 HOH HOH A . 
B 2 HOH 20 420 420 HOH HOH A . 
B 2 HOH 21 421 421 HOH HOH A . 
B 2 HOH 22 422 422 HOH HOH A . 
B 2 HOH 23 423 423 HOH HOH A . 
B 2 HOH 24 424 424 HOH HOH A . 
B 2 HOH 25 425 425 HOH HOH A . 
B 2 HOH 26 426 426 HOH HOH A . 
B 2 HOH 27 427 427 HOH HOH A . 
B 2 HOH 28 428 428 HOH HOH A . 
B 2 HOH 29 429 429 HOH HOH A . 
B 2 HOH 30 430 430 HOH HOH A . 
B 2 HOH 31 431 431 HOH HOH A . 
B 2 HOH 32 432 432 HOH HOH A . 
B 2 HOH 33 433 433 HOH HOH A . 
B 2 HOH 34 434 434 HOH HOH A . 
B 2 HOH 35 435 435 HOH HOH A . 
B 2 HOH 36 436 436 HOH HOH A . 
B 2 HOH 37 437 437 HOH HOH A . 
B 2 HOH 38 438 438 HOH HOH A . 
B 2 HOH 39 439 439 HOH HOH A . 
B 2 HOH 40 440 440 HOH HOH A . 
B 2 HOH 41 441 441 HOH HOH A . 
B 2 HOH 42 442 442 HOH HOH A . 
B 2 HOH 43 443 443 HOH HOH A . 
B 2 HOH 44 444 444 HOH HOH A . 
B 2 HOH 45 445 445 HOH HOH A . 
B 2 HOH 46 446 446 HOH HOH A . 
B 2 HOH 47 447 447 HOH HOH A . 
B 2 HOH 48 448 448 HOH HOH A . 
B 2 HOH 49 449 449 HOH HOH A . 
B 2 HOH 50 450 450 HOH HOH A . 
B 2 HOH 51 451 451 HOH HOH A . 
B 2 HOH 52 452 452 HOH HOH A . 
B 2 HOH 53 453 453 HOH HOH A . 
B 2 HOH 54 454 454 HOH HOH A . 
B 2 HOH 55 455 455 HOH HOH A . 
B 2 HOH 56 456 456 HOH HOH A . 
B 2 HOH 57 457 457 HOH HOH A . 
B 2 HOH 58 458 458 HOH HOH A . 
B 2 HOH 59 459 459 HOH HOH A . 
B 2 HOH 60 460 460 HOH HOH A . 
B 2 HOH 61 461 461 HOH HOH A . 
B 2 HOH 62 462 462 HOH HOH A . 
B 2 HOH 63 463 463 HOH HOH A . 
B 2 HOH 64 464 464 HOH HOH A . 
B 2 HOH 65 465 465 HOH HOH A . 
B 2 HOH 66 466 466 HOH HOH A . 
B 2 HOH 67 467 467 HOH HOH A . 
B 2 HOH 68 468 468 HOH HOH A . 
B 2 HOH 69 469 469 HOH HOH A . 
B 2 HOH 70 470 470 HOH HOH A . 
B 2 HOH 71 471 471 HOH HOH A . 
B 2 HOH 72 472 472 HOH HOH A . 
B 2 HOH 73 473 473 HOH HOH A . 
B 2 HOH 74 474 474 HOH HOH A . 
B 2 HOH 75 475 475 HOH HOH A . 
B 2 HOH 76 476 476 HOH HOH A . 
B 2 HOH 77 477 477 HOH HOH A . 
B 2 HOH 78 478 478 HOH HOH A . 
B 2 HOH 79 479 479 HOH HOH A . 
B 2 HOH 80 480 480 HOH HOH A . 
B 2 HOH 81 481 481 HOH HOH A . 
B 2 HOH 82 482 482 HOH HOH A . 
B 2 HOH 83 483 483 HOH HOH A . 
# 
loop_
_pdbx_unobs_or_zero_occ_atoms.id 
_pdbx_unobs_or_zero_occ_atoms.PDB_model_num 
_pdbx_unobs_or_zero_occ_atoms.polymer_flag 
_pdbx_unobs_or_zero_occ_atoms.occupancy_flag 
_pdbx_unobs_or_zero_occ_atoms.auth_asym_id 
_pdbx_unobs_or_zero_occ_atoms.auth_comp_id 
_pdbx_unobs_or_zero_occ_atoms.auth_seq_id 
_pdbx_unobs_or_zero_occ_atoms.PDB_ins_code 
_pdbx_unobs_or_zero_occ_atoms.auth_atom_id 
_pdbx_unobs_or_zero_occ_atoms.label_alt_id 
_pdbx_unobs_or_zero_occ_atoms.label_asym_id 
_pdbx_unobs_or_zero_occ_atoms.label_comp_id 
_pdbx_unobs_or_zero_occ_atoms.label_seq_id 
_pdbx_unobs_or_zero_occ_atoms.label_atom_id 
1  1 Y 0 A ARG 155 ? CZ  ? A ARG 18  CZ  
2  1 Y 0 A ARG 155 ? NH1 ? A ARG 18  NH1 
3  1 Y 0 A ARG 155 ? NH2 ? A ARG 18  NH2 
4  1 Y 0 A ARG 193 ? CG  ? A ARG 56  CG  
5  1 Y 0 A ARG 193 ? CD  ? A ARG 56  CD  
6  1 Y 0 A ARG 193 ? NE  ? A ARG 56  NE  
7  1 Y 0 A ARG 193 ? CZ  ? A ARG 56  CZ  
8  1 Y 0 A ARG 193 ? NH1 ? A ARG 56  NH1 
9  1 Y 0 A ARG 193 ? NH2 ? A ARG 56  NH2 
10 1 Y 0 A ARG 194 ? CG  ? A ARG 57  CG  
11 1 Y 0 A ARG 194 ? CD  ? A ARG 57  CD  
12 1 Y 0 A ARG 194 ? NE  ? A ARG 57  NE  
13 1 Y 0 A ARG 194 ? CZ  ? A ARG 57  CZ  
14 1 Y 0 A ARG 194 ? NH1 ? A ARG 57  NH1 
15 1 Y 0 A ARG 194 ? NH2 ? A ARG 57  NH2 
16 1 Y 0 A ARG 241 ? CD  ? A ARG 104 CD  
17 1 Y 0 A ARG 241 ? NE  ? A ARG 104 NE  
18 1 Y 0 A ARG 241 ? CZ  ? A ARG 104 CZ  
19 1 Y 0 A ARG 241 ? NH1 ? A ARG 104 NH1 
20 1 Y 0 A ARG 241 ? NH2 ? A ARG 104 NH2 
21 1 Y 0 A ARG 259 ? CD  ? A ARG 122 CD  
22 1 Y 0 A ARG 259 ? NE  ? A ARG 122 NE  
23 1 Y 0 A ARG 259 ? CZ  ? A ARG 122 CZ  
24 1 Y 0 A ARG 259 ? NH1 ? A ARG 122 NH1 
25 1 Y 0 A ARG 259 ? NH2 ? A ARG 122 NH2 
26 1 Y 0 A LYS 292 ? CG  ? A LYS 155 CG  
27 1 Y 0 A LYS 292 ? CD  ? A LYS 155 CD  
28 1 Y 0 A LYS 292 ? CE  ? A LYS 155 CE  
29 1 Y 0 A LYS 292 ? NZ  ? A LYS 155 NZ  
30 1 Y 0 A PHE 309 ? CG  ? A PHE 172 CG  
31 1 Y 0 A PHE 309 ? CD1 ? A PHE 172 CD1 
32 1 Y 0 A PHE 309 ? CD2 ? A PHE 172 CD2 
33 1 Y 0 A PHE 309 ? CE1 ? A PHE 172 CE1 
34 1 Y 0 A PHE 309 ? CE2 ? A PHE 172 CE2 
35 1 Y 0 A PHE 309 ? CZ  ? A PHE 172 CZ  
# 
loop_
_software.name 
_software.classification 
_software.version 
_software.citation_id 
_software.pdbx_ordinal 
MOSFLM 'data reduction' .         ? 1 
SCALA  'data scaling'   .         ? 2 
X-PLOR 'model building' 3.1       ? 3 
X-PLOR refinement       3.1       ? 4 
CCP4   'data scaling'   '(SCALA)' ? 5 
X-PLOR phasing          3.1       ? 6 
# 
_cell.entry_id           1KOE 
_cell.length_a           45.560 
_cell.length_b           53.950 
_cell.length_c           65.850 
_cell.angle_alpha        90.00 
_cell.angle_beta         90.00 
_cell.angle_gamma        90.00 
_cell.Z_PDB              4 
_cell.pdbx_unique_axis   ? 
# 
_symmetry.entry_id                         1KOE 
_symmetry.space_group_name_H-M             'P 21 21 21' 
_symmetry.pdbx_full_space_group_name_H-M   ? 
_symmetry.cell_setting                     ? 
_symmetry.Int_Tables_number                19 
# 
_exptl.entry_id          1KOE 
_exptl.method            'X-RAY DIFFRACTION' 
_exptl.crystals_number   1 
# 
_exptl_crystal.id                    1 
_exptl_crystal.density_meas          ? 
_exptl_crystal.density_Matthews      1.95 
_exptl_crystal.density_percent_sol   37.0 
_exptl_crystal.description           'THREE DERIVATIVES WERE USED, <FOM> BEFORE SOLVENT FLATTENING WAS 0.584' 
# 
_exptl_crystal_grow.crystal_id      1 
_exptl_crystal_grow.method          ? 
_exptl_crystal_grow.temp            ? 
_exptl_crystal_grow.temp_details    ? 
_exptl_crystal_grow.pH              5.3 
_exptl_crystal_grow.pdbx_pH_range   ? 
_exptl_crystal_grow.pdbx_details    'pH 5.3' 
# 
_diffrn.id                     1 
_diffrn.ambient_temp           293 
_diffrn.ambient_temp_details   ? 
_diffrn.crystal_id             1 
# 
_diffrn_detector.diffrn_id              1 
_diffrn_detector.detector               'IMAGE PLATE' 
_diffrn_detector.type                   MARRESEARCH 
_diffrn_detector.pdbx_collection_date   1997-11-17 
_diffrn_detector.details                ? 
# 
_diffrn_radiation.diffrn_id                        1 
_diffrn_radiation.wavelength_id                    1 
_diffrn_radiation.pdbx_monochromatic_or_laue_m_l   M 
_diffrn_radiation.monochromator                    ? 
_diffrn_radiation.pdbx_diffrn_protocol             ? 
_diffrn_radiation.pdbx_scattering_type             x-ray 
# 
_diffrn_radiation_wavelength.id           1 
_diffrn_radiation_wavelength.wavelength   0.87 
_diffrn_radiation_wavelength.wt           1.0 
# 
_diffrn_source.diffrn_id                   1 
_diffrn_source.source                      SYNCHROTRON 
_diffrn_source.type                        'SRS BEAMLINE PX9.6' 
_diffrn_source.pdbx_synchrotron_site       SRS 
_diffrn_source.pdbx_synchrotron_beamline   PX9.6 
_diffrn_source.pdbx_wavelength             0.87 
_diffrn_source.pdbx_wavelength_list        ? 
# 
_reflns.entry_id                     1KOE 
_reflns.observed_criterion_sigma_I   0 
_reflns.observed_criterion_sigma_F   ? 
_reflns.d_resolution_low             25.0 
_reflns.d_resolution_high            1.50 
_reflns.number_obs                   26471 
_reflns.number_all                   ? 
_reflns.percent_possible_obs         99.3 
_reflns.pdbx_Rmerge_I_obs            0.075 
_reflns.pdbx_Rsym_value              ? 
_reflns.pdbx_netI_over_sigmaI        5.5 
_reflns.B_iso_Wilson_estimate        ? 
_reflns.pdbx_redundancy              5.9 
_reflns.pdbx_diffrn_id               1 
_reflns.pdbx_ordinal                 1 
# 
_reflns_shell.d_res_high             1.50 
_reflns_shell.d_res_low              1.55 
_reflns_shell.percent_possible_all   99.2 
_reflns_shell.Rmerge_I_obs           0.18 
_reflns_shell.pdbx_Rsym_value        ? 
_reflns_shell.meanI_over_sigI_obs    3.9 
_reflns_shell.pdbx_redundancy        5.9 
_reflns_shell.pdbx_diffrn_id         ? 
_reflns_shell.pdbx_ordinal           1 
# 
_refine.entry_id                                 1KOE 
_refine.ls_number_reflns_obs                     26155 
_refine.ls_number_reflns_all                     ? 
_refine.pdbx_ls_sigma_I                          ? 
_refine.pdbx_ls_sigma_F                          0 
_refine.pdbx_data_cutoff_high_absF               1000000 
_refine.pdbx_data_cutoff_low_absF                0 
_refine.pdbx_data_cutoff_high_rms_absF           ? 
_refine.ls_d_res_low                             8.00 
_refine.ls_d_res_high                            1.50 
_refine.ls_percent_reflns_obs                    99.5 
_refine.ls_R_factor_obs                          0.19 
_refine.ls_R_factor_all                          ? 
_refine.ls_R_factor_R_work                       0.19 
_refine.ls_R_factor_R_free                       0.224 
_refine.ls_R_factor_R_free_error                 ? 
_refine.ls_R_factor_R_free_error_details         ? 
_refine.ls_percent_reflns_R_free                 10 
_refine.ls_number_reflns_R_free                  2634 
_refine.ls_number_parameters                     ? 
_refine.ls_number_restraints                     ? 
_refine.occupancy_min                            ? 
_refine.occupancy_max                            ? 
_refine.B_iso_mean                               16.0 
_refine.aniso_B[1][1]                            ? 
_refine.aniso_B[2][2]                            ? 
_refine.aniso_B[3][3]                            ? 
_refine.aniso_B[1][2]                            ? 
_refine.aniso_B[1][3]                            ? 
_refine.aniso_B[2][3]                            ? 
_refine.solvent_model_details                    ? 
_refine.solvent_model_param_ksol                 ? 
_refine.solvent_model_param_bsol                 ? 
_refine.pdbx_ls_cross_valid_method               'FREE R-FACTOR' 
_refine.details                                  ? 
_refine.pdbx_starting_model                      ? 
_refine.pdbx_method_to_determine_struct          'MIRAS AND SOLVENT FLATTENING AT 2.2 A RESOLUTION' 
_refine.pdbx_isotropic_thermal_model             'RESTRAINED INDIVIDUAL B-F' 
_refine.pdbx_stereochemistry_target_values       ? 
_refine.pdbx_stereochem_target_val_spec_case     ? 
_refine.pdbx_R_Free_selection_details            RANDOM 
_refine.pdbx_overall_ESU_R                       ? 
_refine.pdbx_overall_ESU_R_Free                  ? 
_refine.overall_SU_ML                            ? 
_refine.overall_SU_B                             ? 
_refine.pdbx_refine_id                           'X-RAY DIFFRACTION' 
_refine.pdbx_diffrn_id                           1 
_refine.pdbx_TLS_residual_ADP_flag               ? 
_refine.correlation_coeff_Fo_to_Fc               ? 
_refine.correlation_coeff_Fo_to_Fc_free          ? 
_refine.pdbx_solvent_vdw_probe_radii             ? 
_refine.pdbx_solvent_ion_probe_radii             ? 
_refine.pdbx_solvent_shrinkage_radii             ? 
_refine.pdbx_overall_phase_error                 ? 
_refine.overall_SU_R_Cruickshank_DPI             ? 
_refine.pdbx_overall_SU_R_free_Cruickshank_DPI   ? 
_refine.pdbx_overall_SU_R_Blow_DPI               ? 
_refine.pdbx_overall_SU_R_free_Blow_DPI          ? 
# 
_refine_analyze.entry_id                        1KOE 
_refine_analyze.Luzzati_coordinate_error_obs    ? 
_refine_analyze.Luzzati_sigma_a_obs             0.12 
_refine_analyze.Luzzati_d_res_low_obs           ? 
_refine_analyze.Luzzati_coordinate_error_free   ? 
_refine_analyze.Luzzati_sigma_a_free            ? 
_refine_analyze.Luzzati_d_res_low_free          ? 
_refine_analyze.number_disordered_residues      ? 
_refine_analyze.occupancy_sum_hydrogen          ? 
_refine_analyze.occupancy_sum_non_hydrogen      ? 
_refine_analyze.pdbx_refine_id                  'X-RAY DIFFRACTION' 
# 
_refine_hist.pdbx_refine_id                   'X-RAY DIFFRACTION' 
_refine_hist.cycle_id                         LAST 
_refine_hist.pdbx_number_atoms_protein        1333 
_refine_hist.pdbx_number_atoms_nucleic_acid   0 
_refine_hist.pdbx_number_atoms_ligand         0 
_refine_hist.number_atoms_solvent             83 
_refine_hist.number_atoms_total               1416 
_refine_hist.d_res_high                       1.50 
_refine_hist.d_res_low                        8.00 
# 
loop_
_refine_ls_restr.type 
_refine_ls_restr.dev_ideal 
_refine_ls_restr.dev_ideal_target 
_refine_ls_restr.weight 
_refine_ls_restr.number 
_refine_ls_restr.pdbx_refine_id 
_refine_ls_restr.pdbx_restraint_function 
x_bond_d                0.009 ?   ? ? 'X-RAY DIFFRACTION' ? 
x_bond_d_na             ?     ?   ? ? 'X-RAY DIFFRACTION' ? 
x_bond_d_prot           ?     ?   ? ? 'X-RAY DIFFRACTION' ? 
x_angle_d               ?     ?   ? ? 'X-RAY DIFFRACTION' ? 
x_angle_d_na            ?     ?   ? ? 'X-RAY DIFFRACTION' ? 
x_angle_d_prot          ?     ?   ? ? 'X-RAY DIFFRACTION' ? 
x_angle_deg             1.6   ?   ? ? 'X-RAY DIFFRACTION' ? 
x_angle_deg_na          ?     ?   ? ? 'X-RAY DIFFRACTION' ? 
x_angle_deg_prot        ?     ?   ? ? 'X-RAY DIFFRACTION' ? 
x_dihedral_angle_d      ?     ?   ? ? 'X-RAY DIFFRACTION' ? 
x_dihedral_angle_d_na   ?     ?   ? ? 'X-RAY DIFFRACTION' ? 
x_dihedral_angle_d_prot ?     ?   ? ? 'X-RAY DIFFRACTION' ? 
x_improper_angle_d      ?     ?   ? ? 'X-RAY DIFFRACTION' ? 
x_improper_angle_d_na   ?     ?   ? ? 'X-RAY DIFFRACTION' ? 
x_improper_angle_d_prot ?     ?   ? ? 'X-RAY DIFFRACTION' ? 
x_mcbond_it             3.70  1.0 ? ? 'X-RAY DIFFRACTION' ? 
x_mcangle_it            3.70  2.0 ? ? 'X-RAY DIFFRACTION' ? 
x_scbond_it             3.70  2.0 ? ? 'X-RAY DIFFRACTION' ? 
x_scangle_it            3.70  4.0 ? ? 'X-RAY DIFFRACTION' ? 
# 
_refine_ls_shell.pdbx_total_number_of_bins_used   10 
_refine_ls_shell.d_res_high                       1.50 
_refine_ls_shell.d_res_low                        1.55 
_refine_ls_shell.number_reflns_R_work             2194 
_refine_ls_shell.R_factor_R_work                  0.249 
_refine_ls_shell.percent_reflns_obs               99.8 
_refine_ls_shell.R_factor_R_free                  0.229 
_refine_ls_shell.R_factor_R_free_error            ? 
_refine_ls_shell.percent_reflns_R_free            10 
_refine_ls_shell.number_reflns_R_free             256 
_refine_ls_shell.pdbx_refine_id                   'X-RAY DIFFRACTION' 
_refine_ls_shell.number_reflns_all                ? 
_refine_ls_shell.R_factor_all                     ? 
# 
_struct.entry_id                  1KOE 
_struct.title                     ENDOSTATIN 
_struct.pdbx_model_details        ? 
_struct.pdbx_CASP_flag            ? 
_struct.pdbx_model_type_details   ? 
# 
_struct_keywords.entry_id        1KOE 
_struct_keywords.pdbx_keywords   'ANGIOGENESIS INHIBITOR' 
_struct_keywords.text            'ANGIOGENESIS INHIBITOR, COLLAGEN XVIII, NON-COLLAGENEOUS DOMAIN, HEPARIN-BINDING DOMAIN' 
# 
loop_
_struct_asym.id 
_struct_asym.pdbx_blank_PDB_chainid_flag 
_struct_asym.pdbx_modified 
_struct_asym.entity_id 
_struct_asym.details 
A N N 1 ? 
B N N 2 ? 
# 
_struct_ref.id                         1 
_struct_ref.db_name                    UNP 
_struct_ref.db_code                    COIA1_MOUSE 
_struct_ref.entity_id                  1 
_struct_ref.pdbx_db_accession          P39061 
_struct_ref.pdbx_align_begin           1 
_struct_ref.pdbx_seq_one_letter_code   
;MAPDPSRRLCLLLLLLLSCRLVPASADGNSLSPLNPLVWLWPPKTSDSLEGPVSKPQNSSPVQSTENPTTHVVPQDGLTE
QQTTPASSELPPEEEEEEDQKAGQGGSPATPAVPIPLVAPAASPDMKEENVAGVGAKILNVAQGIRSFVQLWDEDSTIGH
SAGTEVPDSSIPTVLPSPAELSSAPQGSKTTLWLSSAIPSSPDAQTTEAGTLAVPTQLPPFQSNLQAPLGRPSAPPDFPE
NVAEEVGLLQLLGDPLPEKISQIDDPHVGPAYIFGPDSNSGQVAQYHFPKLFFRDFSLLFHVRPATEAAGVLFAITDAAQ
VVVSLGVKLSEVRDGQQNISLLYTEPGASQTQTGASFRLPAFVGQWTHFALSVDGGSVALYVDCEEFQRVPFARASQGLE
LERGAGLFVGQAGTADPDKFQGMISELKVRKTPRVSPVHCLDEEDDDEDRASGDFGSGFEESSKSHKEDTSLLPGLPQPP
PVTSPPLAGGSTTEDPRTEETEEDAAVDSIGAETLPGTGSSGAWDEAIQNPGRGLIKGGMKGQKGEPGAQGPPGPAGPQG
PAGPVVQSPNSQPVPGAQGPPGPQGPPGKDGTPGRDGEPGDPGEDGRPGDTGPQGFPGTPGDVGPKGEKGDPGIGPRGPP
GPPGPPGPSFRQDKLTFIDMEGSGFSGDIESLRGPRGFPGPPGPPGVPGLPGEPGRFGINGSYAPGPAGLPGVPGKEGPP
GFPGPPGPPGPPGKEGPPGVAGQKGSVGDVGIPGPKGSKGDLGPIGMPGKSGLAGSPGPVGPPGPPGPPGPPGPGFAAGF
DDMEGSGIPLWTTARSSDGLQGPPGSPGLKGDPGVAGLPGAKGEVGADGAQGIPGPPGREGAAGSPGPKGEKGMPGEKGN
PGKDGVGRPGLPGPPGPPGPVIYVSSEDKAIVSTPGPEGKPGYAGFPGPAGPKGDLGSKGEQGLPGPKGEKGEPGTIFSP
DGRALGHPQKGAKGEPGFRGPPGPYGRPGHKGEIGFPGRPGRPGTNGLKGEKGEPGDASLGFSMRGLPGPPGPPGPPGPP
GMPIYDSNAFVESGRPGLPGQQGVQGPSGPKGDKGEVGPPGPPGQFPIDLFHLEAEMKGDKGDRGDAGQKGERGEPGAPG
GGFFSSSVPGPPGPPGYPGIPGPKGESIRGPPGPPGRQGPPGIGYEGRQGPPGPPGPPGPPSFPGPHRQTVSVPGPPGPP
GPPGPPGAMGASAGQVRIWATYQTMLDKIREVPEGWLIFVAEREELYVRVRNGFRKVLLEARTALPRGTGNEVAALQPPL
VQLHEGSPYTRREYSYSTARPWRADDILANPPRLPDRQPYPGVPHHHSSYVHLPPARPTLSLAHTHQDFQPVLHLVALNT
PLSGGMRGIRGADFQCFQQARAVGLSGTFRAFLSSRLQDLYSIVRRADRGSVPIVNLKDEVLSPSWDSLFSGSQGQLQPG
ARIFSFDGRDVLRHPAWPQKSVWHGSDPSGRRLMESYCETWRTETTGATGQASSLLSGRLLEQKAASCHNSYIVLCIENS
FMTSFSK
;
_struct_ref.pdbx_db_isoform            ? 
# 
_struct_ref_seq.align_id                      1 
_struct_ref_seq.ref_id                        1 
_struct_ref_seq.pdbx_PDB_id_code              1KOE 
_struct_ref_seq.pdbx_strand_id                A 
_struct_ref_seq.seq_align_beg                 1 
_struct_ref_seq.pdbx_seq_align_beg_ins_code   ? 
_struct_ref_seq.seq_align_end                 172 
_struct_ref_seq.pdbx_seq_align_end_ins_code   ? 
_struct_ref_seq.pdbx_db_accession             P39061 
_struct_ref_seq.db_align_beg                  1350 
_struct_ref_seq.pdbx_db_align_beg_ins_code    ? 
_struct_ref_seq.db_align_end                  1521 
_struct_ref_seq.pdbx_db_align_end_ins_code    ? 
_struct_ref_seq.pdbx_auth_seq_align_beg       138 
_struct_ref_seq.pdbx_auth_seq_align_end       309 
# 
_pdbx_struct_assembly.id                   1 
_pdbx_struct_assembly.details              author_defined_assembly 
_pdbx_struct_assembly.method_details       ? 
_pdbx_struct_assembly.oligomeric_details   monomeric 
_pdbx_struct_assembly.oligomeric_count     1 
# 
_pdbx_struct_assembly_gen.assembly_id       1 
_pdbx_struct_assembly_gen.oper_expression   1 
_pdbx_struct_assembly_gen.asym_id_list      A,B 
# 
_pdbx_struct_oper_list.id                   1 
_pdbx_struct_oper_list.type                 'identity operation' 
_pdbx_struct_oper_list.name                 1_555 
_pdbx_struct_oper_list.symmetry_operation   x,y,z 
_pdbx_struct_oper_list.matrix[1][1]         1.0000000000 
_pdbx_struct_oper_list.matrix[1][2]         0.0000000000 
_pdbx_struct_oper_list.matrix[1][3]         0.0000000000 
_pdbx_struct_oper_list.vector[1]            0.0000000000 
_pdbx_struct_oper_list.matrix[2][1]         0.0000000000 
_pdbx_struct_oper_list.matrix[2][2]         1.0000000000 
_pdbx_struct_oper_list.matrix[2][3]         0.0000000000 
_pdbx_struct_oper_list.vector[2]            0.0000000000 
_pdbx_struct_oper_list.matrix[3][1]         0.0000000000 
_pdbx_struct_oper_list.matrix[3][2]         0.0000000000 
_pdbx_struct_oper_list.matrix[3][3]         1.0000000000 
_pdbx_struct_oper_list.vector[3]            0.0000000000 
# 
loop_
_struct_conf.conf_type_id 
_struct_conf.id 
_struct_conf.pdbx_PDB_helix_id 
_struct_conf.beg_label_comp_id 
_struct_conf.beg_label_asym_id 
_struct_conf.beg_label_seq_id 
_struct_conf.pdbx_beg_PDB_ins_code 
_struct_conf.end_label_comp_id 
_struct_conf.end_label_asym_id 
_struct_conf.end_label_seq_id 
_struct_conf.pdbx_end_PDB_ins_code 
_struct_conf.beg_auth_comp_id 
_struct_conf.beg_auth_asym_id 
_struct_conf.beg_auth_seq_id 
_struct_conf.end_auth_comp_id 
_struct_conf.end_auth_asym_id 
_struct_conf.end_auth_seq_id 
_struct_conf.pdbx_PDB_helix_class 
_struct_conf.details 
_struct_conf.pdbx_PDB_helix_length 
HELX_P HELX_P1 1 GLY A 19  ? VAL A 34  ? GLY A 156 VAL A 171 1 ? 16 
HELX_P HELX_P2 2 LEU A 51  ? ILE A 54  ? LEU A 188 ILE A 191 5 ? 4  
HELX_P HELX_P3 3 ARG A 57  ? ASP A 59  ? ARG A 194 ASP A 196 5 ? 3  
HELX_P HELX_P4 4 TRP A 77  ? PHE A 81  ? TRP A 214 PHE A 218 1 ? 5  
HELX_P HELX_P5 5 CYS A 129 ? TRP A 132 ? CYS A 266 TRP A 269 1 ? 4  
HELX_P HELX_P6 6 LEU A 146 ? SER A 148 ? LEU A 283 SER A 285 5 ? 3  
# 
_struct_conf_type.id          HELX_P 
_struct_conf_type.criteria    ? 
_struct_conf_type.reference   ? 
# 
loop_
_struct_conn.id 
_struct_conn.conn_type_id 
_struct_conn.pdbx_leaving_atom_flag 
_struct_conn.pdbx_PDB_id 
_struct_conn.ptnr1_label_asym_id 
_struct_conn.ptnr1_label_comp_id 
_struct_conn.ptnr1_label_seq_id 
_struct_conn.ptnr1_label_atom_id 
_struct_conn.pdbx_ptnr1_label_alt_id 
_struct_conn.pdbx_ptnr1_PDB_ins_code 
_struct_conn.pdbx_ptnr1_standard_comp_id 
_struct_conn.ptnr1_symmetry 
_struct_conn.ptnr2_label_asym_id 
_struct_conn.ptnr2_label_comp_id 
_struct_conn.ptnr2_label_seq_id 
_struct_conn.ptnr2_label_atom_id 
_struct_conn.pdbx_ptnr2_label_alt_id 
_struct_conn.pdbx_ptnr2_PDB_ins_code 
_struct_conn.ptnr1_auth_asym_id 
_struct_conn.ptnr1_auth_comp_id 
_struct_conn.ptnr1_auth_seq_id 
_struct_conn.ptnr2_auth_asym_id 
_struct_conn.ptnr2_auth_comp_id 
_struct_conn.ptnr2_auth_seq_id 
_struct_conn.ptnr2_symmetry 
_struct_conn.pdbx_ptnr3_label_atom_id 
_struct_conn.pdbx_ptnr3_label_seq_id 
_struct_conn.pdbx_ptnr3_label_comp_id 
_struct_conn.pdbx_ptnr3_label_asym_id 
_struct_conn.pdbx_ptnr3_label_alt_id 
_struct_conn.pdbx_ptnr3_PDB_ins_code 
_struct_conn.details 
_struct_conn.pdbx_dist_value 
_struct_conn.pdbx_value_order 
_struct_conn.pdbx_role 
disulf1 disulf ? ? A CYS 27  SG ? ? ? 1_555 A CYS 167 SG ? ? A CYS 164 A CYS 304 1_555 ? ? ? ? ? ? ? 2.044 ? ? 
disulf2 disulf ? ? A CYS 129 SG ? ? ? 1_555 A CYS 159 SG ? ? A CYS 266 A CYS 296 1_555 ? ? ? ? ? ? ? 2.032 ? ? 
# 
_struct_conn_type.id          disulf 
_struct_conn_type.criteria    ? 
_struct_conn_type.reference   ? 
# 
loop_
_pdbx_modification_feature.ordinal 
_pdbx_modification_feature.label_comp_id 
_pdbx_modification_feature.label_asym_id 
_pdbx_modification_feature.label_seq_id 
_pdbx_modification_feature.label_alt_id 
_pdbx_modification_feature.modified_residue_label_comp_id 
_pdbx_modification_feature.modified_residue_label_asym_id 
_pdbx_modification_feature.modified_residue_label_seq_id 
_pdbx_modification_feature.modified_residue_label_alt_id 
_pdbx_modification_feature.auth_comp_id 
_pdbx_modification_feature.auth_asym_id 
_pdbx_modification_feature.auth_seq_id 
_pdbx_modification_feature.PDB_ins_code 
_pdbx_modification_feature.symmetry 
_pdbx_modification_feature.modified_residue_auth_comp_id 
_pdbx_modification_feature.modified_residue_auth_asym_id 
_pdbx_modification_feature.modified_residue_auth_seq_id 
_pdbx_modification_feature.modified_residue_PDB_ins_code 
_pdbx_modification_feature.modified_residue_symmetry 
_pdbx_modification_feature.comp_id_linking_atom 
_pdbx_modification_feature.modified_residue_id_linking_atom 
_pdbx_modification_feature.modified_residue_id 
_pdbx_modification_feature.ref_pcm_id 
_pdbx_modification_feature.ref_comp_id 
_pdbx_modification_feature.type 
_pdbx_modification_feature.category 
1 CYS A 27  ? CYS A 167 ? CYS A 164 ? 1_555 CYS A 304 ? 1_555 SG SG . . . None 'Disulfide bridge' 
2 CYS A 129 ? CYS A 159 ? CYS A 266 ? 1_555 CYS A 296 ? 1_555 SG SG . . . None 'Disulfide bridge' 
# 
loop_
_struct_sheet.id 
_struct_sheet.type 
_struct_sheet.number_strands 
_struct_sheet.details 
A ? 2 ? 
B ? 3 ? 
C ? 3 ? 
# 
loop_
_struct_sheet_order.sheet_id 
_struct_sheet_order.range_id_1 
_struct_sheet_order.range_id_2 
_struct_sheet_order.offset 
_struct_sheet_order.sense 
A 1 2 ? parallel      
B 1 2 ? anti-parallel 
B 2 3 ? anti-parallel 
C 1 2 ? anti-parallel 
C 2 3 ? anti-parallel 
# 
loop_
_struct_sheet_range.sheet_id 
_struct_sheet_range.id 
_struct_sheet_range.beg_label_comp_id 
_struct_sheet_range.beg_label_asym_id 
_struct_sheet_range.beg_label_seq_id 
_struct_sheet_range.pdbx_beg_PDB_ins_code 
_struct_sheet_range.end_label_comp_id 
_struct_sheet_range.end_label_asym_id 
_struct_sheet_range.end_label_seq_id 
_struct_sheet_range.pdbx_end_PDB_ins_code 
_struct_sheet_range.beg_auth_comp_id 
_struct_sheet_range.beg_auth_asym_id 
_struct_sheet_range.beg_auth_seq_id 
_struct_sheet_range.end_auth_comp_id 
_struct_sheet_range.end_auth_asym_id 
_struct_sheet_range.end_auth_seq_id 
A 1 VAL A 3   ? HIS A 5   ? VAL A 140 HIS A 142 
A 2 PRO A 64  ? VAL A 66  ? PRO A 201 VAL A 203 
B 1 LEU A 6   ? ALA A 8   ? LEU A 143 ALA A 145 
B 2 LEU A 166 ? GLU A 169 ? LEU A 303 GLU A 306 
B 3 PHE A 40  ? ALA A 42  ? PHE A 177 ALA A 179 
C 1 SER A 112 ? TRP A 114 ? SER A 249 TRP A 251 
C 2 THR A 140 ? SER A 145 ? THR A 277 SER A 282 
C 3 LYS A 155 ? SER A 158 ? LYS A 292 SER A 295 
# 
loop_
_pdbx_struct_sheet_hbond.sheet_id 
_pdbx_struct_sheet_hbond.range_id_1 
_pdbx_struct_sheet_hbond.range_id_2 
_pdbx_struct_sheet_hbond.range_1_label_atom_id 
_pdbx_struct_sheet_hbond.range_1_label_comp_id 
_pdbx_struct_sheet_hbond.range_1_label_asym_id 
_pdbx_struct_sheet_hbond.range_1_label_seq_id 
_pdbx_struct_sheet_hbond.range_1_PDB_ins_code 
_pdbx_struct_sheet_hbond.range_1_auth_atom_id 
_pdbx_struct_sheet_hbond.range_1_auth_comp_id 
_pdbx_struct_sheet_hbond.range_1_auth_asym_id 
_pdbx_struct_sheet_hbond.range_1_auth_seq_id 
_pdbx_struct_sheet_hbond.range_2_label_atom_id 
_pdbx_struct_sheet_hbond.range_2_label_comp_id 
_pdbx_struct_sheet_hbond.range_2_label_asym_id 
_pdbx_struct_sheet_hbond.range_2_label_seq_id 
_pdbx_struct_sheet_hbond.range_2_PDB_ins_code 
_pdbx_struct_sheet_hbond.range_2_auth_atom_id 
_pdbx_struct_sheet_hbond.range_2_auth_comp_id 
_pdbx_struct_sheet_hbond.range_2_auth_asym_id 
_pdbx_struct_sheet_hbond.range_2_auth_seq_id 
A 1 2 O LEU A 4   ? O LEU A 141 N PRO A 64  ? N PRO A 201 
B 1 2 O VAL A 7   ? O VAL A 144 N CYS A 167 ? N CYS A 304 
B 2 3 O ILE A 168 ? O ILE A 305 N ARG A 41  ? N ARG A 178 
C 1 2 O VAL A 113 ? O VAL A 250 N SER A 144 ? N SER A 281 
C 2 3 O GLY A 141 ? O GLY A 278 N ALA A 157 ? N ALA A 294 
# 
_pdbx_entry_details.entry_id                   1KOE 
_pdbx_entry_details.compound_details           ? 
_pdbx_entry_details.source_details             ? 
_pdbx_entry_details.nonpolymer_details         ? 
_pdbx_entry_details.sequence_details           
;NUMBERING SCHEME IS BASED ON THE POSITION IN THE
CARBOXY-TERMINAL NON-COLLAGENEOUS (NC1) DOMAIN OF ALPHA1
(XVIII) COLLAGEN; IN THE MOUSE PROTEIN, THIS DOMAIN
CONTAINS 315 AMINO ACID RESIDUES; ENDOSTATIN STARTS AT HIS
132 AND STOPS AT THE CARBOXY TERMINUS OF ALPHA1(XVIII)
COLLAGEN, LYS 315; ONLY RESIDUES GLN 138 - PHE 309 ARE
VISIBLE IN THE ELECTRON DENSITY.
;
_pdbx_entry_details.has_ligand_of_interest     ? 
_pdbx_entry_details.has_protein_modification   Y 
# 
loop_
_pdbx_validate_torsion.id 
_pdbx_validate_torsion.PDB_model_num 
_pdbx_validate_torsion.auth_comp_id 
_pdbx_validate_torsion.auth_asym_id 
_pdbx_validate_torsion.auth_seq_id 
_pdbx_validate_torsion.PDB_ins_code 
_pdbx_validate_torsion.label_alt_id 
_pdbx_validate_torsion.phi 
_pdbx_validate_torsion.psi 
1 1 ARG A 155 ? ? 70.09   34.85  
2 1 SER A 199 ? ? -144.61 25.59  
3 1 GLN A 222 ? ? 74.89   34.27  
4 1 LYS A 248 ? ? -85.35  42.57  
5 1 HIS A 252 ? ? -145.53 -28.71 
6 1 SER A 264 ? ? -145.64 56.56  
7 1 TYR A 265 ? ? -142.62 36.24  
8 1 GLN A 291 ? ? -101.25 71.46  
# 
loop_
_chem_comp_atom.comp_id 
_chem_comp_atom.atom_id 
_chem_comp_atom.type_symbol 
_chem_comp_atom.pdbx_aromatic_flag 
_chem_comp_atom.pdbx_stereo_config 
_chem_comp_atom.pdbx_ordinal 
ALA N    N N N 1   
ALA CA   C N S 2   
ALA C    C N N 3   
ALA O    O N N 4   
ALA CB   C N N 5   
ALA OXT  O N N 6   
ALA H    H N N 7   
ALA H2   H N N 8   
ALA HA   H N N 9   
ALA HB1  H N N 10  
ALA HB2  H N N 11  
ALA HB3  H N N 12  
ALA HXT  H N N 13  
ARG N    N N N 14  
ARG CA   C N S 15  
ARG C    C N N 16  
ARG O    O N N 17  
ARG CB   C N N 18  
ARG CG   C N N 19  
ARG CD   C N N 20  
ARG NE   N N N 21  
ARG CZ   C N N 22  
ARG NH1  N N N 23  
ARG NH2  N N N 24  
ARG OXT  O N N 25  
ARG H    H N N 26  
ARG H2   H N N 27  
ARG HA   H N N 28  
ARG HB2  H N N 29  
ARG HB3  H N N 30  
ARG HG2  H N N 31  
ARG HG3  H N N 32  
ARG HD2  H N N 33  
ARG HD3  H N N 34  
ARG HE   H N N 35  
ARG HH11 H N N 36  
ARG HH12 H N N 37  
ARG HH21 H N N 38  
ARG HH22 H N N 39  
ARG HXT  H N N 40  
ASN N    N N N 41  
ASN CA   C N S 42  
ASN C    C N N 43  
ASN O    O N N 44  
ASN CB   C N N 45  
ASN CG   C N N 46  
ASN OD1  O N N 47  
ASN ND2  N N N 48  
ASN OXT  O N N 49  
ASN H    H N N 50  
ASN H2   H N N 51  
ASN HA   H N N 52  
ASN HB2  H N N 53  
ASN HB3  H N N 54  
ASN HD21 H N N 55  
ASN HD22 H N N 56  
ASN HXT  H N N 57  
ASP N    N N N 58  
ASP CA   C N S 59  
ASP C    C N N 60  
ASP O    O N N 61  
ASP CB   C N N 62  
ASP CG   C N N 63  
ASP OD1  O N N 64  
ASP OD2  O N N 65  
ASP OXT  O N N 66  
ASP H    H N N 67  
ASP H2   H N N 68  
ASP HA   H N N 69  
ASP HB2  H N N 70  
ASP HB3  H N N 71  
ASP HD2  H N N 72  
ASP HXT  H N N 73  
CYS N    N N N 74  
CYS CA   C N R 75  
CYS C    C N N 76  
CYS O    O N N 77  
CYS CB   C N N 78  
CYS SG   S N N 79  
CYS OXT  O N N 80  
CYS H    H N N 81  
CYS H2   H N N 82  
CYS HA   H N N 83  
CYS HB2  H N N 84  
CYS HB3  H N N 85  
CYS HG   H N N 86  
CYS HXT  H N N 87  
GLN N    N N N 88  
GLN CA   C N S 89  
GLN C    C N N 90  
GLN O    O N N 91  
GLN CB   C N N 92  
GLN CG   C N N 93  
GLN CD   C N N 94  
GLN OE1  O N N 95  
GLN NE2  N N N 96  
GLN OXT  O N N 97  
GLN H    H N N 98  
GLN H2   H N N 99  
GLN HA   H N N 100 
GLN HB2  H N N 101 
GLN HB3  H N N 102 
GLN HG2  H N N 103 
GLN HG3  H N N 104 
GLN HE21 H N N 105 
GLN HE22 H N N 106 
GLN HXT  H N N 107 
GLU N    N N N 108 
GLU CA   C N S 109 
GLU C    C N N 110 
GLU O    O N N 111 
GLU CB   C N N 112 
GLU CG   C N N 113 
GLU CD   C N N 114 
GLU OE1  O N N 115 
GLU OE2  O N N 116 
GLU OXT  O N N 117 
GLU H    H N N 118 
GLU H2   H N N 119 
GLU HA   H N N 120 
GLU HB2  H N N 121 
GLU HB3  H N N 122 
GLU HG2  H N N 123 
GLU HG3  H N N 124 
GLU HE2  H N N 125 
GLU HXT  H N N 126 
GLY N    N N N 127 
GLY CA   C N N 128 
GLY C    C N N 129 
GLY O    O N N 130 
GLY OXT  O N N 131 
GLY H    H N N 132 
GLY H2   H N N 133 
GLY HA2  H N N 134 
GLY HA3  H N N 135 
GLY HXT  H N N 136 
HIS N    N N N 137 
HIS CA   C N S 138 
HIS C    C N N 139 
HIS O    O N N 140 
HIS CB   C N N 141 
HIS CG   C Y N 142 
HIS ND1  N Y N 143 
HIS CD2  C Y N 144 
HIS CE1  C Y N 145 
HIS NE2  N Y N 146 
HIS OXT  O N N 147 
HIS H    H N N 148 
HIS H2   H N N 149 
HIS HA   H N N 150 
HIS HB2  H N N 151 
HIS HB3  H N N 152 
HIS HD1  H N N 153 
HIS HD2  H N N 154 
HIS HE1  H N N 155 
HIS HE2  H N N 156 
HIS HXT  H N N 157 
HOH O    O N N 158 
HOH H1   H N N 159 
HOH H2   H N N 160 
ILE N    N N N 161 
ILE CA   C N S 162 
ILE C    C N N 163 
ILE O    O N N 164 
ILE CB   C N S 165 
ILE CG1  C N N 166 
ILE CG2  C N N 167 
ILE CD1  C N N 168 
ILE OXT  O N N 169 
ILE H    H N N 170 
ILE H2   H N N 171 
ILE HA   H N N 172 
ILE HB   H N N 173 
ILE HG12 H N N 174 
ILE HG13 H N N 175 
ILE HG21 H N N 176 
ILE HG22 H N N 177 
ILE HG23 H N N 178 
ILE HD11 H N N 179 
ILE HD12 H N N 180 
ILE HD13 H N N 181 
ILE HXT  H N N 182 
LEU N    N N N 183 
LEU CA   C N S 184 
LEU C    C N N 185 
LEU O    O N N 186 
LEU CB   C N N 187 
LEU CG   C N N 188 
LEU CD1  C N N 189 
LEU CD2  C N N 190 
LEU OXT  O N N 191 
LEU H    H N N 192 
LEU H2   H N N 193 
LEU HA   H N N 194 
LEU HB2  H N N 195 
LEU HB3  H N N 196 
LEU HG   H N N 197 
LEU HD11 H N N 198 
LEU HD12 H N N 199 
LEU HD13 H N N 200 
LEU HD21 H N N 201 
LEU HD22 H N N 202 
LEU HD23 H N N 203 
LEU HXT  H N N 204 
LYS N    N N N 205 
LYS CA   C N S 206 
LYS C    C N N 207 
LYS O    O N N 208 
LYS CB   C N N 209 
LYS CG   C N N 210 
LYS CD   C N N 211 
LYS CE   C N N 212 
LYS NZ   N N N 213 
LYS OXT  O N N 214 
LYS H    H N N 215 
LYS H2   H N N 216 
LYS HA   H N N 217 
LYS HB2  H N N 218 
LYS HB3  H N N 219 
LYS HG2  H N N 220 
LYS HG3  H N N 221 
LYS HD2  H N N 222 
LYS HD3  H N N 223 
LYS HE2  H N N 224 
LYS HE3  H N N 225 
LYS HZ1  H N N 226 
LYS HZ2  H N N 227 
LYS HZ3  H N N 228 
LYS HXT  H N N 229 
MET N    N N N 230 
MET CA   C N S 231 
MET C    C N N 232 
MET O    O N N 233 
MET CB   C N N 234 
MET CG   C N N 235 
MET SD   S N N 236 
MET CE   C N N 237 
MET OXT  O N N 238 
MET H    H N N 239 
MET H2   H N N 240 
MET HA   H N N 241 
MET HB2  H N N 242 
MET HB3  H N N 243 
MET HG2  H N N 244 
MET HG3  H N N 245 
MET HE1  H N N 246 
MET HE2  H N N 247 
MET HE3  H N N 248 
MET HXT  H N N 249 
PHE N    N N N 250 
PHE CA   C N S 251 
PHE C    C N N 252 
PHE O    O N N 253 
PHE CB   C N N 254 
PHE CG   C Y N 255 
PHE CD1  C Y N 256 
PHE CD2  C Y N 257 
PHE CE1  C Y N 258 
PHE CE2  C Y N 259 
PHE CZ   C Y N 260 
PHE OXT  O N N 261 
PHE H    H N N 262 
PHE H2   H N N 263 
PHE HA   H N N 264 
PHE HB2  H N N 265 
PHE HB3  H N N 266 
PHE HD1  H N N 267 
PHE HD2  H N N 268 
PHE HE1  H N N 269 
PHE HE2  H N N 270 
PHE HZ   H N N 271 
PHE HXT  H N N 272 
PRO N    N N N 273 
PRO CA   C N S 274 
PRO C    C N N 275 
PRO O    O N N 276 
PRO CB   C N N 277 
PRO CG   C N N 278 
PRO CD   C N N 279 
PRO OXT  O N N 280 
PRO H    H N N 281 
PRO HA   H N N 282 
PRO HB2  H N N 283 
PRO HB3  H N N 284 
PRO HG2  H N N 285 
PRO HG3  H N N 286 
PRO HD2  H N N 287 
PRO HD3  H N N 288 
PRO HXT  H N N 289 
SER N    N N N 290 
SER CA   C N S 291 
SER C    C N N 292 
SER O    O N N 293 
SER CB   C N N 294 
SER OG   O N N 295 
SER OXT  O N N 296 
SER H    H N N 297 
SER H2   H N N 298 
SER HA   H N N 299 
SER HB2  H N N 300 
SER HB3  H N N 301 
SER HG   H N N 302 
SER HXT  H N N 303 
THR N    N N N 304 
THR CA   C N S 305 
THR C    C N N 306 
THR O    O N N 307 
THR CB   C N R 308 
THR OG1  O N N 309 
THR CG2  C N N 310 
THR OXT  O N N 311 
THR H    H N N 312 
THR H2   H N N 313 
THR HA   H N N 314 
THR HB   H N N 315 
THR HG1  H N N 316 
THR HG21 H N N 317 
THR HG22 H N N 318 
THR HG23 H N N 319 
THR HXT  H N N 320 
TRP N    N N N 321 
TRP CA   C N S 322 
TRP C    C N N 323 
TRP O    O N N 324 
TRP CB   C N N 325 
TRP CG   C Y N 326 
TRP CD1  C Y N 327 
TRP CD2  C Y N 328 
TRP NE1  N Y N 329 
TRP CE2  C Y N 330 
TRP CE3  C Y N 331 
TRP CZ2  C Y N 332 
TRP CZ3  C Y N 333 
TRP CH2  C Y N 334 
TRP OXT  O N N 335 
TRP H    H N N 336 
TRP H2   H N N 337 
TRP HA   H N N 338 
TRP HB2  H N N 339 
TRP HB3  H N N 340 
TRP HD1  H N N 341 
TRP HE1  H N N 342 
TRP HE3  H N N 343 
TRP HZ2  H N N 344 
TRP HZ3  H N N 345 
TRP HH2  H N N 346 
TRP HXT  H N N 347 
TYR N    N N N 348 
TYR CA   C N S 349 
TYR C    C N N 350 
TYR O    O N N 351 
TYR CB   C N N 352 
TYR CG   C Y N 353 
TYR CD1  C Y N 354 
TYR CD2  C Y N 355 
TYR CE1  C Y N 356 
TYR CE2  C Y N 357 
TYR CZ   C Y N 358 
TYR OH   O N N 359 
TYR OXT  O N N 360 
TYR H    H N N 361 
TYR H2   H N N 362 
TYR HA   H N N 363 
TYR HB2  H N N 364 
TYR HB3  H N N 365 
TYR HD1  H N N 366 
TYR HD2  H N N 367 
TYR HE1  H N N 368 
TYR HE2  H N N 369 
TYR HH   H N N 370 
TYR HXT  H N N 371 
VAL N    N N N 372 
VAL CA   C N S 373 
VAL C    C N N 374 
VAL O    O N N 375 
VAL CB   C N N 376 
VAL CG1  C N N 377 
VAL CG2  C N N 378 
VAL OXT  O N N 379 
VAL H    H N N 380 
VAL H2   H N N 381 
VAL HA   H N N 382 
VAL HB   H N N 383 
VAL HG11 H N N 384 
VAL HG12 H N N 385 
VAL HG13 H N N 386 
VAL HG21 H N N 387 
VAL HG22 H N N 388 
VAL HG23 H N N 389 
VAL HXT  H N N 390 
# 
loop_
_chem_comp_bond.comp_id 
_chem_comp_bond.atom_id_1 
_chem_comp_bond.atom_id_2 
_chem_comp_bond.value_order 
_chem_comp_bond.pdbx_aromatic_flag 
_chem_comp_bond.pdbx_stereo_config 
_chem_comp_bond.pdbx_ordinal 
ALA N   CA   sing N N 1   
ALA N   H    sing N N 2   
ALA N   H2   sing N N 3   
ALA CA  C    sing N N 4   
ALA CA  CB   sing N N 5   
ALA CA  HA   sing N N 6   
ALA C   O    doub N N 7   
ALA C   OXT  sing N N 8   
ALA CB  HB1  sing N N 9   
ALA CB  HB2  sing N N 10  
ALA CB  HB3  sing N N 11  
ALA OXT HXT  sing N N 12  
ARG N   CA   sing N N 13  
ARG N   H    sing N N 14  
ARG N   H2   sing N N 15  
ARG CA  C    sing N N 16  
ARG CA  CB   sing N N 17  
ARG CA  HA   sing N N 18  
ARG C   O    doub N N 19  
ARG C   OXT  sing N N 20  
ARG CB  CG   sing N N 21  
ARG CB  HB2  sing N N 22  
ARG CB  HB3  sing N N 23  
ARG CG  CD   sing N N 24  
ARG CG  HG2  sing N N 25  
ARG CG  HG3  sing N N 26  
ARG CD  NE   sing N N 27  
ARG CD  HD2  sing N N 28  
ARG CD  HD3  sing N N 29  
ARG NE  CZ   sing N N 30  
ARG NE  HE   sing N N 31  
ARG CZ  NH1  sing N N 32  
ARG CZ  NH2  doub N N 33  
ARG NH1 HH11 sing N N 34  
ARG NH1 HH12 sing N N 35  
ARG NH2 HH21 sing N N 36  
ARG NH2 HH22 sing N N 37  
ARG OXT HXT  sing N N 38  
ASN N   CA   sing N N 39  
ASN N   H    sing N N 40  
ASN N   H2   sing N N 41  
ASN CA  C    sing N N 42  
ASN CA  CB   sing N N 43  
ASN CA  HA   sing N N 44  
ASN C   O    doub N N 45  
ASN C   OXT  sing N N 46  
ASN CB  CG   sing N N 47  
ASN CB  HB2  sing N N 48  
ASN CB  HB3  sing N N 49  
ASN CG  OD1  doub N N 50  
ASN CG  ND2  sing N N 51  
ASN ND2 HD21 sing N N 52  
ASN ND2 HD22 sing N N 53  
ASN OXT HXT  sing N N 54  
ASP N   CA   sing N N 55  
ASP N   H    sing N N 56  
ASP N   H2   sing N N 57  
ASP CA  C    sing N N 58  
ASP CA  CB   sing N N 59  
ASP CA  HA   sing N N 60  
ASP C   O    doub N N 61  
ASP C   OXT  sing N N 62  
ASP CB  CG   sing N N 63  
ASP CB  HB2  sing N N 64  
ASP CB  HB3  sing N N 65  
ASP CG  OD1  doub N N 66  
ASP CG  OD2  sing N N 67  
ASP OD2 HD2  sing N N 68  
ASP OXT HXT  sing N N 69  
CYS N   CA   sing N N 70  
CYS N   H    sing N N 71  
CYS N   H2   sing N N 72  
CYS CA  C    sing N N 73  
CYS CA  CB   sing N N 74  
CYS CA  HA   sing N N 75  
CYS C   O    doub N N 76  
CYS C   OXT  sing N N 77  
CYS CB  SG   sing N N 78  
CYS CB  HB2  sing N N 79  
CYS CB  HB3  sing N N 80  
CYS SG  HG   sing N N 81  
CYS OXT HXT  sing N N 82  
GLN N   CA   sing N N 83  
GLN N   H    sing N N 84  
GLN N   H2   sing N N 85  
GLN CA  C    sing N N 86  
GLN CA  CB   sing N N 87  
GLN CA  HA   sing N N 88  
GLN C   O    doub N N 89  
GLN C   OXT  sing N N 90  
GLN CB  CG   sing N N 91  
GLN CB  HB2  sing N N 92  
GLN CB  HB3  sing N N 93  
GLN CG  CD   sing N N 94  
GLN CG  HG2  sing N N 95  
GLN CG  HG3  sing N N 96  
GLN CD  OE1  doub N N 97  
GLN CD  NE2  sing N N 98  
GLN NE2 HE21 sing N N 99  
GLN NE2 HE22 sing N N 100 
GLN OXT HXT  sing N N 101 
GLU N   CA   sing N N 102 
GLU N   H    sing N N 103 
GLU N   H2   sing N N 104 
GLU CA  C    sing N N 105 
GLU CA  CB   sing N N 106 
GLU CA  HA   sing N N 107 
GLU C   O    doub N N 108 
GLU C   OXT  sing N N 109 
GLU CB  CG   sing N N 110 
GLU CB  HB2  sing N N 111 
GLU CB  HB3  sing N N 112 
GLU CG  CD   sing N N 113 
GLU CG  HG2  sing N N 114 
GLU CG  HG3  sing N N 115 
GLU CD  OE1  doub N N 116 
GLU CD  OE2  sing N N 117 
GLU OE2 HE2  sing N N 118 
GLU OXT HXT  sing N N 119 
GLY N   CA   sing N N 120 
GLY N   H    sing N N 121 
GLY N   H2   sing N N 122 
GLY CA  C    sing N N 123 
GLY CA  HA2  sing N N 124 
GLY CA  HA3  sing N N 125 
GLY C   O    doub N N 126 
GLY C   OXT  sing N N 127 
GLY OXT HXT  sing N N 128 
HIS N   CA   sing N N 129 
HIS N   H    sing N N 130 
HIS N   H2   sing N N 131 
HIS CA  C    sing N N 132 
HIS CA  CB   sing N N 133 
HIS CA  HA   sing N N 134 
HIS C   O    doub N N 135 
HIS C   OXT  sing N N 136 
HIS CB  CG   sing N N 137 
HIS CB  HB2  sing N N 138 
HIS CB  HB3  sing N N 139 
HIS CG  ND1  sing Y N 140 
HIS CG  CD2  doub Y N 141 
HIS ND1 CE1  doub Y N 142 
HIS ND1 HD1  sing N N 143 
HIS CD2 NE2  sing Y N 144 
HIS CD2 HD2  sing N N 145 
HIS CE1 NE2  sing Y N 146 
HIS CE1 HE1  sing N N 147 
HIS NE2 HE2  sing N N 148 
HIS OXT HXT  sing N N 149 
HOH O   H1   sing N N 150 
HOH O   H2   sing N N 151 
ILE N   CA   sing N N 152 
ILE N   H    sing N N 153 
ILE N   H2   sing N N 154 
ILE CA  C    sing N N 155 
ILE CA  CB   sing N N 156 
ILE CA  HA   sing N N 157 
ILE C   O    doub N N 158 
ILE C   OXT  sing N N 159 
ILE CB  CG1  sing N N 160 
ILE CB  CG2  sing N N 161 
ILE CB  HB   sing N N 162 
ILE CG1 CD1  sing N N 163 
ILE CG1 HG12 sing N N 164 
ILE CG1 HG13 sing N N 165 
ILE CG2 HG21 sing N N 166 
ILE CG2 HG22 sing N N 167 
ILE CG2 HG23 sing N N 168 
ILE CD1 HD11 sing N N 169 
ILE CD1 HD12 sing N N 170 
ILE CD1 HD13 sing N N 171 
ILE OXT HXT  sing N N 172 
LEU N   CA   sing N N 173 
LEU N   H    sing N N 174 
LEU N   H2   sing N N 175 
LEU CA  C    sing N N 176 
LEU CA  CB   sing N N 177 
LEU CA  HA   sing N N 178 
LEU C   O    doub N N 179 
LEU C   OXT  sing N N 180 
LEU CB  CG   sing N N 181 
LEU CB  HB2  sing N N 182 
LEU CB  HB3  sing N N 183 
LEU CG  CD1  sing N N 184 
LEU CG  CD2  sing N N 185 
LEU CG  HG   sing N N 186 
LEU CD1 HD11 sing N N 187 
LEU CD1 HD12 sing N N 188 
LEU CD1 HD13 sing N N 189 
LEU CD2 HD21 sing N N 190 
LEU CD2 HD22 sing N N 191 
LEU CD2 HD23 sing N N 192 
LEU OXT HXT  sing N N 193 
LYS N   CA   sing N N 194 
LYS N   H    sing N N 195 
LYS N   H2   sing N N 196 
LYS CA  C    sing N N 197 
LYS CA  CB   sing N N 198 
LYS CA  HA   sing N N 199 
LYS C   O    doub N N 200 
LYS C   OXT  sing N N 201 
LYS CB  CG   sing N N 202 
LYS CB  HB2  sing N N 203 
LYS CB  HB3  sing N N 204 
LYS CG  CD   sing N N 205 
LYS CG  HG2  sing N N 206 
LYS CG  HG3  sing N N 207 
LYS CD  CE   sing N N 208 
LYS CD  HD2  sing N N 209 
LYS CD  HD3  sing N N 210 
LYS CE  NZ   sing N N 211 
LYS CE  HE2  sing N N 212 
LYS CE  HE3  sing N N 213 
LYS NZ  HZ1  sing N N 214 
LYS NZ  HZ2  sing N N 215 
LYS NZ  HZ3  sing N N 216 
LYS OXT HXT  sing N N 217 
MET N   CA   sing N N 218 
MET N   H    sing N N 219 
MET N   H2   sing N N 220 
MET CA  C    sing N N 221 
MET CA  CB   sing N N 222 
MET CA  HA   sing N N 223 
MET C   O    doub N N 224 
MET C   OXT  sing N N 225 
MET CB  CG   sing N N 226 
MET CB  HB2  sing N N 227 
MET CB  HB3  sing N N 228 
MET CG  SD   sing N N 229 
MET CG  HG2  sing N N 230 
MET CG  HG3  sing N N 231 
MET SD  CE   sing N N 232 
MET CE  HE1  sing N N 233 
MET CE  HE2  sing N N 234 
MET CE  HE3  sing N N 235 
MET OXT HXT  sing N N 236 
PHE N   CA   sing N N 237 
PHE N   H    sing N N 238 
PHE N   H2   sing N N 239 
PHE CA  C    sing N N 240 
PHE CA  CB   sing N N 241 
PHE CA  HA   sing N N 242 
PHE C   O    doub N N 243 
PHE C   OXT  sing N N 244 
PHE CB  CG   sing N N 245 
PHE CB  HB2  sing N N 246 
PHE CB  HB3  sing N N 247 
PHE CG  CD1  doub Y N 248 
PHE CG  CD2  sing Y N 249 
PHE CD1 CE1  sing Y N 250 
PHE CD1 HD1  sing N N 251 
PHE CD2 CE2  doub Y N 252 
PHE CD2 HD2  sing N N 253 
PHE CE1 CZ   doub Y N 254 
PHE CE1 HE1  sing N N 255 
PHE CE2 CZ   sing Y N 256 
PHE CE2 HE2  sing N N 257 
PHE CZ  HZ   sing N N 258 
PHE OXT HXT  sing N N 259 
PRO N   CA   sing N N 260 
PRO N   CD   sing N N 261 
PRO N   H    sing N N 262 
PRO CA  C    sing N N 263 
PRO CA  CB   sing N N 264 
PRO CA  HA   sing N N 265 
PRO C   O    doub N N 266 
PRO C   OXT  sing N N 267 
PRO CB  CG   sing N N 268 
PRO CB  HB2  sing N N 269 
PRO CB  HB3  sing N N 270 
PRO CG  CD   sing N N 271 
PRO CG  HG2  sing N N 272 
PRO CG  HG3  sing N N 273 
PRO CD  HD2  sing N N 274 
PRO CD  HD3  sing N N 275 
PRO OXT HXT  sing N N 276 
SER N   CA   sing N N 277 
SER N   H    sing N N 278 
SER N   H2   sing N N 279 
SER CA  C    sing N N 280 
SER CA  CB   sing N N 281 
SER CA  HA   sing N N 282 
SER C   O    doub N N 283 
SER C   OXT  sing N N 284 
SER CB  OG   sing N N 285 
SER CB  HB2  sing N N 286 
SER CB  HB3  sing N N 287 
SER OG  HG   sing N N 288 
SER OXT HXT  sing N N 289 
THR N   CA   sing N N 290 
THR N   H    sing N N 291 
THR N   H2   sing N N 292 
THR CA  C    sing N N 293 
THR CA  CB   sing N N 294 
THR CA  HA   sing N N 295 
THR C   O    doub N N 296 
THR C   OXT  sing N N 297 
THR CB  OG1  sing N N 298 
THR CB  CG2  sing N N 299 
THR CB  HB   sing N N 300 
THR OG1 HG1  sing N N 301 
THR CG2 HG21 sing N N 302 
THR CG2 HG22 sing N N 303 
THR CG2 HG23 sing N N 304 
THR OXT HXT  sing N N 305 
TRP N   CA   sing N N 306 
TRP N   H    sing N N 307 
TRP N   H2   sing N N 308 
TRP CA  C    sing N N 309 
TRP CA  CB   sing N N 310 
TRP CA  HA   sing N N 311 
TRP C   O    doub N N 312 
TRP C   OXT  sing N N 313 
TRP CB  CG   sing N N 314 
TRP CB  HB2  sing N N 315 
TRP CB  HB3  sing N N 316 
TRP CG  CD1  doub Y N 317 
TRP CG  CD2  sing Y N 318 
TRP CD1 NE1  sing Y N 319 
TRP CD1 HD1  sing N N 320 
TRP CD2 CE2  doub Y N 321 
TRP CD2 CE3  sing Y N 322 
TRP NE1 CE2  sing Y N 323 
TRP NE1 HE1  sing N N 324 
TRP CE2 CZ2  sing Y N 325 
TRP CE3 CZ3  doub Y N 326 
TRP CE3 HE3  sing N N 327 
TRP CZ2 CH2  doub Y N 328 
TRP CZ2 HZ2  sing N N 329 
TRP CZ3 CH2  sing Y N 330 
TRP CZ3 HZ3  sing N N 331 
TRP CH2 HH2  sing N N 332 
TRP OXT HXT  sing N N 333 
TYR N   CA   sing N N 334 
TYR N   H    sing N N 335 
TYR N   H2   sing N N 336 
TYR CA  C    sing N N 337 
TYR CA  CB   sing N N 338 
TYR CA  HA   sing N N 339 
TYR C   O    doub N N 340 
TYR C   OXT  sing N N 341 
TYR CB  CG   sing N N 342 
TYR CB  HB2  sing N N 343 
TYR CB  HB3  sing N N 344 
TYR CG  CD1  doub Y N 345 
TYR CG  CD2  sing Y N 346 
TYR CD1 CE1  sing Y N 347 
TYR CD1 HD1  sing N N 348 
TYR CD2 CE2  doub Y N 349 
TYR CD2 HD2  sing N N 350 
TYR CE1 CZ   doub Y N 351 
TYR CE1 HE1  sing N N 352 
TYR CE2 CZ   sing Y N 353 
TYR CE2 HE2  sing N N 354 
TYR CZ  OH   sing N N 355 
TYR OH  HH   sing N N 356 
TYR OXT HXT  sing N N 357 
VAL N   CA   sing N N 358 
VAL N   H    sing N N 359 
VAL N   H2   sing N N 360 
VAL CA  C    sing N N 361 
VAL CA  CB   sing N N 362 
VAL CA  HA   sing N N 363 
VAL C   O    doub N N 364 
VAL C   OXT  sing N N 365 
VAL CB  CG1  sing N N 366 
VAL CB  CG2  sing N N 367 
VAL CB  HB   sing N N 368 
VAL CG1 HG11 sing N N 369 
VAL CG1 HG12 sing N N 370 
VAL CG1 HG13 sing N N 371 
VAL CG2 HG21 sing N N 372 
VAL CG2 HG22 sing N N 373 
VAL CG2 HG23 sing N N 374 
VAL OXT HXT  sing N N 375 
# 
_atom_sites.entry_id                    1KOE 
_atom_sites.fract_transf_matrix[1][1]   0.01445963 
_atom_sites.fract_transf_matrix[1][2]   -0.00009403 
_atom_sites.fract_transf_matrix[1][3]   0.01651268 
_atom_sites.fract_transf_matrix[2][1]   0.01170095 
_atom_sites.fract_transf_matrix[2][2]   -0.01002568 
_atom_sites.fract_transf_matrix[2][3]   -0.01030324 
_atom_sites.fract_transf_matrix[3][1]   0.00621553 
_atom_sites.fract_transf_matrix[3][2]   0.01277282 
_atom_sites.fract_transf_matrix[3][3]   -0.00537001 
_atom_sites.fract_transf_vector[1]      0.524128 
_atom_sites.fract_transf_vector[2]      0.535062 
_atom_sites.fract_transf_vector[3]      0.599241 
# 
loop_
_atom_type.symbol 
C 
N 
O 
S 
# 
loop_
_atom_site.group_PDB 
_atom_site.id 
_atom_site.type_symbol 
_atom_site.label_atom_id 
_atom_site.label_alt_id 
_atom_site.label_comp_id 
_atom_site.label_asym_id 
_atom_site.label_entity_id 
_atom_site.label_seq_id 
_atom_site.pdbx_PDB_ins_code 
_atom_site.Cartn_x 
_atom_site.Cartn_y 
_atom_site.Cartn_z 
_atom_site.occupancy 
_atom_site.B_iso_or_equiv 
_atom_site.pdbx_formal_charge 
_atom_site.auth_seq_id 
_atom_site.auth_comp_id 
_atom_site.auth_asym_id 
_atom_site.auth_atom_id 
_atom_site.pdbx_PDB_model_num 
ATOM   1    N N   . GLN A 1 1   ? 8.587   12.981  -18.151 1.00 19.63 ? 138 GLN A N   1 
ATOM   2    C CA  . GLN A 1 1   ? 7.913   11.644  -18.044 1.00 15.07 ? 138 GLN A CA  1 
ATOM   3    C C   . GLN A 1 1   ? 7.212   11.541  -16.696 1.00 16.16 ? 138 GLN A C   1 
ATOM   4    O O   . GLN A 1 1   ? 7.864   11.477  -15.665 1.00 16.26 ? 138 GLN A O   1 
ATOM   5    C CB  . GLN A 1 1   ? 8.925   10.504  -18.149 1.00 10.71 ? 138 GLN A CB  1 
ATOM   6    C CG  . GLN A 1 1   ? 8.337   9.130   -17.842 1.00 11.99 ? 138 GLN A CG  1 
ATOM   7    C CD  . GLN A 1 1   ? 7.278   8.722   -18.842 1.00 17.23 ? 138 GLN A CD  1 
ATOM   8    O OE1 . GLN A 1 1   ? 7.540   8.655   -20.030 1.00 19.56 ? 138 GLN A OE1 1 
ATOM   9    N NE2 . GLN A 1 1   ? 6.061   8.477   -18.365 1.00 19.22 ? 138 GLN A NE2 1 
ATOM   10   N N   . PRO A 1 2   ? 5.875   11.572  -16.687 1.00 15.25 ? 139 PRO A N   1 
ATOM   11   C CA  . PRO A 1 2   ? 5.199   11.472  -15.387 1.00 12.81 ? 139 PRO A CA  1 
ATOM   12   C C   . PRO A 1 2   ? 5.367   10.111  -14.755 1.00 9.18  ? 139 PRO A C   1 
ATOM   13   O O   . PRO A 1 2   ? 5.467   9.102   -15.454 1.00 11.04 ? 139 PRO A O   1 
ATOM   14   C CB  . PRO A 1 2   ? 3.742   11.755  -15.739 1.00 13.97 ? 139 PRO A CB  1 
ATOM   15   C CG  . PRO A 1 2   ? 3.610   11.271  -17.124 1.00 19.89 ? 139 PRO A CG  1 
ATOM   16   C CD  . PRO A 1 2   ? 4.902   11.758  -17.774 1.00 15.29 ? 139 PRO A CD  1 
ATOM   17   N N   . VAL A 1 3   ? 5.416   10.100  -13.429 1.00 10.21 ? 140 VAL A N   1 
ATOM   18   C CA  . VAL A 1 3   ? 5.529   8.866   -12.660 1.00 9.99  ? 140 VAL A CA  1 
ATOM   19   C C   . VAL A 1 3   ? 4.786   9.091   -11.346 1.00 11.74 ? 140 VAL A C   1 
ATOM   20   O O   . VAL A 1 3   ? 4.588   10.229  -10.937 1.00 13.00 ? 140 VAL A O   1 
ATOM   21   C CB  . VAL A 1 3   ? 7.001   8.537   -12.296 1.00 10.45 ? 140 VAL A CB  1 
ATOM   22   C CG1 . VAL A 1 3   ? 7.827   8.232   -13.542 1.00 10.92 ? 140 VAL A CG1 1 
ATOM   23   C CG2 . VAL A 1 3   ? 7.600   9.651   -11.495 1.00 9.04  ? 140 VAL A CG2 1 
ATOM   24   N N   . LEU A 1 4   ? 4.395   8.000   -10.691 1.00 10.15 ? 141 LEU A N   1 
ATOM   25   C CA  . LEU A 1 4   ? 3.743   8.040   -9.384  1.00 9.08  ? 141 LEU A CA  1 
ATOM   26   C C   . LEU A 1 4   ? 4.585   7.160   -8.473  1.00 8.62  ? 141 LEU A C   1 
ATOM   27   O O   . LEU A 1 4   ? 4.857   5.993   -8.798  1.00 9.84  ? 141 LEU A O   1 
ATOM   28   C CB  . LEU A 1 4   ? 2.323   7.469   -9.445  1.00 10.41 ? 141 LEU A CB  1 
ATOM   29   C CG  . LEU A 1 4   ? 1.300   8.216   -10.300 1.00 12.91 ? 141 LEU A CG  1 
ATOM   30   C CD1 . LEU A 1 4   ? -0.033  7.470   -10.236 1.00 13.77 ? 141 LEU A CD1 1 
ATOM   31   C CD2 . LEU A 1 4   ? 1.150   9.652   -9.811  1.00 10.92 ? 141 LEU A CD2 1 
ATOM   32   N N   . HIS A 1 5   ? 4.997   7.701   -7.332  1.00 6.26  ? 142 HIS A N   1 
ATOM   33   C CA  . HIS A 1 5   ? 5.809   6.939   -6.388  1.00 7.37  ? 142 HIS A CA  1 
ATOM   34   C C   . HIS A 1 5   ? 4.987   6.077   -5.398  1.00 9.63  ? 142 HIS A C   1 
ATOM   35   O O   . HIS A 1 5   ? 3.972   6.538   -4.844  1.00 8.50  ? 142 HIS A O   1 
ATOM   36   C CB  . HIS A 1 5   ? 6.736   7.865   -5.600  1.00 6.13  ? 142 HIS A CB  1 
ATOM   37   C CG  . HIS A 1 5   ? 7.746   8.576   -6.451  1.00 9.30  ? 142 HIS A CG  1 
ATOM   38   N ND1 . HIS A 1 5   ? 7.469   9.749   -7.112  1.00 10.67 ? 142 HIS A ND1 1 
ATOM   39   C CD2 . HIS A 1 5   ? 9.026   8.254   -6.770  1.00 11.21 ? 142 HIS A CD2 1 
ATOM   40   C CE1 . HIS A 1 5   ? 8.532   10.125  -7.807  1.00 11.23 ? 142 HIS A CE1 1 
ATOM   41   N NE2 . HIS A 1 5   ? 9.486   9.240   -7.615  1.00 9.19  ? 142 HIS A NE2 1 
ATOM   42   N N   . LEU A 1 6   ? 5.429   4.838   -5.190  1.00 5.90  ? 143 LEU A N   1 
ATOM   43   C CA  . LEU A 1 6   ? 4.805   3.914   -4.238  1.00 6.16  ? 143 LEU A CA  1 
ATOM   44   C C   . LEU A 1 6   ? 5.907   3.706   -3.190  1.00 8.08  ? 143 LEU A C   1 
ATOM   45   O O   . LEU A 1 6   ? 6.977   3.188   -3.500  1.00 8.41  ? 143 LEU A O   1 
ATOM   46   C CB  . LEU A 1 6   ? 4.432   2.598   -4.921  1.00 7.80  ? 143 LEU A CB  1 
ATOM   47   C CG  . LEU A 1 6   ? 3.682   1.558   -4.082  1.00 8.59  ? 143 LEU A CG  1 
ATOM   48   C CD1 . LEU A 1 6   ? 2.309   2.048   -3.706  1.00 8.94  ? 143 LEU A CD1 1 
ATOM   49   C CD2 . LEU A 1 6   ? 3.559   0.259   -4.896  1.00 11.98 ? 143 LEU A CD2 1 
ATOM   50   N N   . VAL A 1 7   ? 5.650   4.119   -1.951  1.00 7.00  ? 144 VAL A N   1 
ATOM   51   C CA  . VAL A 1 7   ? 6.650   4.111   -0.894  1.00 6.28  ? 144 VAL A CA  1 
ATOM   52   C C   . VAL A 1 7   ? 6.078   3.569   0.408   1.00 7.86  ? 144 VAL A C   1 
ATOM   53   O O   . VAL A 1 7   ? 4.942   3.863   0.767   1.00 8.99  ? 144 VAL A O   1 
ATOM   54   C CB  . VAL A 1 7   ? 7.146   5.575   -0.646  1.00 7.09  ? 144 VAL A CB  1 
ATOM   55   C CG1 . VAL A 1 7   ? 8.316   5.595   0.322   1.00 9.37  ? 144 VAL A CG1 1 
ATOM   56   C CG2 . VAL A 1 7   ? 7.558   6.236   -1.967  1.00 10.88 ? 144 VAL A CG2 1 
ATOM   57   N N   . ALA A 1 8   ? 6.863   2.775   1.120   1.00 7.05  ? 145 ALA A N   1 
ATOM   58   C CA  . ALA A 1 8   ? 6.394   2.206   2.377   1.00 8.14  ? 145 ALA A CA  1 
ATOM   59   C C   . ALA A 1 8   ? 6.619   3.110   3.604   1.00 8.47  ? 145 ALA A C   1 
ATOM   60   O O   . ALA A 1 8   ? 7.605   3.879   3.669   1.00 8.37  ? 145 ALA A O   1 
ATOM   61   C CB  . ALA A 1 8   ? 7.079   0.854   2.608   1.00 8.87  ? 145 ALA A CB  1 
ATOM   62   N N   . LEU A 1 9   ? 5.711   3.007   4.575   1.00 7.30  ? 146 LEU A N   1 
ATOM   63   C CA  . LEU A 1 9   ? 5.886   3.720   5.836   1.00 8.01  ? 146 LEU A CA  1 
ATOM   64   C C   . LEU A 1 9   ? 7.148   3.152   6.517   1.00 7.11  ? 146 LEU A C   1 
ATOM   65   O O   . LEU A 1 9   ? 7.506   1.982   6.322   1.00 9.42  ? 146 LEU A O   1 
ATOM   66   C CB  . LEU A 1 9   ? 4.666   3.564   6.746   1.00 6.67  ? 146 LEU A CB  1 
ATOM   67   C CG  . LEU A 1 9   ? 3.415   4.346   6.316   1.00 9.61  ? 146 LEU A CG  1 
ATOM   68   C CD1 . LEU A 1 9   ? 2.324   4.103   7.336   1.00 9.50  ? 146 LEU A CD1 1 
ATOM   69   C CD2 . LEU A 1 9   ? 3.711   5.860   6.262   1.00 11.47 ? 146 LEU A CD2 1 
ATOM   70   N N   . ASN A 1 10  ? 7.785   3.959   7.353   1.00 6.40  ? 147 ASN A N   1 
ATOM   71   C CA  . ASN A 1 10  ? 9.034   3.571   7.997   1.00 7.10  ? 147 ASN A CA  1 
ATOM   72   C C   . ASN A 1 10  ? 8.956   2.487   9.068   1.00 9.58  ? 147 ASN A C   1 
ATOM   73   O O   . ASN A 1 10  ? 9.993   2.059   9.576   1.00 10.63 ? 147 ASN A O   1 
ATOM   74   C CB  . ASN A 1 10  ? 9.766   4.810   8.523   1.00 7.91  ? 147 ASN A CB  1 
ATOM   75   C CG  . ASN A 1 10  ? 10.252  5.723   7.400   1.00 8.97  ? 147 ASN A CG  1 
ATOM   76   O OD1 . ASN A 1 10  ? 10.575  5.270   6.300   1.00 11.21 ? 147 ASN A OD1 1 
ATOM   77   N ND2 . ASN A 1 10  ? 10.313  7.021   7.682   1.00 10.82 ? 147 ASN A ND2 1 
ATOM   78   N N   . THR A 1 11  ? 7.745   2.113   9.471   1.00 7.40  ? 148 THR A N   1 
ATOM   79   C CA  . THR A 1 11  ? 7.584   1.027   10.436  1.00 9.45  ? 148 THR A CA  1 
ATOM   80   C C   . THR A 1 11  ? 6.354   0.240   10.038  1.00 9.36  ? 148 THR A C   1 
ATOM   81   O O   . THR A 1 11  ? 5.497   0.743   9.312   1.00 8.96  ? 148 THR A O   1 
ATOM   82   C CB  . THR A 1 11  ? 7.298   1.510   11.886  1.00 13.02 ? 148 THR A CB  1 
ATOM   83   O OG1 . THR A 1 11  ? 5.970   2.048   11.957  1.00 17.83 ? 148 THR A OG1 1 
ATOM   84   C CG2 . THR A 1 11  ? 8.298   2.557   12.340  1.00 15.46 ? 148 THR A CG2 1 
ATOM   85   N N   . PRO A 1 12  ? 6.315   -1.058  10.412  1.00 12.03 ? 149 PRO A N   1 
ATOM   86   C CA  . PRO A 1 12  ? 5.129   -1.847  10.080  1.00 10.16 ? 149 PRO A CA  1 
ATOM   87   C C   . PRO A 1 12  ? 4.042   -1.338  11.022  1.00 9.92  ? 149 PRO A C   1 
ATOM   88   O O   . PRO A 1 12  ? 4.343   -0.653  12.020  1.00 12.33 ? 149 PRO A O   1 
ATOM   89   C CB  . PRO A 1 12  ? 5.554   -3.272  10.447  1.00 12.46 ? 149 PRO A CB  1 
ATOM   90   C CG  . PRO A 1 12  ? 6.560   -3.082  11.523  1.00 15.97 ? 149 PRO A CG  1 
ATOM   91   C CD  . PRO A 1 12  ? 7.360   -1.898  11.013  1.00 16.15 ? 149 PRO A CD  1 
ATOM   92   N N   . LEU A 1 13  ? 2.790   -1.648  10.704  1.00 9.68  ? 150 LEU A N   1 
ATOM   93   C CA  . LEU A 1 13  ? 1.664   -1.242  11.527  1.00 8.42  ? 150 LEU A CA  1 
ATOM   94   C C   . LEU A 1 13  ? 0.700   -2.398  11.649  1.00 7.98  ? 150 LEU A C   1 
ATOM   95   O O   . LEU A 1 13  ? 0.597   -3.227  10.746  1.00 8.15  ? 150 LEU A O   1 
ATOM   96   C CB  . LEU A 1 13  ? 0.926   -0.075  10.867  1.00 11.10 ? 150 LEU A CB  1 
ATOM   97   C CG  . LEU A 1 13  ? 1.602   1.311   10.791  1.00 13.54 ? 150 LEU A CG  1 
ATOM   98   C CD1 . LEU A 1 13  ? 0.621   2.297   10.148  1.00 15.50 ? 150 LEU A CD1 1 
ATOM   99   C CD2 . LEU A 1 13  ? 1.987   1.792   12.169  1.00 14.35 ? 150 LEU A CD2 1 
ATOM   100  N N   . SER A 1 14  ? 0.021   -2.481  12.783  1.00 9.42  ? 151 SER A N   1 
ATOM   101  C CA  . SER A 1 14  ? -1.004  -3.507  12.965  1.00 9.11  ? 151 SER A CA  1 
ATOM   102  C C   . SER A 1 14  ? -2.264  -2.917  12.304  1.00 9.32  ? 151 SER A C   1 
ATOM   103  O O   . SER A 1 14  ? -2.228  -1.811  11.763  1.00 10.06 ? 151 SER A O   1 
ATOM   104  C CB  . SER A 1 14  ? -1.266  -3.730  14.458  1.00 10.20 ? 151 SER A CB  1 
ATOM   105  O OG  . SER A 1 14  ? -1.914  -2.606  15.034  1.00 10.67 ? 151 SER A OG  1 
ATOM   106  N N   . GLY A 1 15  ? -3.383  -3.629  12.385  1.00 7.94  ? 152 GLY A N   1 
ATOM   107  C CA  . GLY A 1 15  ? -4.613  -3.134  11.806  1.00 8.69  ? 152 GLY A CA  1 
ATOM   108  C C   . GLY A 1 15  ? -5.194  -1.932  12.543  1.00 9.35  ? 152 GLY A C   1 
ATOM   109  O O   . GLY A 1 15  ? -6.080  -1.266  12.013  1.00 11.59 ? 152 GLY A O   1 
ATOM   110  N N   . GLY A 1 16  ? -4.742  -1.686  13.776  1.00 8.17  ? 153 GLY A N   1 
ATOM   111  C CA  . GLY A 1 16  ? -5.228  -0.544  14.547  1.00 10.98 ? 153 GLY A CA  1 
ATOM   112  C C   . GLY A 1 16  ? -4.365  0.658   14.211  1.00 10.16 ? 153 GLY A C   1 
ATOM   113  O O   . GLY A 1 16  ? -3.381  0.933   14.903  1.00 11.38 ? 153 GLY A O   1 
ATOM   114  N N   . MET A 1 17  ? -4.741  1.375   13.148  1.00 10.00 ? 154 MET A N   1 
ATOM   115  C CA  . MET A 1 17  ? -3.974  2.530   12.651  1.00 9.58  ? 154 MET A CA  1 
ATOM   116  C C   . MET A 1 17  ? -4.615  3.874   12.934  1.00 11.76 ? 154 MET A C   1 
ATOM   117  O O   . MET A 1 17  ? -4.173  4.890   12.388  1.00 9.48  ? 154 MET A O   1 
ATOM   118  C CB  . MET A 1 17  ? -3.835  2.428   11.130  1.00 9.96  ? 154 MET A CB  1 
ATOM   119  C CG  . MET A 1 17  ? -3.240  1.129   10.631  1.00 12.59 ? 154 MET A CG  1 
ATOM   120  S SD  . MET A 1 17  ? -3.210  1.145   8.844   1.00 14.27 ? 154 MET A SD  1 
ATOM   121  C CE  . MET A 1 17  ? -2.858  -0.599  8.472   1.00 16.15 ? 154 MET A CE  1 
ATOM   122  N N   . ARG A 1 18  ? -5.639  3.869   13.786  1.00 12.28 ? 155 ARG A N   1 
ATOM   123  C CA  . ARG A 1 18  ? -6.419  5.067   14.118  1.00 11.91 ? 155 ARG A CA  1 
ATOM   124  C C   . ARG A 1 18  ? -7.240  5.442   12.890  1.00 12.08 ? 155 ARG A C   1 
ATOM   125  O O   . ARG A 1 18  ? -7.485  6.627   12.606  1.00 12.85 ? 155 ARG A O   1 
ATOM   126  C CB  . ARG A 1 18  ? -5.533  6.233   14.562  1.00 11.17 ? 155 ARG A CB  1 
ATOM   127  C CG  . ARG A 1 18  ? -4.787  5.962   15.867  1.00 17.34 ? 155 ARG A CG  1 
ATOM   128  C CD  . ARG A 1 18  ? -4.277  7.253   16.527  1.00 21.82 ? 155 ARG A CD  1 
ATOM   129  N NE  . ARG A 1 18  ? -3.037  7.725   15.921  1.00 36.87 ? 155 ARG A NE  1 
ATOM   130  C CZ  . ARG A 1 18  ? -1.865  7.111   16.046  0.00 30.58 ? 155 ARG A CZ  1 
ATOM   131  N NH1 . ARG A 1 18  ? -1.758  5.993   16.763  0.00 29.77 ? 155 ARG A NH1 1 
ATOM   132  N NH2 . ARG A 1 18  ? -0.804  7.591   15.411  0.00 29.77 ? 155 ARG A NH2 1 
ATOM   133  N N   . GLY A 1 19  ? -7.677  4.411   12.169  1.00 8.74  ? 156 GLY A N   1 
ATOM   134  C CA  . GLY A 1 19  ? -8.473  4.593   10.981  1.00 7.52  ? 156 GLY A CA  1 
ATOM   135  C C   . GLY A 1 19  ? -7.671  5.063   9.782   1.00 7.97  ? 156 GLY A C   1 
ATOM   136  O O   . GLY A 1 19  ? -6.455  5.250   9.864   1.00 8.74  ? 156 GLY A O   1 
ATOM   137  N N   . ILE A 1 20  ? -8.372  5.297   8.675   1.00 9.58  ? 157 ILE A N   1 
ATOM   138  C CA  . ILE A 1 20  ? -7.727  5.755   7.467   1.00 8.21  ? 157 ILE A CA  1 
ATOM   139  C C   . ILE A 1 20  ? -7.143  7.175   7.661   1.00 8.75  ? 157 ILE A C   1 
ATOM   140  O O   . ILE A 1 20  ? -6.138  7.509   7.050   1.00 7.94  ? 157 ILE A O   1 
ATOM   141  C CB  . ILE A 1 20  ? -8.686  5.672   6.269   1.00 12.87 ? 157 ILE A CB  1 
ATOM   142  C CG1 . ILE A 1 20  ? -7.887  5.795   4.957   1.00 13.81 ? 157 ILE A CG1 1 
ATOM   143  C CG2 . ILE A 1 20  ? -9.794  6.716   6.398   1.00 14.12 ? 157 ILE A CG2 1 
ATOM   144  C CD1 . ILE A 1 20  ? -6.992  4.584   4.690   1.00 13.09 ? 157 ILE A CD1 1 
ATOM   145  N N   . ARG A 1 21  ? -7.768  8.009   8.501   1.00 8.52  ? 158 ARG A N   1 
ATOM   146  C CA  . ARG A 1 21  ? -7.222  9.350   8.757   1.00 8.29  ? 158 ARG A CA  1 
ATOM   147  C C   . ARG A 1 21  ? -5.835  9.206   9.410   1.00 8.10  ? 158 ARG A C   1 
ATOM   148  O O   . ARG A 1 21  ? -4.922  9.976   9.107   1.00 10.27 ? 158 ARG A O   1 
ATOM   149  C CB  . ARG A 1 21  ? -8.156  10.176  9.666   1.00 9.85  ? 158 ARG A CB  1 
ATOM   150  C CG  . ARG A 1 21  ? -9.486  10.532  9.024   1.00 13.49 ? 158 ARG A CG  1 
ATOM   151  C CD  . ARG A 1 21  ? -10.419 11.209  10.009  1.00 12.24 ? 158 ARG A CD  1 
ATOM   152  N NE  . ARG A 1 21  ? -11.554 11.811  9.309   1.00 15.33 ? 158 ARG A NE  1 
ATOM   153  C CZ  . ARG A 1 21  ? -12.617 12.358  9.908   1.00 15.84 ? 158 ARG A CZ  1 
ATOM   154  N NH1 . ARG A 1 21  ? -12.693 12.384  11.235  1.00 14.08 ? 158 ARG A NH1 1 
ATOM   155  N NH2 . ARG A 1 21  ? -13.596 12.887  9.175   1.00 17.98 ? 158 ARG A NH2 1 
ATOM   156  N N   . GLY A 1 22  ? -5.673  8.191   10.268  1.00 8.31  ? 159 GLY A N   1 
ATOM   157  C CA  . GLY A 1 22  ? -4.405  7.945   10.937  1.00 7.59  ? 159 GLY A CA  1 
ATOM   158  C C   . GLY A 1 22  ? -3.334  7.514   9.942   1.00 10.13 ? 159 GLY A C   1 
ATOM   159  O O   . GLY A 1 22  ? -2.227  8.056   9.914   1.00 9.79  ? 159 GLY A O   1 
ATOM   160  N N   . ALA A 1 23  ? -3.678  6.544   9.102   1.00 9.09  ? 160 ALA A N   1 
ATOM   161  C CA  . ALA A 1 23  ? -2.756  6.032   8.083   1.00 8.50  ? 160 ALA A CA  1 
ATOM   162  C C   . ALA A 1 23  ? -2.385  7.130   7.083   1.00 7.04  ? 160 ALA A C   1 
ATOM   163  O O   . ALA A 1 23  ? -1.213  7.315   6.757   1.00 8.57  ? 160 ALA A O   1 
ATOM   164  C CB  . ALA A 1 23  ? -3.373  4.842   7.359   1.00 10.08 ? 160 ALA A CB  1 
ATOM   165  N N   . ASP A 1 24  ? -3.382  7.859   6.600   1.00 6.23  ? 161 ASP A N   1 
ATOM   166  C CA  . ASP A 1 24  ? -3.132  8.953   5.657   1.00 6.78  ? 161 ASP A CA  1 
ATOM   167  C C   . ASP A 1 24  ? -2.232  10.019  6.282   1.00 7.76  ? 161 ASP A C   1 
ATOM   168  O O   . ASP A 1 24  ? -1.368  10.583  5.608   1.00 8.73  ? 161 ASP A O   1 
ATOM   169  C CB  . ASP A 1 24  ? -4.451  9.618   5.216   1.00 9.35  ? 161 ASP A CB  1 
ATOM   170  C CG  . ASP A 1 24  ? -5.151  8.882   4.062   1.00 11.70 ? 161 ASP A CG  1 
ATOM   171  O OD1 . ASP A 1 24  ? -4.551  7.965   3.470   1.00 9.81  ? 161 ASP A OD1 1 
ATOM   172  O OD2 . ASP A 1 24  ? -6.308  9.247   3.722   1.00 11.63 ? 161 ASP A OD2 1 
ATOM   173  N N   . PHE A 1 25  ? -2.418  10.303  7.572   1.00 7.42  ? 162 PHE A N   1 
ATOM   174  C CA  . PHE A 1 25  ? -1.589  11.308  8.235   1.00 6.73  ? 162 PHE A CA  1 
ATOM   175  C C   . PHE A 1 25  ? -0.121  10.825  8.322   1.00 9.46  ? 162 PHE A C   1 
ATOM   176  O O   . PHE A 1 25  ? 0.822   11.617  8.192   1.00 9.44  ? 162 PHE A O   1 
ATOM   177  C CB  . PHE A 1 25  ? -2.147  11.634  9.624   1.00 7.02  ? 162 PHE A CB  1 
ATOM   178  C CG  . PHE A 1 25  ? -1.393  12.712  10.330  1.00 9.17  ? 162 PHE A CG  1 
ATOM   179  C CD1 . PHE A 1 25  ? -1.092  13.905  9.681   1.00 11.91 ? 162 PHE A CD1 1 
ATOM   180  C CD2 . PHE A 1 25  ? -0.993  12.547  11.643  1.00 17.16 ? 162 PHE A CD2 1 
ATOM   181  C CE1 . PHE A 1 25  ? -0.394  14.937  10.347  1.00 16.73 ? 162 PHE A CE1 1 
ATOM   182  C CE2 . PHE A 1 25  ? -0.300  13.564  12.315  1.00 22.21 ? 162 PHE A CE2 1 
ATOM   183  C CZ  . PHE A 1 25  ? -0.002  14.757  11.665  1.00 14.81 ? 162 PHE A CZ  1 
ATOM   184  N N   . GLN A 1 26  ? 0.079   9.528   8.567   1.00 8.27  ? 163 GLN A N   1 
ATOM   185  C CA  . GLN A 1 26  ? 1.434   8.977   8.621   1.00 7.65  ? 163 GLN A CA  1 
ATOM   186  C C   . GLN A 1 26  ? 2.117   9.159   7.257   1.00 7.86  ? 163 GLN A C   1 
ATOM   187  O O   . GLN A 1 26  ? 3.277   9.573   7.201   1.00 9.18  ? 163 GLN A O   1 
ATOM   188  C CB  . GLN A 1 26  ? 1.405   7.506   9.043   1.00 9.20  ? 163 GLN A CB  1 
ATOM   189  C CG  . GLN A 1 26  ? 1.164   7.315   10.533  1.00 18.91 ? 163 GLN A CG  1 
ATOM   190  C CD  . GLN A 1 26  ? 2.208   8.043   11.375  1.00 39.76 ? 163 GLN A CD  1 
ATOM   191  O OE1 . GLN A 1 26  ? 3.415   7.812   11.226  1.00 52.67 ? 163 GLN A OE1 1 
ATOM   192  N NE2 . GLN A 1 26  ? 1.753   8.958   12.236  1.00 48.77 ? 163 GLN A NE2 1 
ATOM   193  N N   . CYS A 1 27  ? 1.403   8.849   6.172   1.00 5.94  ? 164 CYS A N   1 
ATOM   194  C CA  . CYS A 1 27  ? 1.946   9.025   4.823   1.00 5.67  ? 164 CYS A CA  1 
ATOM   195  C C   . CYS A 1 27  ? 2.342   10.494  4.598   1.00 8.49  ? 164 CYS A C   1 
ATOM   196  O O   . CYS A 1 27  ? 3.402   10.786  4.034   1.00 11.21 ? 164 CYS A O   1 
ATOM   197  C CB  . CYS A 1 27  ? 0.924   8.602   3.764   1.00 7.87  ? 164 CYS A CB  1 
ATOM   198  S SG  . CYS A 1 27  ? 0.657   6.799   3.661   1.00 8.48  ? 164 CYS A SG  1 
ATOM   199  N N   . PHE A 1 28  ? 1.479   11.406  5.030   1.00 8.20  ? 165 PHE A N   1 
ATOM   200  C CA  . PHE A 1 28  ? 1.722   12.847  4.903   1.00 9.36  ? 165 PHE A CA  1 
ATOM   201  C C   . PHE A 1 28  ? 2.988   13.254  5.664   1.00 9.82  ? 165 PHE A C   1 
ATOM   202  O O   . PHE A 1 28  ? 3.885   13.908  5.116   1.00 7.80  ? 165 PHE A O   1 
ATOM   203  C CB  . PHE A 1 28  ? 0.514   13.630  5.455   1.00 7.82  ? 165 PHE A CB  1 
ATOM   204  C CG  . PHE A 1 28  ? 0.732   15.126  5.520   1.00 7.97  ? 165 PHE A CG  1 
ATOM   205  C CD1 . PHE A 1 28  ? 1.287   15.713  6.653   1.00 14.48 ? 165 PHE A CD1 1 
ATOM   206  C CD2 . PHE A 1 28  ? 0.392   15.940  4.439   1.00 12.10 ? 165 PHE A CD2 1 
ATOM   207  C CE1 . PHE A 1 28  ? 1.508   17.096  6.709   1.00 17.07 ? 165 PHE A CE1 1 
ATOM   208  C CE2 . PHE A 1 28  ? 0.610   17.332  4.492   1.00 12.63 ? 165 PHE A CE2 1 
ATOM   209  C CZ  . PHE A 1 28  ? 1.168   17.892  5.628   1.00 10.01 ? 165 PHE A CZ  1 
ATOM   210  N N   . GLN A 1 29  ? 3.060   12.862  6.933   1.00 7.84  ? 166 GLN A N   1 
ATOM   211  C CA  . GLN A 1 29  ? 4.197   13.205  7.774   1.00 9.67  ? 166 GLN A CA  1 
ATOM   212  C C   . GLN A 1 29  ? 5.524   12.662  7.262   1.00 11.38 ? 166 GLN A C   1 
ATOM   213  O O   . GLN A 1 29  ? 6.519   13.400  7.157   1.00 11.23 ? 166 GLN A O   1 
ATOM   214  C CB  . GLN A 1 29  ? 3.975   12.710  9.202   1.00 10.91 ? 166 GLN A CB  1 
ATOM   215  C CG  . GLN A 1 29  ? 3.031   13.575  9.985   1.00 18.10 ? 166 GLN A CG  1 
ATOM   216  C CD  . GLN A 1 29  ? 3.578   15.001  10.171  1.00 34.87 ? 166 GLN A CD  1 
ATOM   217  O OE1 . GLN A 1 29  ? 4.091   15.335  11.240  1.00 42.81 ? 166 GLN A OE1 1 
ATOM   218  N NE2 . GLN A 1 29  ? 3.477   15.837  9.132   1.00 32.60 ? 166 GLN A NE2 1 
ATOM   219  N N   . GLN A 1 30  ? 5.537   11.385  6.901   1.00 9.13  ? 167 GLN A N   1 
ATOM   220  C CA  . GLN A 1 30  ? 6.773   10.770  6.458   1.00 8.13  ? 167 GLN A CA  1 
ATOM   221  C C   . GLN A 1 30  ? 7.289   11.245  5.112   1.00 8.77  ? 167 GLN A C   1 
ATOM   222  O O   . GLN A 1 30  ? 8.508   11.353  4.913   1.00 9.77  ? 167 GLN A O   1 
ATOM   223  C CB  . GLN A 1 30  ? 6.652   9.260   6.562   1.00 8.05  ? 167 GLN A CB  1 
ATOM   224  C CG  . GLN A 1 30  ? 6.451   8.864   8.003   1.00 11.07 ? 167 GLN A CG  1 
ATOM   225  C CD  . GLN A 1 30  ? 6.377   7.365   8.222   1.00 12.90 ? 167 GLN A CD  1 
ATOM   226  O OE1 . GLN A 1 30  ? 6.903   6.586   7.427   1.00 10.57 ? 167 GLN A OE1 1 
ATOM   227  N NE2 . GLN A 1 30  ? 5.745   6.953   9.319   1.00 12.82 ? 167 GLN A NE2 1 
ATOM   228  N N   . ALA A 1 31  ? 6.376   11.599  4.216   1.00 7.44  ? 168 ALA A N   1 
ATOM   229  C CA  . ALA A 1 31  ? 6.778   12.122  2.901   1.00 8.42  ? 168 ALA A CA  1 
ATOM   230  C C   . ALA A 1 31  ? 7.396   13.523  3.079   1.00 9.57  ? 168 ALA A C   1 
ATOM   231  O O   . ALA A 1 31  ? 8.421   13.855  2.480   1.00 11.46 ? 168 ALA A O   1 
ATOM   232  C CB  . ALA A 1 31  ? 5.567   12.193  1.953   1.00 9.12  ? 168 ALA A CB  1 
ATOM   233  N N   . ARG A 1 32  ? 6.757   14.327  3.921   1.00 9.90  ? 169 ARG A N   1 
ATOM   234  C CA  . ARG A 1 32  ? 7.184   15.686  4.208   1.00 11.80 ? 169 ARG A CA  1 
ATOM   235  C C   . ARG A 1 32  ? 8.575   15.695  4.846   1.00 12.57 ? 169 ARG A C   1 
ATOM   236  O O   . ARG A 1 32  ? 9.408   16.544  4.516   1.00 12.02 ? 169 ARG A O   1 
ATOM   237  C CB  . ARG A 1 32  ? 6.164   16.315  5.161   1.00 15.49 ? 169 ARG A CB  1 
ATOM   238  C CG  . ARG A 1 32  ? 6.316   17.779  5.430   1.00 37.27 ? 169 ARG A CG  1 
ATOM   239  C CD  . ARG A 1 32  ? 5.314   18.225  6.484   1.00 52.08 ? 169 ARG A CD  1 
ATOM   240  N NE  . ARG A 1 32  ? 5.030   19.656  6.393   1.00 65.31 ? 169 ARG A NE  1 
ATOM   241  C CZ  . ARG A 1 32  ? 4.241   20.201  5.463   1.00 73.82 ? 169 ARG A CZ  1 
ATOM   242  N NH1 . ARG A 1 32  ? 3.658   19.427  4.545   1.00 74.58 ? 169 ARG A NH1 1 
ATOM   243  N NH2 . ARG A 1 32  ? 4.043   21.520  5.440   1.00 77.05 ? 169 ARG A NH2 1 
ATOM   244  N N   . ALA A 1 33  ? 8.831   14.728  5.728   1.00 10.85 ? 170 ALA A N   1 
ATOM   245  C CA  . ALA A 1 33  ? 10.103  14.624  6.438   1.00 10.67 ? 170 ALA A CA  1 
ATOM   246  C C   . ALA A 1 33  ? 11.286  14.422  5.502   1.00 11.92 ? 170 ALA A C   1 
ATOM   247  O O   . ALA A 1 33  ? 12.400  14.822  5.822   1.00 14.09 ? 170 ALA A O   1 
ATOM   248  C CB  . ALA A 1 33  ? 10.053  13.495  7.462   1.00 8.66  ? 170 ALA A CB  1 
ATOM   249  N N   . VAL A 1 34  ? 11.052  13.793  4.351   1.00 10.84 ? 171 VAL A N   1 
ATOM   250  C CA  . VAL A 1 34  ? 12.129  13.550  3.393   1.00 10.43 ? 171 VAL A CA  1 
ATOM   251  C C   . VAL A 1 34  ? 12.094  14.455  2.179   1.00 10.80 ? 171 VAL A C   1 
ATOM   252  O O   . VAL A 1 34  ? 12.702  14.168  1.155   1.00 12.10 ? 171 VAL A O   1 
ATOM   253  C CB  . VAL A 1 34  ? 12.219  12.054  2.988   1.00 11.31 ? 171 VAL A CB  1 
ATOM   254  C CG1 . VAL A 1 34  ? 12.500  11.227  4.226   1.00 14.10 ? 171 VAL A CG1 1 
ATOM   255  C CG2 . VAL A 1 34  ? 10.935  11.572  2.312   1.00 11.12 ? 171 VAL A CG2 1 
ATOM   256  N N   . GLY A 1 35  ? 11.318  15.516  2.271   1.00 12.04 ? 172 GLY A N   1 
ATOM   257  C CA  . GLY A 1 35  ? 11.286  16.465  1.179   1.00 13.35 ? 172 GLY A CA  1 
ATOM   258  C C   . GLY A 1 35  ? 10.555  16.088  -0.086  1.00 15.12 ? 172 GLY A C   1 
ATOM   259  O O   . GLY A 1 35  ? 10.801  16.690  -1.130  1.00 15.40 ? 172 GLY A O   1 
ATOM   260  N N   . LEU A 1 36  ? 9.671   15.098  -0.023  1.00 13.41 ? 173 LEU A N   1 
ATOM   261  C CA  . LEU A 1 36  ? 8.891   14.724  -1.203  1.00 15.44 ? 173 LEU A CA  1 
ATOM   262  C C   . LEU A 1 36  ? 7.742   15.711  -1.312  1.00 21.13 ? 173 LEU A C   1 
ATOM   263  O O   . LEU A 1 36  ? 7.100   16.032  -0.313  1.00 24.24 ? 173 LEU A O   1 
ATOM   264  C CB  . LEU A 1 36  ? 8.353   13.313  -1.071  1.00 14.81 ? 173 LEU A CB  1 
ATOM   265  C CG  . LEU A 1 36  ? 9.449   12.249  -1.037  1.00 19.11 ? 173 LEU A CG  1 
ATOM   266  C CD1 . LEU A 1 36  ? 8.826   10.861  -0.931  1.00 20.09 ? 173 LEU A CD1 1 
ATOM   267  C CD2 . LEU A 1 36  ? 10.321  12.349  -2.295  1.00 24.38 ? 173 LEU A CD2 1 
ATOM   268  N N   . SER A 1 37  ? 7.479   16.193  -2.523  1.00 26.10 ? 174 SER A N   1 
ATOM   269  C CA  . SER A 1 37  ? 6.434   17.196  -2.744  1.00 28.96 ? 174 SER A CA  1 
ATOM   270  C C   . SER A 1 37  ? 5.028   16.711  -3.093  1.00 28.64 ? 174 SER A C   1 
ATOM   271  O O   . SER A 1 37  ? 4.054   17.453  -2.925  1.00 33.02 ? 174 SER A O   1 
ATOM   272  C CB  . SER A 1 37  ? 6.900   18.193  -3.813  1.00 34.55 ? 174 SER A CB  1 
ATOM   273  O OG  . SER A 1 37  ? 8.124   18.809  -3.436  1.00 47.56 ? 174 SER A OG  1 
ATOM   274  N N   . GLY A 1 38  ? 4.913   15.499  -3.614  1.00 21.73 ? 175 GLY A N   1 
ATOM   275  C CA  . GLY A 1 38  ? 3.595   15.023  -3.981  1.00 23.45 ? 175 GLY A CA  1 
ATOM   276  C C   . GLY A 1 38  ? 2.652   14.767  -2.821  1.00 22.56 ? 175 GLY A C   1 
ATOM   277  O O   . GLY A 1 38  ? 3.047   14.828  -1.647  1.00 23.28 ? 175 GLY A O   1 
ATOM   278  N N   . THR A 1 39  ? 1.403   14.459  -3.166  1.00 19.93 ? 176 THR A N   1 
ATOM   279  C CA  . THR A 1 39  ? 0.364   14.143  -2.193  1.00 18.67 ? 176 THR A CA  1 
ATOM   280  C C   . THR A 1 39  ? 0.284   12.617  -2.053  1.00 13.33 ? 176 THR A C   1 
ATOM   281  O O   . THR A 1 39  ? -0.131  11.918  -2.970  1.00 15.59 ? 176 THR A O   1 
ATOM   282  C CB  . THR A 1 39  ? -1.011  14.694  -2.642  1.00 27.39 ? 176 THR A CB  1 
ATOM   283  O OG1 . THR A 1 39  ? -0.897  16.104  -2.904  1.00 33.04 ? 176 THR A OG1 1 
ATOM   284  C CG2 . THR A 1 39  ? -2.065  14.465  -1.548  1.00 29.21 ? 176 THR A CG2 1 
ATOM   285  N N   . PHE A 1 40  ? 0.698   12.115  -0.899  1.00 11.56 ? 177 PHE A N   1 
ATOM   286  C CA  . PHE A 1 40  ? 0.697   10.682  -0.634  1.00 10.99 ? 177 PHE A CA  1 
ATOM   287  C C   . PHE A 1 40  ? -0.450  10.253  0.250   1.00 12.80 ? 177 PHE A C   1 
ATOM   288  O O   . PHE A 1 40  ? -0.682  10.850  1.305   1.00 14.50 ? 177 PHE A O   1 
ATOM   289  C CB  . PHE A 1 40  ? 2.002   10.277  0.036   1.00 9.82  ? 177 PHE A CB  1 
ATOM   290  C CG  . PHE A 1 40  ? 3.188   10.341  -0.880  1.00 13.27 ? 177 PHE A CG  1 
ATOM   291  C CD1 . PHE A 1 40  ? 3.817   11.559  -1.137  1.00 11.48 ? 177 PHE A CD1 1 
ATOM   292  C CD2 . PHE A 1 40  ? 3.673   9.188   -1.488  1.00 11.67 ? 177 PHE A CD2 1 
ATOM   293  C CE1 . PHE A 1 40  ? 4.911   11.623  -1.984  1.00 13.02 ? 177 PHE A CE1 1 
ATOM   294  C CE2 . PHE A 1 40  ? 4.770   9.253   -2.334  1.00 15.24 ? 177 PHE A CE2 1 
ATOM   295  C CZ  . PHE A 1 40  ? 5.387   10.473  -2.581  1.00 12.92 ? 177 PHE A CZ  1 
ATOM   296  N N   . ARG A 1 41  ? -1.150  9.213   -0.182  1.00 8.14  ? 178 ARG A N   1 
ATOM   297  C CA  . ARG A 1 41  ? -2.255  8.660   0.576   1.00 9.25  ? 178 ARG A CA  1 
ATOM   298  C C   . ARG A 1 41  ? -1.970  7.180   0.868   1.00 9.34  ? 178 ARG A C   1 
ATOM   299  O O   . ARG A 1 41  ? -1.199  6.541   0.150   1.00 8.16  ? 178 ARG A O   1 
ATOM   300  C CB  . ARG A 1 41  ? -3.557  8.848   -0.205  1.00 15.01 ? 178 ARG A CB  1 
ATOM   301  C CG  . ARG A 1 41  ? -3.942  10.326  -0.339  1.00 22.66 ? 178 ARG A CG  1 
ATOM   302  C CD  . ARG A 1 41  ? -5.431  10.540  -0.460  1.00 28.20 ? 178 ARG A CD  1 
ATOM   303  N NE  . ARG A 1 41  ? -6.147  9.896   0.634   1.00 30.10 ? 178 ARG A NE  1 
ATOM   304  C CZ  . ARG A 1 41  ? -7.311  9.267   0.499   1.00 30.96 ? 178 ARG A CZ  1 
ATOM   305  N NH1 . ARG A 1 41  ? -7.894  9.205   -0.700  1.00 25.66 ? 178 ARG A NH1 1 
ATOM   306  N NH2 . ARG A 1 41  ? -7.875  8.674   1.553   1.00 28.72 ? 178 ARG A NH2 1 
ATOM   307  N N   . ALA A 1 42  ? -2.525  6.650   1.954   1.00 7.60  ? 179 ALA A N   1 
ATOM   308  C CA  . ALA A 1 42  ? -2.308  5.250   2.303   1.00 6.68  ? 179 ALA A CA  1 
ATOM   309  C C   . ALA A 1 42  ? -2.933  4.338   1.253   1.00 7.17  ? 179 ALA A C   1 
ATOM   310  O O   . ALA A 1 42  ? -4.037  4.594   0.771   1.00 8.52  ? 179 ALA A O   1 
ATOM   311  C CB  . ALA A 1 42  ? -2.879  4.955   3.685   1.00 7.71  ? 179 ALA A CB  1 
ATOM   312  N N   . PHE A 1 43  ? -2.187  3.293   0.887   1.00 6.55  ? 180 PHE A N   1 
ATOM   313  C CA  . PHE A 1 43  ? -2.578  2.272   -0.092  1.00 8.23  ? 180 PHE A CA  1 
ATOM   314  C C   . PHE A 1 43  ? -3.519  1.285   0.644   1.00 7.43  ? 180 PHE A C   1 
ATOM   315  O O   . PHE A 1 43  ? -3.118  0.188   1.020   1.00 8.61  ? 180 PHE A O   1 
ATOM   316  C CB  . PHE A 1 43  ? -1.276  1.570   -0.561  1.00 7.58  ? 180 PHE A CB  1 
ATOM   317  C CG  . PHE A 1 43  ? -1.450  0.575   -1.697  1.00 7.95  ? 180 PHE A CG  1 
ATOM   318  C CD1 . PHE A 1 43  ? -1.546  1.005   -3.026  1.00 10.05 ? 180 PHE A CD1 1 
ATOM   319  C CD2 . PHE A 1 43  ? -1.459  -0.792  -1.439  1.00 10.04 ? 180 PHE A CD2 1 
ATOM   320  C CE1 . PHE A 1 43  ? -1.634  0.079   -4.089  1.00 13.92 ? 180 PHE A CE1 1 
ATOM   321  C CE2 . PHE A 1 43  ? -1.544  -1.719  -2.488  1.00 12.57 ? 180 PHE A CE2 1 
ATOM   322  C CZ  . PHE A 1 43  ? -1.629  -1.276  -3.817  1.00 10.87 ? 180 PHE A CZ  1 
ATOM   323  N N   . LEU A 1 44  ? -4.757  1.700   0.885   1.00 7.22  ? 181 LEU A N   1 
ATOM   324  C CA  . LEU A 1 44  ? -5.706  0.871   1.617   1.00 6.87  ? 181 LEU A CA  1 
ATOM   325  C C   . LEU A 1 44  ? -7.127  1.221   1.202   1.00 9.21  ? 181 LEU A C   1 
ATOM   326  O O   . LEU A 1 44  ? -7.391  2.364   0.822   1.00 9.14  ? 181 LEU A O   1 
ATOM   327  C CB  . LEU A 1 44  ? -5.627  1.206   3.128   1.00 8.00  ? 181 LEU A CB  1 
ATOM   328  C CG  . LEU A 1 44  ? -4.343  1.068   3.956   1.00 6.24  ? 181 LEU A CG  1 
ATOM   329  C CD1 . LEU A 1 44  ? -4.464  1.779   5.300   1.00 6.93  ? 181 LEU A CD1 1 
ATOM   330  C CD2 . LEU A 1 44  ? -4.034  -0.406  4.152   1.00 9.85  ? 181 LEU A CD2 1 
ATOM   331  N N   . SER A 1 45  ? -8.029  0.235   1.219   1.00 7.07  ? 182 SER A N   1 
ATOM   332  C CA  . SER A 1 45  ? -9.448  0.529   0.997   1.00 7.88  ? 182 SER A CA  1 
ATOM   333  C C   . SER A 1 45  ? -9.981  0.836   2.410   1.00 10.02 ? 182 SER A C   1 
ATOM   334  O O   . SER A 1 45  ? -9.401  0.392   3.408   1.00 11.73 ? 182 SER A O   1 
ATOM   335  C CB  . SER A 1 45  ? -10.199 -0.685  0.447   1.00 8.40  ? 182 SER A CB  1 
ATOM   336  O OG  . SER A 1 45  ? -10.043 -0.808  -0.950  1.00 8.46  ? 182 SER A OG  1 
ATOM   337  N N   . SER A 1 46  ? -11.060 1.599   2.512   1.00 9.61  ? 183 SER A N   1 
ATOM   338  C CA  . SER A 1 46  ? -11.648 1.896   3.818   1.00 10.74 ? 183 SER A CA  1 
ATOM   339  C C   . SER A 1 46  ? -13.164 1.992   3.635   1.00 10.89 ? 183 SER A C   1 
ATOM   340  O O   . SER A 1 46  ? -13.662 1.806   2.533   1.00 10.38 ? 183 SER A O   1 
ATOM   341  C CB  . SER A 1 46  ? -11.059 3.179   4.423   1.00 16.99 ? 183 SER A CB  1 
ATOM   342  O OG  . SER A 1 46  ? -11.195 4.303   3.548   1.00 22.50 ? 183 SER A OG  1 
ATOM   343  N N   . ARG A 1 47  ? -13.894 2.287   4.706   1.00 13.32 ? 184 ARG A N   1 
ATOM   344  C CA  . ARG A 1 47  ? -15.349 2.350   4.623   1.00 13.60 ? 184 ARG A CA  1 
ATOM   345  C C   . ARG A 1 47  ? -15.943 3.146   3.464   1.00 12.92 ? 184 ARG A C   1 
ATOM   346  O O   . ARG A 1 47  ? -16.852 2.671   2.793   1.00 16.34 ? 184 ARG A O   1 
ATOM   347  C CB  . ARG A 1 47  ? -15.943 2.839   5.954   1.00 21.11 ? 184 ARG A CB  1 
ATOM   348  C CG  . ARG A 1 47  ? -17.464 3.042   5.924   1.00 31.07 ? 184 ARG A CG  1 
ATOM   349  C CD  . ARG A 1 47  ? -18.061 3.090   7.332   1.00 51.84 ? 184 ARG A CD  1 
ATOM   350  N NE  . ARG A 1 47  ? -17.854 1.824   8.053   1.00 75.25 ? 184 ARG A NE  1 
ATOM   351  C CZ  . ARG A 1 47  ? -18.579 0.709   7.888   1.00 83.77 ? 184 ARG A CZ  1 
ATOM   352  N NH1 . ARG A 1 47  ? -19.596 0.675   7.023   1.00 84.96 ? 184 ARG A NH1 1 
ATOM   353  N NH2 . ARG A 1 47  ? -18.246 -0.399  8.550   1.00 85.63 ? 184 ARG A NH2 1 
ATOM   354  N N   . LEU A 1 48  ? -15.422 4.345   3.222   1.00 12.43 ? 185 LEU A N   1 
ATOM   355  C CA  . LEU A 1 48  ? -15.938 5.205   2.162   1.00 15.55 ? 185 LEU A CA  1 
ATOM   356  C C   . LEU A 1 48  ? -15.044 5.310   0.932   1.00 15.27 ? 185 LEU A C   1 
ATOM   357  O O   . LEU A 1 48  ? -15.339 6.064   0.006   1.00 17.36 ? 185 LEU A O   1 
ATOM   358  C CB  . LEU A 1 48  ? -16.107 6.610   2.718   1.00 17.61 ? 185 LEU A CB  1 
ATOM   359  C CG  . LEU A 1 48  ? -17.030 6.717   3.915   1.00 22.06 ? 185 LEU A CG  1 
ATOM   360  C CD1 . LEU A 1 48  ? -16.880 8.119   4.475   1.00 23.60 ? 185 LEU A CD1 1 
ATOM   361  C CD2 . LEU A 1 48  ? -18.474 6.420   3.491   1.00 23.85 ? 185 LEU A CD2 1 
ATOM   362  N N   . GLN A 1 49  ? -14.027 4.475   0.849   1.00 12.21 ? 186 GLN A N   1 
ATOM   363  C CA  . GLN A 1 49  ? -13.096 4.605   -0.245  1.00 13.64 ? 186 GLN A CA  1 
ATOM   364  C C   . GLN A 1 49  ? -12.534 3.291   -0.765  1.00 11.79 ? 186 GLN A C   1 
ATOM   365  O O   . GLN A 1 49  ? -12.054 2.482   0.011   1.00 14.24 ? 186 GLN A O   1 
ATOM   366  C CB  . GLN A 1 49  ? -11.932 5.478   0.265   1.00 22.75 ? 186 GLN A CB  1 
ATOM   367  C CG  . GLN A 1 49  ? -10.735 5.587   -0.644  1.00 37.49 ? 186 GLN A CG  1 
ATOM   368  C CD  . GLN A 1 49  ? -10.815 6.772   -1.580  1.00 46.69 ? 186 GLN A CD  1 
ATOM   369  O OE1 . GLN A 1 49  ? -10.403 7.884   -1.223  1.00 52.06 ? 186 GLN A OE1 1 
ATOM   370  N NE2 . GLN A 1 49  ? -11.290 6.539   -2.804  1.00 48.85 ? 186 GLN A NE2 1 
ATOM   371  N N   . ASP A 1 50  ? -12.633 3.073   -2.068  1.00 10.45 ? 187 ASP A N   1 
ATOM   372  C CA  . ASP A 1 50  ? -12.034 1.894   -2.682  1.00 10.04 ? 187 ASP A CA  1 
ATOM   373  C C   . ASP A 1 50  ? -10.592 2.303   -2.993  1.00 10.87 ? 187 ASP A C   1 
ATOM   374  O O   . ASP A 1 50  ? -10.331 3.426   -3.430  1.00 11.85 ? 187 ASP A O   1 
ATOM   375  C CB  . ASP A 1 50  ? -12.708 1.560   -4.007  1.00 13.26 ? 187 ASP A CB  1 
ATOM   376  C CG  . ASP A 1 50  ? -14.126 1.112   -3.835  1.00 15.08 ? 187 ASP A CG  1 
ATOM   377  O OD1 . ASP A 1 50  ? -14.374 0.264   -2.956  1.00 14.31 ? 187 ASP A OD1 1 
ATOM   378  O OD2 . ASP A 1 50  ? -15.002 1.609   -4.565  1.00 21.37 ? 187 ASP A OD2 1 
ATOM   379  N N   . LEU A 1 51  ? -9.653  1.404   -2.754  1.00 10.75 ? 188 LEU A N   1 
ATOM   380  C CA  . LEU A 1 51  ? -8.244  1.664   -3.036  1.00 8.93  ? 188 LEU A CA  1 
ATOM   381  C C   . LEU A 1 51  ? -8.065  2.128   -4.493  1.00 10.07 ? 188 LEU A C   1 
ATOM   382  O O   . LEU A 1 51  ? -7.311  3.062   -4.773  1.00 10.11 ? 188 LEU A O   1 
ATOM   383  C CB  . LEU A 1 51  ? -7.450  0.377   -2.814  1.00 9.42  ? 188 LEU A CB  1 
ATOM   384  C CG  . LEU A 1 51  ? -6.005  0.246   -3.310  1.00 11.08 ? 188 LEU A CG  1 
ATOM   385  C CD1 . LEU A 1 51  ? -5.161  1.368   -2.731  1.00 14.34 ? 188 LEU A CD1 1 
ATOM   386  C CD2 . LEU A 1 51  ? -5.465  -1.113  -2.859  1.00 13.25 ? 188 LEU A CD2 1 
ATOM   387  N N   . TYR A 1 52  ? -8.797  1.504   -5.408  1.00 8.69  ? 189 TYR A N   1 
ATOM   388  C CA  . TYR A 1 52  ? -8.675  1.849   -6.825  1.00 10.49 ? 189 TYR A CA  1 
ATOM   389  C C   . TYR A 1 52  ? -8.853  3.333   -7.158  1.00 11.00 ? 189 TYR A C   1 
ATOM   390  O O   . TYR A 1 52  ? -8.131  3.887   -7.991  1.00 11.72 ? 189 TYR A O   1 
ATOM   391  C CB  . TYR A 1 52  ? -9.639  1.007   -7.673  1.00 10.54 ? 189 TYR A CB  1 
ATOM   392  C CG  . TYR A 1 52  ? -9.535  1.352   -9.138  1.00 17.51 ? 189 TYR A CG  1 
ATOM   393  C CD1 . TYR A 1 52  ? -8.456  0.903   -9.917  1.00 17.16 ? 189 TYR A CD1 1 
ATOM   394  C CD2 . TYR A 1 52  ? -10.492 2.172   -9.743  1.00 19.22 ? 189 TYR A CD2 1 
ATOM   395  C CE1 . TYR A 1 52  ? -8.333  1.275   -11.263 1.00 17.25 ? 189 TYR A CE1 1 
ATOM   396  C CE2 . TYR A 1 52  ? -10.374 2.548   -11.078 1.00 21.20 ? 189 TYR A CE2 1 
ATOM   397  C CZ  . TYR A 1 52  ? -9.297  2.100   -11.828 1.00 20.23 ? 189 TYR A CZ  1 
ATOM   398  O OH  . TYR A 1 52  ? -9.220  2.512   -13.130 1.00 17.62 ? 189 TYR A OH  1 
ATOM   399  N N   . SER A 1 53  ? -9.782  3.979   -6.466  1.00 10.73 ? 190 SER A N   1 
ATOM   400  C CA  . SER A 1 53  ? -10.117 5.379   -6.701  1.00 9.77  ? 190 SER A CA  1 
ATOM   401  C C   . SER A 1 53  ? -9.214  6.429   -6.122  1.00 10.02 ? 190 SER A C   1 
ATOM   402  O O   . SER A 1 53  ? -9.432  7.614   -6.378  1.00 12.81 ? 190 SER A O   1 
ATOM   403  C CB  . SER A 1 53  ? -11.521 5.643   -6.172  1.00 13.82 ? 190 SER A CB  1 
ATOM   404  O OG  . SER A 1 53  ? -12.467 4.899   -6.909  1.00 28.12 ? 190 SER A OG  1 
ATOM   405  N N   . ILE A 1 54  ? -8.214  6.022   -5.345  1.00 10.13 ? 191 ILE A N   1 
ATOM   406  C CA  . ILE A 1 54  ? -7.297  6.957   -4.686  1.00 11.69 ? 191 ILE A CA  1 
ATOM   407  C C   . ILE A 1 54  ? -6.442  7.790   -5.648  1.00 16.53 ? 191 ILE A C   1 
ATOM   408  O O   . ILE A 1 54  ? -6.100  8.935   -5.332  1.00 17.93 ? 191 ILE A O   1 
ATOM   409  C CB  . ILE A 1 54  ? -6.385  6.227   -3.681  1.00 12.50 ? 191 ILE A CB  1 
ATOM   410  C CG1 . ILE A 1 54  ? -7.201  5.743   -2.488  1.00 14.35 ? 191 ILE A CG1 1 
ATOM   411  C CG2 . ILE A 1 54  ? -5.280  7.136   -3.204  1.00 22.45 ? 191 ILE A CG2 1 
ATOM   412  C CD1 . ILE A 1 54  ? -6.356  4.985   -1.491  1.00 19.08 ? 191 ILE A CD1 1 
ATOM   413  N N   . VAL A 1 55  ? -6.058  7.202   -6.781  1.00 14.25 ? 192 VAL A N   1 
ATOM   414  C CA  . VAL A 1 55  ? -5.266  7.903   -7.793  1.00 13.18 ? 192 VAL A CA  1 
ATOM   415  C C   . VAL A 1 55  ? -6.210  8.640   -8.751  1.00 13.46 ? 192 VAL A C   1 
ATOM   416  O O   . VAL A 1 55  ? -7.201  8.064   -9.193  1.00 14.59 ? 192 VAL A O   1 
ATOM   417  C CB  . VAL A 1 55  ? -4.361  6.906   -8.572  1.00 10.04 ? 192 VAL A CB  1 
ATOM   418  C CG1 . VAL A 1 55  ? -3.779  7.559   -9.825  1.00 11.77 ? 192 VAL A CG1 1 
ATOM   419  C CG2 . VAL A 1 55  ? -3.238  6.415   -7.648  1.00 11.81 ? 192 VAL A CG2 1 
ATOM   420  N N   . ARG A 1 56  ? -5.922  9.917   -9.019  1.00 15.32 ? 193 ARG A N   1 
ATOM   421  C CA  . ARG A 1 56  ? -6.740  10.757  -9.916  1.00 15.89 ? 193 ARG A CA  1 
ATOM   422  C C   . ARG A 1 56  ? -7.013  10.023  -11.208 1.00 17.12 ? 193 ARG A C   1 
ATOM   423  O O   . ARG A 1 56  ? -6.111  9.407   -11.784 1.00 16.17 ? 193 ARG A O   1 
ATOM   424  C CB  . ARG A 1 56  ? -6.029  12.085  -10.231 1.00 20.17 ? 193 ARG A CB  1 
ATOM   425  C CG  . ARG A 1 56  ? -5.847  13.037  -9.048  0.00 17.65 ? 193 ARG A CG  1 
ATOM   426  C CD  . ARG A 1 56  ? -7.175  13.505  -8.459  0.00 16.70 ? 193 ARG A CD  1 
ATOM   427  N NE  . ARG A 1 56  ? -7.740  12.534  -7.527  0.00 15.78 ? 193 ARG A NE  1 
ATOM   428  C CZ  . ARG A 1 56  ? -7.353  12.399  -6.261  0.00 15.27 ? 193 ARG A CZ  1 
ATOM   429  N NH1 . ARG A 1 56  ? -6.398  13.176  -5.758  0.00 15.06 ? 193 ARG A NH1 1 
ATOM   430  N NH2 . ARG A 1 56  ? -7.912  11.470  -5.504  0.00 15.06 ? 193 ARG A NH2 1 
ATOM   431  N N   . ARG A 1 57  ? -8.250  10.125  -11.687 1.00 17.83 ? 194 ARG A N   1 
ATOM   432  C CA  . ARG A 1 57  ? -8.668  9.430   -12.906 1.00 19.92 ? 194 ARG A CA  1 
ATOM   433  C C   . ARG A 1 57  ? -7.724  9.623   -14.096 1.00 19.00 ? 194 ARG A C   1 
ATOM   434  O O   . ARG A 1 57  ? -7.408  8.664   -14.806 1.00 18.27 ? 194 ARG A O   1 
ATOM   435  C CB  . ARG A 1 57  ? -10.109 9.821   -13.289 1.00 21.81 ? 194 ARG A CB  1 
ATOM   436  C CG  . ARG A 1 57  ? -10.617 9.206   -14.580 0.00 19.23 ? 194 ARG A CG  1 
ATOM   437  C CD  . ARG A 1 57  ? -12.030 9.673   -14.875 0.00 17.77 ? 194 ARG A CD  1 
ATOM   438  N NE  . ARG A 1 57  ? -12.514 9.178   -16.160 0.00 16.39 ? 194 ARG A NE  1 
ATOM   439  C CZ  . ARG A 1 57  ? -13.792 9.182   -16.531 0.00 15.52 ? 194 ARG A CZ  1 
ATOM   440  N NH1 . ARG A 1 57  ? -14.727 9.657   -15.712 0.00 15.16 ? 194 ARG A NH1 1 
ATOM   441  N NH2 . ARG A 1 57  ? -14.135 8.723   -17.728 0.00 15.16 ? 194 ARG A NH2 1 
ATOM   442  N N   . ALA A 1 58  ? -7.251  10.851  -14.287 1.00 18.54 ? 195 ALA A N   1 
ATOM   443  C CA  . ALA A 1 58  ? -6.358  11.143  -15.398 1.00 18.53 ? 195 ALA A CA  1 
ATOM   444  C C   . ALA A 1 58  ? -4.994  10.457  -15.324 1.00 19.26 ? 195 ALA A C   1 
ATOM   445  O O   . ALA A 1 58  ? -4.333  10.282  -16.352 1.00 21.44 ? 195 ALA A O   1 
ATOM   446  C CB  . ALA A 1 58  ? -6.184  12.633  -15.535 1.00 20.42 ? 195 ALA A CB  1 
ATOM   447  N N   . ASP A 1 59  ? -4.600  10.013  -14.136 1.00 15.48 ? 196 ASP A N   1 
ATOM   448  C CA  . ASP A 1 59  ? -3.306  9.373   -13.966 1.00 14.34 ? 196 ASP A CA  1 
ATOM   449  C C   . ASP A 1 59  ? -3.374  7.871   -13.815 1.00 13.66 ? 196 ASP A C   1 
ATOM   450  O O   . ASP A 1 59  ? -2.358  7.240   -13.576 1.00 16.79 ? 196 ASP A O   1 
ATOM   451  C CB  . ASP A 1 59  ? -2.594  9.956   -12.743 1.00 14.53 ? 196 ASP A CB  1 
ATOM   452  C CG  . ASP A 1 59  ? -2.249  11.423  -12.913 1.00 25.06 ? 196 ASP A CG  1 
ATOM   453  O OD1 . ASP A 1 59  ? -2.003  11.848  -14.059 1.00 31.54 ? 196 ASP A OD1 1 
ATOM   454  O OD2 . ASP A 1 59  ? -2.241  12.156  -11.911 1.00 23.54 ? 196 ASP A OD2 1 
ATOM   455  N N   . ARG A 1 60  ? -4.543  7.280   -14.011 1.00 13.68 ? 197 ARG A N   1 
ATOM   456  C CA  . ARG A 1 60  ? -4.695  5.840   -13.827 1.00 12.56 ? 197 ARG A CA  1 
ATOM   457  C C   . ARG A 1 60  ? -4.270  4.930   -14.968 1.00 14.21 ? 197 ARG A C   1 
ATOM   458  O O   . ARG A 1 60  ? -3.833  3.813   -14.734 1.00 12.84 ? 197 ARG A O   1 
ATOM   459  C CB  . ARG A 1 60  ? -6.146  5.513   -13.494 1.00 11.95 ? 197 ARG A CB  1 
ATOM   460  C CG  . ARG A 1 60  ? -6.652  6.144   -12.235 1.00 11.67 ? 197 ARG A CG  1 
ATOM   461  C CD  . ARG A 1 60  ? -8.082  5.734   -11.965 1.00 16.62 ? 197 ARG A CD  1 
ATOM   462  N NE  . ARG A 1 60  ? -8.604  6.515   -10.855 1.00 19.60 ? 197 ARG A NE  1 
ATOM   463  C CZ  . ARG A 1 60  ? -9.891  6.747   -10.623 1.00 21.25 ? 197 ARG A CZ  1 
ATOM   464  N NH1 . ARG A 1 60  ? -10.817 6.253   -11.436 1.00 22.10 ? 197 ARG A NH1 1 
ATOM   465  N NH2 . ARG A 1 60  ? -10.254 7.460   -9.559  1.00 19.31 ? 197 ARG A NH2 1 
ATOM   466  N N   . GLY A 1 61  ? -4.339  5.417   -16.197 1.00 16.37 ? 198 GLY A N   1 
ATOM   467  C CA  . GLY A 1 61  ? -4.050  4.537   -17.304 1.00 15.07 ? 198 GLY A CA  1 
ATOM   468  C C   . GLY A 1 61  ? -2.685  4.516   -17.927 1.00 17.12 ? 198 GLY A C   1 
ATOM   469  O O   . GLY A 1 61  ? -2.312  3.507   -18.505 1.00 21.05 ? 198 GLY A O   1 
ATOM   470  N N   . SER A 1 62  ? -1.903  5.567   -17.791 1.00 17.39 ? 199 SER A N   1 
ATOM   471  C CA  . SER A 1 62  ? -0.633  5.523   -18.469 1.00 20.73 ? 199 SER A CA  1 
ATOM   472  C C   . SER A 1 62  ? 0.513   6.178   -17.758 1.00 20.82 ? 199 SER A C   1 
ATOM   473  O O   . SER A 1 62  ? 1.464   6.624   -18.400 1.00 22.75 ? 199 SER A O   1 
ATOM   474  C CB  . SER A 1 62  ? -0.796  6.132   -19.856 1.00 28.27 ? 199 SER A CB  1 
ATOM   475  O OG  . SER A 1 62  ? -1.308  7.443   -19.729 1.00 37.53 ? 199 SER A OG  1 
ATOM   476  N N   . VAL A 1 63  ? 0.431   6.262   -16.438 1.00 16.33 ? 200 VAL A N   1 
ATOM   477  C CA  . VAL A 1 63  ? 1.520   6.845   -15.676 1.00 13.69 ? 200 VAL A CA  1 
ATOM   478  C C   . VAL A 1 63  ? 2.227   5.695   -14.930 1.00 12.91 ? 200 VAL A C   1 
ATOM   479  O O   . VAL A 1 63  ? 1.620   5.012   -14.109 1.00 11.93 ? 200 VAL A O   1 
ATOM   480  C CB  . VAL A 1 63  ? 1.024   7.936   -14.694 1.00 13.63 ? 200 VAL A CB  1 
ATOM   481  C CG1 . VAL A 1 63  ? 2.174   8.449   -13.867 1.00 11.91 ? 200 VAL A CG1 1 
ATOM   482  C CG2 . VAL A 1 63  ? 0.403   9.105   -15.465 1.00 15.70 ? 200 VAL A CG2 1 
ATOM   483  N N   . PRO A 1 64  ? 3.497   5.421   -15.259 1.00 10.78 ? 201 PRO A N   1 
ATOM   484  C CA  . PRO A 1 64  ? 4.169   4.333   -14.558 1.00 11.08 ? 201 PRO A CA  1 
ATOM   485  C C   . PRO A 1 64  ? 4.263   4.502   -13.050 1.00 9.78  ? 201 PRO A C   1 
ATOM   486  O O   . PRO A 1 64  ? 4.362   5.615   -12.545 1.00 10.76 ? 201 PRO A O   1 
ATOM   487  C CB  . PRO A 1 64  ? 5.552   4.290   -15.221 1.00 11.01 ? 201 PRO A CB  1 
ATOM   488  C CG  . PRO A 1 64  ? 5.740   5.642   -15.782 1.00 16.40 ? 201 PRO A CG  1 
ATOM   489  C CD  . PRO A 1 64  ? 4.370   6.008   -16.290 1.00 9.78  ? 201 PRO A CD  1 
ATOM   490  N N   . ILE A 1 65  ? 4.201   3.381   -12.341 1.00 9.72  ? 202 ILE A N   1 
ATOM   491  C CA  . ILE A 1 65  ? 4.331   3.365   -10.886 1.00 11.47 ? 202 ILE A CA  1 
ATOM   492  C C   . ILE A 1 65  ? 5.784   2.993   -10.617 1.00 9.90  ? 202 ILE A C   1 
ATOM   493  O O   . ILE A 1 65  ? 6.274   1.985   -11.129 1.00 9.51  ? 202 ILE A O   1 
ATOM   494  C CB  . ILE A 1 65  ? 3.416   2.296   -10.231 1.00 12.59 ? 202 ILE A CB  1 
ATOM   495  C CG1 . ILE A 1 65  ? 1.947   2.495   -10.678 1.00 12.81 ? 202 ILE A CG1 1 
ATOM   496  C CG2 . ILE A 1 65  ? 3.568   2.329   -8.701  1.00 10.13 ? 202 ILE A CG2 1 
ATOM   497  C CD1 . ILE A 1 65  ? 1.295   3.813   -10.268 1.00 12.75 ? 202 ILE A CD1 1 
ATOM   498  N N   . VAL A 1 66  ? 6.465   3.799   -9.809  1.00 8.31  ? 203 VAL A N   1 
ATOM   499  C CA  . VAL A 1 66  ? 7.878   3.578   -9.500  1.00 8.59  ? 203 VAL A CA  1 
ATOM   500  C C   . VAL A 1 66  ? 8.106   3.592   -8.002  1.00 8.32  ? 203 VAL A C   1 
ATOM   501  O O   . VAL A 1 66  ? 7.253   4.058   -7.239  1.00 9.94  ? 203 VAL A O   1 
ATOM   502  C CB  . VAL A 1 66  ? 8.805   4.699   -10.143 1.00 9.06  ? 203 VAL A CB  1 
ATOM   503  C CG1 . VAL A 1 66  ? 8.558   4.797   -11.641 1.00 9.64  ? 203 VAL A CG1 1 
ATOM   504  C CG2 . VAL A 1 66  ? 8.585   6.063   -9.474  1.00 10.29 ? 203 VAL A CG2 1 
ATOM   505  N N   . ASN A 1 67  ? 9.225   3.030   -7.573  1.00 7.22  ? 204 ASN A N   1 
ATOM   506  C CA  . ASN A 1 67  ? 9.560   3.061   -6.160  1.00 6.18  ? 204 ASN A CA  1 
ATOM   507  C C   . ASN A 1 67  ? 10.271  4.394   -5.823  1.00 7.48  ? 204 ASN A C   1 
ATOM   508  O O   . ASN A 1 67  ? 10.404  5.271   -6.689  1.00 8.60  ? 204 ASN A O   1 
ATOM   509  C CB  . ASN A 1 67  ? 10.356  1.817   -5.729  1.00 7.17  ? 204 ASN A CB  1 
ATOM   510  C CG  . ASN A 1 67  ? 11.715  1.717   -6.385  1.00 10.87 ? 204 ASN A CG  1 
ATOM   511  O OD1 . ASN A 1 67  ? 12.285  2.712   -6.842  1.00 10.05 ? 204 ASN A OD1 1 
ATOM   512  N ND2 . ASN A 1 67  ? 12.275  0.517   -6.372  1.00 11.25 ? 204 ASN A ND2 1 
ATOM   513  N N   . LEU A 1 68  ? 10.719  4.539   -4.578  1.00 8.24  ? 205 LEU A N   1 
ATOM   514  C CA  . LEU A 1 68  ? 11.379  5.749   -4.108  1.00 10.00 ? 205 LEU A CA  1 
ATOM   515  C C   . LEU A 1 68  ? 12.571  6.154   -4.981  1.00 12.19 ? 205 LEU A C   1 
ATOM   516  O O   . LEU A 1 68  ? 12.848  7.345   -5.145  1.00 13.21 ? 205 LEU A O   1 
ATOM   517  C CB  . LEU A 1 68  ? 11.847  5.537   -2.672  1.00 11.80 ? 205 LEU A CB  1 
ATOM   518  C CG  . LEU A 1 68  ? 12.520  6.730   -1.978  1.00 13.04 ? 205 LEU A CG  1 
ATOM   519  C CD1 . LEU A 1 68  ? 11.478  7.780   -1.665  1.00 19.40 ? 205 LEU A CD1 1 
ATOM   520  C CD2 . LEU A 1 68  ? 13.227  6.272   -0.704  1.00 14.64 ? 205 LEU A CD2 1 
ATOM   521  N N   . LYS A 1 69  ? 13.288  5.153   -5.490  1.00 10.81 ? 206 LYS A N   1 
ATOM   522  C CA  . LYS A 1 69  ? 14.468  5.357   -6.333  1.00 13.25 ? 206 LYS A CA  1 
ATOM   523  C C   . LYS A 1 69  ? 14.143  5.428   -7.827  1.00 15.01 ? 206 LYS A C   1 
ATOM   524  O O   . LYS A 1 69  ? 15.043  5.331   -8.668  1.00 14.89 ? 206 LYS A O   1 
ATOM   525  C CB  . LYS A 1 69  ? 15.496  4.257   -6.065  1.00 13.08 ? 206 LYS A CB  1 
ATOM   526  C CG  . LYS A 1 69  ? 16.067  4.299   -4.635  1.00 23.58 ? 206 LYS A CG  1 
ATOM   527  C CD  . LYS A 1 69  ? 17.058  3.175   -4.374  1.00 35.02 ? 206 LYS A CD  1 
ATOM   528  C CE  . LYS A 1 69  ? 17.898  3.451   -3.125  1.00 46.91 ? 206 LYS A CE  1 
ATOM   529  N NZ  . LYS A 1 69  ? 17.071  3.809   -1.929  1.00 57.40 ? 206 LYS A NZ  1 
ATOM   530  N N   . ASP A 1 70  ? 12.869  5.625   -8.147  1.00 10.24 ? 207 ASP A N   1 
ATOM   531  C CA  . ASP A 1 70  ? 12.397  5.729   -9.522  1.00 10.26 ? 207 ASP A CA  1 
ATOM   532  C C   . ASP A 1 70  ? 12.520  4.471   -10.367 1.00 11.53 ? 207 ASP A C   1 
ATOM   533  O O   . ASP A 1 70  ? 12.510  4.547   -11.594 1.00 14.87 ? 207 ASP A O   1 
ATOM   534  C CB  . ASP A 1 70  ? 13.015  6.936   -10.265 1.00 10.80 ? 207 ASP A CB  1 
ATOM   535  C CG  . ASP A 1 70  ? 12.526  8.273   -9.736  1.00 16.79 ? 207 ASP A CG  1 
ATOM   536  O OD1 . ASP A 1 70  ? 11.546  8.323   -8.981  1.00 16.98 ? 207 ASP A OD1 1 
ATOM   537  O OD2 . ASP A 1 70  ? 13.119  9.305   -10.084 1.00 19.23 ? 207 ASP A OD2 1 
ATOM   538  N N   . GLU A 1 71  ? 12.646  3.316   -9.725  1.00 9.33  ? 208 GLU A N   1 
ATOM   539  C CA  . GLU A 1 71  ? 12.701  2.049   -10.453 1.00 9.28  ? 208 GLU A CA  1 
ATOM   540  C C   . GLU A 1 71  ? 11.264  1.683   -10.788 1.00 11.06 ? 208 GLU A C   1 
ATOM   541  O O   . GLU A 1 71  ? 10.375  1.717   -9.917  1.00 10.86 ? 208 GLU A O   1 
ATOM   542  C CB  . GLU A 1 71  ? 13.354  0.984   -9.589  1.00 10.70 ? 208 GLU A CB  1 
ATOM   543  C CG  . GLU A 1 71  ? 14.758  1.420   -9.213  1.00 13.38 ? 208 GLU A CG  1 
ATOM   544  C CD  . GLU A 1 71  ? 15.489  0.498   -8.268  1.00 22.15 ? 208 GLU A CD  1 
ATOM   545  O OE1 . GLU A 1 71  ? 14.857  -0.257  -7.472  1.00 15.62 ? 208 GLU A OE1 1 
ATOM   546  O OE2 . GLU A 1 71  ? 16.740  0.558   -8.317  1.00 27.12 ? 208 GLU A OE2 1 
ATOM   547  N N   . VAL A 1 72  ? 11.021  1.379   -12.057 1.00 9.59  ? 209 VAL A N   1 
ATOM   548  C CA  . VAL A 1 72  ? 9.677   1.078   -12.522 1.00 10.86 ? 209 VAL A CA  1 
ATOM   549  C C   . VAL A 1 72  ? 9.145   -0.227  -11.987 1.00 13.44 ? 209 VAL A C   1 
ATOM   550  O O   . VAL A 1 72  ? 9.809   -1.266  -12.093 1.00 14.37 ? 209 VAL A O   1 
ATOM   551  C CB  . VAL A 1 72  ? 9.597   1.106   -14.059 1.00 11.29 ? 209 VAL A CB  1 
ATOM   552  C CG1 . VAL A 1 72  ? 8.151   0.915   -14.531 1.00 11.00 ? 209 VAL A CG1 1 
ATOM   553  C CG2 . VAL A 1 72  ? 10.178  2.416   -14.578 1.00 11.82 ? 209 VAL A CG2 1 
ATOM   554  N N   . LEU A 1 73  ? 7.955   -0.157  -11.386 1.00 10.99 ? 210 LEU A N   1 
ATOM   555  C CA  . LEU A 1 73  ? 7.286   -1.325  -10.790 1.00 11.77 ? 210 LEU A CA  1 
ATOM   556  C C   . LEU A 1 73  ? 6.148   -1.848  -11.648 1.00 11.30 ? 210 LEU A C   1 
ATOM   557  O O   . LEU A 1 73  ? 5.925   -3.049  -11.732 1.00 13.41 ? 210 LEU A O   1 
ATOM   558  C CB  . LEU A 1 73  ? 6.730   -0.977  -9.400  1.00 10.60 ? 210 LEU A CB  1 
ATOM   559  C CG  . LEU A 1 73  ? 7.716   -0.400  -8.387  1.00 11.69 ? 210 LEU A CG  1 
ATOM   560  C CD1 . LEU A 1 73  ? 6.972   -0.054  -7.127  1.00 15.27 ? 210 LEU A CD1 1 
ATOM   561  C CD2 . LEU A 1 73  ? 8.830   -1.367  -8.083  1.00 15.32 ? 210 LEU A CD2 1 
ATOM   562  N N   . SER A 1 74  ? 5.420   -0.939  -12.277 1.00 12.59 ? 211 SER A N   1 
ATOM   563  C CA  . SER A 1 74  ? 4.279   -1.306  -13.108 1.00 12.51 ? 211 SER A CA  1 
ATOM   564  C C   . SER A 1 74  ? 4.071   -0.196  -14.141 1.00 12.70 ? 211 SER A C   1 
ATOM   565  O O   . SER A 1 74  ? 4.381   0.971   -13.880 1.00 13.12 ? 211 SER A O   1 
ATOM   566  C CB  . SER A 1 74  ? 3.034   -1.469  -12.208 1.00 12.81 ? 211 SER A CB  1 
ATOM   567  O OG  . SER A 1 74  ? 1.866   -1.698  -12.964 1.00 17.30 ? 211 SER A OG  1 
ATOM   568  N N   . PRO A 1 75  ? 3.592   -0.556  -15.349 1.00 12.25 ? 212 PRO A N   1 
ATOM   569  C CA  . PRO A 1 75  ? 3.350   0.426   -16.417 1.00 12.35 ? 212 PRO A CA  1 
ATOM   570  C C   . PRO A 1 75  ? 2.254   1.450   -16.121 1.00 11.21 ? 212 PRO A C   1 
ATOM   571  O O   . PRO A 1 75  ? 2.257   2.555   -16.678 1.00 13.32 ? 212 PRO A O   1 
ATOM   572  C CB  . PRO A 1 75  ? 3.012   -0.455  -17.629 1.00 14.48 ? 212 PRO A CB  1 
ATOM   573  C CG  . PRO A 1 75  ? 2.492   -1.727  -17.012 1.00 13.98 ? 212 PRO A CG  1 
ATOM   574  C CD  . PRO A 1 75  ? 3.378   -1.936  -15.825 1.00 13.48 ? 212 PRO A CD  1 
ATOM   575  N N   . SER A 1 76  ? 1.351   1.106   -15.210 1.00 10.85 ? 213 SER A N   1 
ATOM   576  C CA  . SER A 1 76  ? 0.260   1.997   -14.841 1.00 9.69  ? 213 SER A CA  1 
ATOM   577  C C   . SER A 1 76  ? -0.425  1.495   -13.584 1.00 10.77 ? 213 SER A C   1 
ATOM   578  O O   . SER A 1 76  ? -0.201  0.373   -13.127 1.00 11.42 ? 213 SER A O   1 
ATOM   579  C CB  . SER A 1 76  ? -0.796  2.052   -15.949 1.00 12.14 ? 213 SER A CB  1 
ATOM   580  O OG  . SER A 1 76  ? -1.462  0.804   -16.057 1.00 12.73 ? 213 SER A OG  1 
ATOM   581  N N   . TRP A 1 77  ? -1.291  2.341   -13.050 1.00 11.69 ? 214 TRP A N   1 
ATOM   582  C CA  . TRP A 1 77  ? -2.080  2.029   -11.867 1.00 11.56 ? 214 TRP A CA  1 
ATOM   583  C C   . TRP A 1 77  ? -3.096  0.947   -12.238 1.00 10.01 ? 214 TRP A C   1 
ATOM   584  O O   . TRP A 1 77  ? -3.222  -0.066  -11.556 1.00 11.47 ? 214 TRP A O   1 
ATOM   585  C CB  . TRP A 1 77  ? -2.796  3.309   -11.423 1.00 12.36 ? 214 TRP A CB  1 
ATOM   586  C CG  . TRP A 1 77  ? -3.722  3.163   -10.246 1.00 11.79 ? 214 TRP A CG  1 
ATOM   587  C CD1 . TRP A 1 77  ? -5.087  3.302   -10.256 1.00 12.27 ? 214 TRP A CD1 1 
ATOM   588  C CD2 . TRP A 1 77  ? -3.348  2.996   -8.864  1.00 10.04 ? 214 TRP A CD2 1 
ATOM   589  N NE1 . TRP A 1 77  ? -5.580  3.257   -8.975  1.00 10.10 ? 214 TRP A NE1 1 
ATOM   590  C CE2 . TRP A 1 77  ? -4.540  3.077   -8.097  1.00 10.39 ? 214 TRP A CE2 1 
ATOM   591  C CE3 . TRP A 1 77  ? -2.123  2.797   -8.201  1.00 9.25  ? 214 TRP A CE3 1 
ATOM   592  C CZ2 . TRP A 1 77  ? -4.543  2.964   -6.692  1.00 9.77  ? 214 TRP A CZ2 1 
ATOM   593  C CZ3 . TRP A 1 77  ? -2.122  2.682   -6.809  1.00 10.46 ? 214 TRP A CZ3 1 
ATOM   594  C CH2 . TRP A 1 77  ? -3.331  2.770   -6.068  1.00 10.11 ? 214 TRP A CH2 1 
ATOM   595  N N   . ASP A 1 78  ? -3.767  1.136   -13.369 1.00 10.89 ? 215 ASP A N   1 
ATOM   596  C CA  . ASP A 1 78  ? -4.777  0.190   -13.835 1.00 11.93 ? 215 ASP A CA  1 
ATOM   597  C C   . ASP A 1 78  ? -4.252  -1.221  -13.958 1.00 11.83 ? 215 ASP A C   1 
ATOM   598  O O   . ASP A 1 78  ? -4.968  -2.177  -13.680 1.00 14.03 ? 215 ASP A O   1 
ATOM   599  C CB  . ASP A 1 78  ? -5.346  0.620   -15.191 1.00 12.37 ? 215 ASP A CB  1 
ATOM   600  C CG  . ASP A 1 78  ? -6.391  1.695   -15.070 1.00 21.53 ? 215 ASP A CG  1 
ATOM   601  O OD1 . ASP A 1 78  ? -6.765  2.040   -13.930 1.00 21.13 ? 215 ASP A OD1 1 
ATOM   602  O OD2 . ASP A 1 78  ? -6.834  2.195   -16.128 1.00 25.53 ? 215 ASP A OD2 1 
ATOM   603  N N   . SER A 1 79  ? -3.007  -1.356  -14.395 1.00 12.12 ? 216 SER A N   1 
ATOM   604  C CA  . SER A 1 79  ? -2.408  -2.677  -14.570 1.00 15.57 ? 216 SER A CA  1 
ATOM   605  C C   . SER A 1 79  ? -2.432  -3.510  -13.303 1.00 13.80 ? 216 SER A C   1 
ATOM   606  O O   . SER A 1 79  ? -2.532  -4.735  -13.356 1.00 16.51 ? 216 SER A O   1 
ATOM   607  C CB  . SER A 1 79  ? -0.963  -2.547  -15.062 1.00 17.98 ? 216 SER A CB  1 
ATOM   608  O OG  . SER A 1 79  ? -0.941  -1.837  -16.281 1.00 37.82 ? 216 SER A OG  1 
ATOM   609  N N   . LEU A 1 80  ? -2.340  -2.849  -12.157 1.00 13.84 ? 217 LEU A N   1 
ATOM   610  C CA  . LEU A 1 80  ? -2.349  -3.565  -10.884 1.00 16.15 ? 217 LEU A CA  1 
ATOM   611  C C   . LEU A 1 80  ? -3.717  -4.167  -10.542 1.00 15.00 ? 217 LEU A C   1 
ATOM   612  O O   . LEU A 1 80  ? -3.805  -5.175  -9.836  1.00 15.72 ? 217 LEU A O   1 
ATOM   613  C CB  . LEU A 1 80  ? -1.930  -2.627  -9.741  1.00 13.80 ? 217 LEU A CB  1 
ATOM   614  C CG  . LEU A 1 80  ? -0.535  -2.002  -9.711  1.00 16.30 ? 217 LEU A CG  1 
ATOM   615  C CD1 . LEU A 1 80  ? -0.468  -1.048  -8.520  1.00 18.85 ? 217 LEU A CD1 1 
ATOM   616  C CD2 . LEU A 1 80  ? 0.539   -3.068  -9.590  1.00 19.33 ? 217 LEU A CD2 1 
ATOM   617  N N   . PHE A 1 81  ? -4.774  -3.559  -11.070 1.00 14.28 ? 218 PHE A N   1 
ATOM   618  C CA  . PHE A 1 81  ? -6.139  -3.969  -10.751 1.00 15.74 ? 218 PHE A CA  1 
ATOM   619  C C   . PHE A 1 81  ? -6.864  -4.719  -11.851 1.00 19.66 ? 218 PHE A C   1 
ATOM   620  O O   . PHE A 1 81  ? -8.087  -4.862  -11.820 1.00 19.44 ? 218 PHE A O   1 
ATOM   621  C CB  . PHE A 1 81  ? -6.933  -2.716  -10.325 1.00 12.34 ? 218 PHE A CB  1 
ATOM   622  C CG  . PHE A 1 81  ? -6.283  -1.962  -9.210  1.00 12.47 ? 218 PHE A CG  1 
ATOM   623  C CD1 . PHE A 1 81  ? -6.438  -2.386  -7.886  1.00 11.71 ? 218 PHE A CD1 1 
ATOM   624  C CD2 . PHE A 1 81  ? -5.464  -0.859  -9.479  1.00 12.13 ? 218 PHE A CD2 1 
ATOM   625  C CE1 . PHE A 1 81  ? -5.775  -1.727  -6.844  1.00 12.62 ? 218 PHE A CE1 1 
ATOM   626  C CE2 . PHE A 1 81  ? -4.802  -0.201  -8.459  1.00 12.68 ? 218 PHE A CE2 1 
ATOM   627  C CZ  . PHE A 1 81  ? -4.948  -0.628  -7.128  1.00 11.54 ? 218 PHE A CZ  1 
ATOM   628  N N   . SER A 1 82  ? -6.085  -5.286  -12.764 1.00 20.96 ? 219 SER A N   1 
ATOM   629  C CA  . SER A 1 82  ? -6.591  -6.031  -13.919 1.00 20.25 ? 219 SER A CA  1 
ATOM   630  C C   . SER A 1 82  ? -7.111  -7.428  -13.576 1.00 19.87 ? 219 SER A C   1 
ATOM   631  O O   . SER A 1 82  ? -7.788  -8.080  -14.388 1.00 20.23 ? 219 SER A O   1 
ATOM   632  C CB  . SER A 1 82  ? -5.444  -6.203  -14.904 1.00 18.96 ? 219 SER A CB  1 
ATOM   633  O OG  . SER A 1 82  ? -4.390  -6.891  -14.244 1.00 24.95 ? 219 SER A OG  1 
ATOM   634  N N   . GLY A 1 83  ? -6.711  -7.924  -12.416 1.00 16.90 ? 220 GLY A N   1 
ATOM   635  C CA  . GLY A 1 83  ? -7.107  -9.255  -12.013 1.00 18.69 ? 220 GLY A CA  1 
ATOM   636  C C   . GLY A 1 83  ? -5.862  -10.098 -11.782 1.00 19.82 ? 220 GLY A C   1 
ATOM   637  O O   . GLY A 1 83  ? -5.959  -11.207 -11.285 1.00 22.45 ? 220 GLY A O   1 
ATOM   638  N N   . SER A 1 84  ? -4.692  -9.549  -12.111 1.00 20.73 ? 221 SER A N   1 
ATOM   639  C CA  . SER A 1 84  ? -3.395  -10.226 -11.941 1.00 20.97 ? 221 SER A CA  1 
ATOM   640  C C   . SER A 1 84  ? -2.991  -10.273 -10.460 1.00 20.66 ? 221 SER A C   1 
ATOM   641  O O   . SER A 1 84  ? -1.992  -10.909 -10.095 1.00 19.09 ? 221 SER A O   1 
ATOM   642  C CB  . SER A 1 84  ? -2.317  -9.446  -12.698 1.00 18.70 ? 221 SER A CB  1 
ATOM   643  O OG  . SER A 1 84  ? -2.151  -8.147  -12.130 1.00 29.42 ? 221 SER A OG  1 
ATOM   644  N N   . GLN A 1 85  ? -3.732  -9.531  -9.637  1.00 15.11 ? 222 GLN A N   1 
ATOM   645  C CA  . GLN A 1 85  ? -3.491  -9.417  -8.201  1.00 14.71 ? 222 GLN A CA  1 
ATOM   646  C C   . GLN A 1 85  ? -2.282  -8.529  -7.887  1.00 13.28 ? 222 GLN A C   1 
ATOM   647  O O   . GLN A 1 85  ? -1.574  -8.770  -6.910  1.00 13.22 ? 222 GLN A O   1 
ATOM   648  C CB  . GLN A 1 85  ? -3.364  -10.793 -7.515  1.00 16.07 ? 222 GLN A CB  1 
ATOM   649  C CG  . GLN A 1 85  ? -4.590  -11.685 -7.709  1.00 23.55 ? 222 GLN A CG  1 
ATOM   650  C CD  . GLN A 1 85  ? -4.692  -12.795 -6.700  1.00 27.05 ? 222 GLN A CD  1 
ATOM   651  O OE1 . GLN A 1 85  ? -3.686  -13.364 -6.280  1.00 39.97 ? 222 GLN A OE1 1 
ATOM   652  N NE2 . GLN A 1 85  ? -5.916  -13.129 -6.313  1.00 34.40 ? 222 GLN A NE2 1 
ATOM   653  N N   . GLY A 1 86  ? -2.073  -7.493  -8.710  1.00 12.76 ? 223 GLY A N   1 
ATOM   654  C CA  . GLY A 1 86  ? -0.976  -6.548  -8.510  1.00 11.74 ? 223 GLY A CA  1 
ATOM   655  C C   . GLY A 1 86  ? 0.398   -7.166  -8.615  1.00 12.55 ? 223 GLY A C   1 
ATOM   656  O O   . GLY A 1 86  ? 1.272   -6.948  -7.770  1.00 10.85 ? 223 GLY A O   1 
ATOM   657  N N   . GLN A 1 87  ? 0.573   -7.968  -9.658  1.00 15.41 ? 224 GLN A N   1 
ATOM   658  C CA  . GLN A 1 87  ? 1.822   -8.664  -9.917  1.00 18.36 ? 224 GLN A CA  1 
ATOM   659  C C   . GLN A 1 87  ? 2.951   -7.693  -10.261 1.00 19.75 ? 224 GLN A C   1 
ATOM   660  O O   . GLN A 1 87  ? 2.799   -6.820  -11.121 1.00 23.25 ? 224 GLN A O   1 
ATOM   661  C CB  . GLN A 1 87  ? 1.599   -9.663  -11.063 1.00 24.28 ? 224 GLN A CB  1 
ATOM   662  C CG  . GLN A 1 87  ? 2.797   -10.536 -11.434 1.00 30.95 ? 224 GLN A CG  1 
ATOM   663  C CD  . GLN A 1 87  ? 3.156   -11.549 -10.364 1.00 37.18 ? 224 GLN A CD  1 
ATOM   664  O OE1 . GLN A 1 87  ? 4.122   -11.366 -9.613  1.00 41.40 ? 224 GLN A OE1 1 
ATOM   665  N NE2 . GLN A 1 87  ? 2.385   -12.631 -10.289 1.00 34.95 ? 224 GLN A NE2 1 
ATOM   666  N N   . LEU A 1 88  ? 4.057   -7.793  -9.540  1.00 18.83 ? 225 LEU A N   1 
ATOM   667  C CA  . LEU A 1 88  ? 5.192   -6.936  -9.826  1.00 23.64 ? 225 LEU A CA  1 
ATOM   668  C C   . LEU A 1 88  ? 6.201   -7.788  -10.562 1.00 26.18 ? 225 LEU A C   1 
ATOM   669  O O   . LEU A 1 88  ? 6.119   -9.009  -10.556 1.00 27.58 ? 225 LEU A O   1 
ATOM   670  C CB  . LEU A 1 88  ? 5.814   -6.366  -8.553  1.00 23.44 ? 225 LEU A CB  1 
ATOM   671  C CG  . LEU A 1 88  ? 4.940   -5.509  -7.628  1.00 21.44 ? 225 LEU A CG  1 
ATOM   672  C CD1 . LEU A 1 88  ? 5.766   -5.058  -6.448  1.00 30.04 ? 225 LEU A CD1 1 
ATOM   673  C CD2 . LEU A 1 88  ? 4.360   -4.307  -8.344  1.00 23.51 ? 225 LEU A CD2 1 
ATOM   674  N N   . GLN A 1 89  ? 7.096   -7.142  -11.286 1.00 33.02 ? 226 GLN A N   1 
ATOM   675  C CA  . GLN A 1 89  ? 8.115   -7.878  -12.014 1.00 35.26 ? 226 GLN A CA  1 
ATOM   676  C C   . GLN A 1 89  ? 9.112   -8.422  -10.998 1.00 34.91 ? 226 GLN A C   1 
ATOM   677  O O   . GLN A 1 89  ? 9.352   -7.795  -9.960  1.00 34.64 ? 226 GLN A O   1 
ATOM   678  C CB  . GLN A 1 89  ? 8.827   -6.953  -12.991 1.00 41.02 ? 226 GLN A CB  1 
ATOM   679  C CG  . GLN A 1 89  ? 9.201   -7.630  -14.293 1.00 50.30 ? 226 GLN A CG  1 
ATOM   680  C CD  . GLN A 1 89  ? 10.217  -6.856  -15.076 1.00 62.18 ? 226 GLN A CD  1 
ATOM   681  O OE1 . GLN A 1 89  ? 9.894   -6.261  -16.099 1.00 69.77 ? 226 GLN A OE1 1 
ATOM   682  N NE2 . GLN A 1 89  ? 11.459  -6.861  -14.607 1.00 63.73 ? 226 GLN A NE2 1 
ATOM   683  N N   . PRO A 1 90  ? 9.714   -9.587  -11.285 1.00 36.79 ? 227 PRO A N   1 
ATOM   684  C CA  . PRO A 1 90  ? 10.691  -10.206 -10.384 1.00 36.81 ? 227 PRO A CA  1 
ATOM   685  C C   . PRO A 1 90  ? 11.794  -9.218  -10.028 1.00 34.94 ? 227 PRO A C   1 
ATOM   686  O O   . PRO A 1 90  ? 12.174  -8.375  -10.848 1.00 32.98 ? 227 PRO A O   1 
ATOM   687  C CB  . PRO A 1 90  ? 11.251  -11.368 -11.221 1.00 38.12 ? 227 PRO A CB  1 
ATOM   688  C CG  . PRO A 1 90  ? 10.095  -11.749 -12.056 1.00 42.81 ? 227 PRO A CG  1 
ATOM   689  C CD  . PRO A 1 90  ? 9.531   -10.409 -12.496 1.00 40.94 ? 227 PRO A CD  1 
ATOM   690  N N   . GLY A 1 91  ? 12.276  -9.306  -8.796  1.00 32.98 ? 228 GLY A N   1 
ATOM   691  C CA  . GLY A 1 91  ? 13.347  -8.427  -8.374  1.00 30.54 ? 228 GLY A CA  1 
ATOM   692  C C   . GLY A 1 91  ? 12.907  -7.031  -8.000  1.00 28.50 ? 228 GLY A C   1 
ATOM   693  O O   . GLY A 1 91  ? 13.741  -6.246  -7.541  1.00 30.52 ? 228 GLY A O   1 
ATOM   694  N N   . ALA A 1 92  ? 11.629  -6.707  -8.221  1.00 25.56 ? 229 ALA A N   1 
ATOM   695  C CA  . ALA A 1 92  ? 11.071  -5.389  -7.868  1.00 22.10 ? 229 ALA A CA  1 
ATOM   696  C C   . ALA A 1 92  ? 11.376  -5.137  -6.400  1.00 18.87 ? 229 ALA A C   1 
ATOM   697  O O   . ALA A 1 92  ? 11.278  -6.051  -5.592  1.00 21.82 ? 229 ALA A O   1 
ATOM   698  C CB  . ALA A 1 92  ? 9.550   -5.377  -8.084  1.00 21.32 ? 229 ALA A CB  1 
ATOM   699  N N   . ARG A 1 93  ? 11.784  -3.919  -6.071  1.00 16.13 ? 230 ARG A N   1 
ATOM   700  C CA  . ARG A 1 93  ? 12.119  -3.529  -4.696  1.00 14.81 ? 230 ARG A CA  1 
ATOM   701  C C   . ARG A 1 93  ? 11.186  -2.421  -4.216  1.00 12.29 ? 230 ARG A C   1 
ATOM   702  O O   . ARG A 1 93  ? 10.795  -1.544  -4.995  1.00 13.37 ? 230 ARG A O   1 
ATOM   703  C CB  . ARG A 1 93  ? 13.529  -2.942  -4.630  1.00 14.64 ? 230 ARG A CB  1 
ATOM   704  C CG  . ARG A 1 93  ? 14.617  -3.900  -4.920  1.00 26.70 ? 230 ARG A CG  1 
ATOM   705  C CD  . ARG A 1 93  ? 15.934  -3.269  -4.585  1.00 26.86 ? 230 ARG A CD  1 
ATOM   706  N NE  . ARG A 1 93  ? 16.296  -2.159  -5.468  1.00 27.65 ? 230 ARG A NE  1 
ATOM   707  C CZ  . ARG A 1 93  ? 17.492  -1.574  -5.438  1.00 34.32 ? 230 ARG A CZ  1 
ATOM   708  N NH1 . ARG A 1 93  ? 18.404  -2.006  -4.572  1.00 31.38 ? 230 ARG A NH1 1 
ATOM   709  N NH2 . ARG A 1 93  ? 17.779  -0.559  -6.244  1.00 28.97 ? 230 ARG A NH2 1 
ATOM   710  N N   . ILE A 1 94  ? 10.845  -2.458  -2.938  1.00 9.91  ? 231 ILE A N   1 
ATOM   711  C CA  . ILE A 1 94  ? 10.023  -1.407  -2.369  1.00 10.26 ? 231 ILE A CA  1 
ATOM   712  C C   . ILE A 1 94  ? 10.792  -0.833  -1.198  1.00 9.79  ? 231 ILE A C   1 
ATOM   713  O O   . ILE A 1 94  ? 11.275  -1.569  -0.335  1.00 10.47 ? 231 ILE A O   1 
ATOM   714  C CB  . ILE A 1 94  ? 8.631   -1.906  -1.928  1.00 13.89 ? 231 ILE A CB  1 
ATOM   715  C CG1 . ILE A 1 94  ? 7.850   -2.376  -3.170  1.00 16.94 ? 231 ILE A CG1 1 
ATOM   716  C CG2 . ILE A 1 94  ? 7.882   -0.782  -1.168  1.00 13.66 ? 231 ILE A CG2 1 
ATOM   717  C CD1 . ILE A 1 94  ? 6.456   -2.848  -2.895  1.00 20.65 ? 231 ILE A CD1 1 
ATOM   718  N N   . PHE A 1 95  ? 11.018  0.473   -1.259  1.00 10.02 ? 232 PHE A N   1 
ATOM   719  C CA  . PHE A 1 95  ? 11.735  1.211   -0.216  1.00 10.35 ? 232 PHE A CA  1 
ATOM   720  C C   . PHE A 1 95  ? 10.786  2.034   0.667   1.00 10.13 ? 232 PHE A C   1 
ATOM   721  O O   . PHE A 1 95  ? 9.745   2.518   0.200   1.00 9.50  ? 232 PHE A O   1 
ATOM   722  C CB  . PHE A 1 95  ? 12.739  2.191   -0.852  1.00 8.78  ? 232 PHE A CB  1 
ATOM   723  C CG  . PHE A 1 95  ? 13.818  1.520   -1.628  1.00 11.12 ? 232 PHE A CG  1 
ATOM   724  C CD1 . PHE A 1 95  ? 14.973  1.097   -0.996  1.00 16.49 ? 232 PHE A CD1 1 
ATOM   725  C CD2 . PHE A 1 95  ? 13.680  1.291   -2.988  1.00 12.05 ? 232 PHE A CD2 1 
ATOM   726  C CE1 . PHE A 1 95  ? 15.981  0.441   -1.714  1.00 16.99 ? 232 PHE A CE1 1 
ATOM   727  C CE2 . PHE A 1 95  ? 14.677  0.643   -3.699  1.00 19.05 ? 232 PHE A CE2 1 
ATOM   728  C CZ  . PHE A 1 95  ? 15.828  0.217   -3.054  1.00 13.69 ? 232 PHE A CZ  1 
ATOM   729  N N   . SER A 1 96  ? 11.166  2.186   1.933   1.00 9.09  ? 233 SER A N   1 
ATOM   730  C CA  . SER A 1 96  ? 10.429  3.025   2.868   1.00 8.23  ? 233 SER A CA  1 
ATOM   731  C C   . SER A 1 96  ? 10.891  4.471   2.577   1.00 10.53 ? 233 SER A C   1 
ATOM   732  O O   . SER A 1 96  ? 11.855  4.672   1.810   1.00 9.05  ? 233 SER A O   1 
ATOM   733  C CB  . SER A 1 96  ? 10.795  2.639   4.290   1.00 7.47  ? 233 SER A CB  1 
ATOM   734  O OG  . SER A 1 96  ? 12.183  2.793   4.501   1.00 11.40 ? 233 SER A OG  1 
ATOM   735  N N   . PHE A 1 97  ? 10.248  5.458   3.207   1.00 8.96  ? 234 PHE A N   1 
ATOM   736  C CA  . PHE A 1 97  ? 10.596  6.868   2.992   1.00 8.36  ? 234 PHE A CA  1 
ATOM   737  C C   . PHE A 1 97  ? 12.050  7.154   3.344   1.00 10.56 ? 234 PHE A C   1 
ATOM   738  O O   . PHE A 1 97  ? 12.722  7.926   2.644   1.00 10.48 ? 234 PHE A O   1 
ATOM   739  C CB  . PHE A 1 97  ? 9.669   7.792   3.793   1.00 8.82  ? 234 PHE A CB  1 
ATOM   740  C CG  . PHE A 1 97  ? 8.300   7.922   3.198   1.00 7.88  ? 234 PHE A CG  1 
ATOM   741  C CD1 . PHE A 1 97  ? 8.091   8.730   2.075   1.00 7.40  ? 234 PHE A CD1 1 
ATOM   742  C CD2 . PHE A 1 97  ? 7.223   7.211   3.732   1.00 9.14  ? 234 PHE A CD2 1 
ATOM   743  C CE1 . PHE A 1 97  ? 6.839   8.829   1.481   1.00 9.69  ? 234 PHE A CE1 1 
ATOM   744  C CE2 . PHE A 1 97  ? 5.959   7.300   3.153   1.00 9.95  ? 234 PHE A CE2 1 
ATOM   745  C CZ  . PHE A 1 97  ? 5.763   8.112   2.018   1.00 10.14 ? 234 PHE A CZ  1 
ATOM   746  N N   . ASP A 1 98  ? 12.547  6.530   4.409   1.00 10.70 ? 235 ASP A N   1 
ATOM   747  C CA  . ASP A 1 98  ? 13.931  6.749   4.806   1.00 11.77 ? 235 ASP A CA  1 
ATOM   748  C C   . ASP A 1 98  ? 14.974  5.902   4.044   1.00 13.33 ? 235 ASP A C   1 
ATOM   749  O O   . ASP A 1 98  ? 16.129  5.794   4.482   1.00 15.58 ? 235 ASP A O   1 
ATOM   750  C CB  . ASP A 1 98  ? 14.104  6.648   6.336   1.00 10.84 ? 235 ASP A CB  1 
ATOM   751  C CG  . ASP A 1 98  ? 13.800  5.261   6.888   1.00 16.86 ? 235 ASP A CG  1 
ATOM   752  O OD1 . ASP A 1 98  ? 13.746  4.281   6.117   1.00 13.35 ? 235 ASP A OD1 1 
ATOM   753  O OD2 . ASP A 1 98  ? 13.607  5.154   8.124   1.00 21.65 ? 235 ASP A OD2 1 
ATOM   754  N N   . GLY A 1 99  ? 14.546  5.282   2.940   1.00 9.84  ? 236 GLY A N   1 
ATOM   755  C CA  . GLY A 1 99  ? 15.446  4.543   2.080   1.00 9.11  ? 236 GLY A CA  1 
ATOM   756  C C   . GLY A 1 99  ? 15.807  3.106   2.340   1.00 11.25 ? 236 GLY A C   1 
ATOM   757  O O   . GLY A 1 99  ? 16.749  2.611   1.730   1.00 16.51 ? 236 GLY A O   1 
ATOM   758  N N   . ARG A 1 100 ? 15.061  2.407   3.173   1.00 10.63 ? 237 ARG A N   1 
ATOM   759  C CA  . ARG A 1 100 ? 15.355  1.006   3.447   1.00 10.06 ? 237 ARG A CA  1 
ATOM   760  C C   . ARG A 1 100 ? 14.528  0.043   2.597   1.00 11.45 ? 237 ARG A C   1 
ATOM   761  O O   . ARG A 1 100 ? 13.336  0.284   2.349   1.00 10.90 ? 237 ARG A O   1 
ATOM   762  C CB  . ARG A 1 100 ? 15.116  0.702   4.927   1.00 13.52 ? 237 ARG A CB  1 
ATOM   763  C CG  . ARG A 1 100 ? 16.135  1.335   5.868   1.00 13.17 ? 237 ARG A CG  1 
ATOM   764  C CD  . ARG A 1 100 ? 15.690  1.153   7.303   1.00 12.67 ? 237 ARG A CD  1 
ATOM   765  N NE  . ARG A 1 100 ? 14.547  2.003   7.587   1.00 14.67 ? 237 ARG A NE  1 
ATOM   766  C CZ  . ARG A 1 100 ? 13.617  1.758   8.501   1.00 17.38 ? 237 ARG A CZ  1 
ATOM   767  N NH1 . ARG A 1 100 ? 13.677  0.672   9.250   1.00 17.60 ? 237 ARG A NH1 1 
ATOM   768  N NH2 . ARG A 1 100 ? 12.616  2.607   8.662   1.00 20.61 ? 237 ARG A NH2 1 
ATOM   769  N N   . ASP A 1 101 ? 15.171  -1.021  2.114   1.00 10.87 ? 238 ASP A N   1 
ATOM   770  C CA  . ASP A 1 101 ? 14.472  -2.033  1.324   1.00 11.26 ? 238 ASP A CA  1 
ATOM   771  C C   . ASP A 1 101 ? 13.694  -2.880  2.346   1.00 13.62 ? 238 ASP A C   1 
ATOM   772  O O   . ASP A 1 101 ? 14.283  -3.587  3.185   1.00 12.96 ? 238 ASP A O   1 
ATOM   773  C CB  . ASP A 1 101 ? 15.476  -2.892  0.549   1.00 12.93 ? 238 ASP A CB  1 
ATOM   774  C CG  . ASP A 1 101 ? 14.807  -3.976  -0.303  1.00 15.24 ? 238 ASP A CG  1 
ATOM   775  O OD1 . ASP A 1 101 ? 13.746  -4.519  0.048   1.00 14.40 ? 238 ASP A OD1 1 
ATOM   776  O OD2 . ASP A 1 101 ? 15.380  -4.330  -1.333  1.00 19.77 ? 238 ASP A OD2 1 
ATOM   777  N N   . VAL A 1 102 ? 12.371  -2.810  2.260   1.00 10.94 ? 239 VAL A N   1 
ATOM   778  C CA  . VAL A 1 102 ? 11.493  -3.504  3.193   1.00 12.62 ? 239 VAL A CA  1 
ATOM   779  C C   . VAL A 1 102 ? 11.613  -5.037  3.211   1.00 14.13 ? 239 VAL A C   1 
ATOM   780  O O   . VAL A 1 102 ? 11.331  -5.686  4.223   1.00 14.25 ? 239 VAL A O   1 
ATOM   781  C CB  . VAL A 1 102 ? 10.022  -3.062  2.968   1.00 16.76 ? 239 VAL A CB  1 
ATOM   782  C CG1 . VAL A 1 102 ? 9.473   -3.631  1.675   1.00 14.71 ? 239 VAL A CG1 1 
ATOM   783  C CG2 . VAL A 1 102 ? 9.177   -3.471  4.123   1.00 35.08 ? 239 VAL A CG2 1 
ATOM   784  N N   . LEU A 1 103 ? 12.044  -5.621  2.100   1.00 15.56 ? 240 LEU A N   1 
ATOM   785  C CA  . LEU A 1 103 ? 12.198  -7.071  2.041   1.00 18.76 ? 240 LEU A CA  1 
ATOM   786  C C   . LEU A 1 103 ? 13.528  -7.518  2.661   1.00 21.57 ? 240 LEU A C   1 
ATOM   787  O O   . LEU A 1 103 ? 13.592  -8.558  3.319   1.00 23.34 ? 240 LEU A O   1 
ATOM   788  C CB  . LEU A 1 103 ? 12.094  -7.585  0.599   1.00 20.08 ? 240 LEU A CB  1 
ATOM   789  C CG  . LEU A 1 103 ? 11.426  -8.955  0.450   1.00 28.99 ? 240 LEU A CG  1 
ATOM   790  C CD1 . LEU A 1 103 ? 9.943   -8.808  0.705   1.00 32.72 ? 240 LEU A CD1 1 
ATOM   791  C CD2 . LEU A 1 103 ? 11.655  -9.503  -0.936  1.00 34.23 ? 240 LEU A CD2 1 
ATOM   792  N N   . ARG A 1 104 ? 14.561  -6.690  2.534   1.00 20.15 ? 241 ARG A N   1 
ATOM   793  C CA  . ARG A 1 104 ? 15.873  -7.063  3.050   1.00 21.02 ? 241 ARG A CA  1 
ATOM   794  C C   . ARG A 1 104 ? 16.179  -6.580  4.454   1.00 22.41 ? 241 ARG A C   1 
ATOM   795  O O   . ARG A 1 104 ? 17.153  -7.012  5.061   1.00 24.72 ? 241 ARG A O   1 
ATOM   796  C CB  . ARG A 1 104 ? 16.967  -6.584  2.090   1.00 22.27 ? 241 ARG A CB  1 
ATOM   797  C CG  . ARG A 1 104 ? 16.907  -7.223  0.703   1.00 22.44 ? 241 ARG A CG  1 
ATOM   798  C CD  . ARG A 1 104 ? 18.025  -6.707  -0.181  0.00 20.57 ? 241 ARG A CD  1 
ATOM   799  N NE  . ARG A 1 104 ? 17.764  -7.028  -1.579  0.00 19.29 ? 241 ARG A NE  1 
ATOM   800  C CZ  . ARG A 1 104 ? 18.123  -8.164  -2.174  0.00 18.55 ? 241 ARG A CZ  1 
ATOM   801  N NH1 . ARG A 1 104 ? 18.779  -9.102  -1.498  0.00 18.26 ? 241 ARG A NH1 1 
ATOM   802  N NH2 . ARG A 1 104 ? 17.774  -8.387  -3.436  0.00 18.26 ? 241 ARG A NH2 1 
ATOM   803  N N   . HIS A 1 105 ? 15.340  -5.698  4.981   1.00 20.26 ? 242 HIS A N   1 
ATOM   804  C CA  . HIS A 1 105 ? 15.568  -5.141  6.301   1.00 19.34 ? 242 HIS A CA  1 
ATOM   805  C C   . HIS A 1 105 ? 14.765  -5.813  7.423   1.00 17.20 ? 242 HIS A C   1 
ATOM   806  O O   . HIS A 1 105 ? 13.548  -5.907  7.353   1.00 17.26 ? 242 HIS A O   1 
ATOM   807  C CB  . HIS A 1 105 ? 15.284  -3.646  6.252   1.00 18.34 ? 242 HIS A CB  1 
ATOM   808  C CG  . HIS A 1 105 ? 15.961  -2.888  7.332   1.00 23.21 ? 242 HIS A CG  1 
ATOM   809  N ND1 . HIS A 1 105 ? 15.489  -2.854  8.626   1.00 27.01 ? 242 HIS A ND1 1 
ATOM   810  C CD2 . HIS A 1 105 ? 17.106  -2.164  7.323   1.00 24.92 ? 242 HIS A CD2 1 
ATOM   811  C CE1 . HIS A 1 105 ? 16.315  -2.144  9.375   1.00 28.51 ? 242 HIS A CE1 1 
ATOM   812  N NE2 . HIS A 1 105 ? 17.304  -1.714  8.606   1.00 29.24 ? 242 HIS A NE2 1 
ATOM   813  N N   . PRO A 1 106 ? 15.423  -6.174  8.531   1.00 17.89 ? 243 PRO A N   1 
ATOM   814  C CA  . PRO A 1 106 ? 14.734  -6.835  9.650   1.00 16.49 ? 243 PRO A CA  1 
ATOM   815  C C   . PRO A 1 106 ? 13.673  -6.036  10.422  1.00 18.47 ? 243 PRO A C   1 
ATOM   816  O O   . PRO A 1 106 ? 12.924  -6.620  11.215  1.00 19.70 ? 243 PRO A O   1 
ATOM   817  C CB  . PRO A 1 106 ? 15.891  -7.278  10.550  1.00 20.92 ? 243 PRO A CB  1 
ATOM   818  C CG  . PRO A 1 106 ? 16.921  -6.194  10.326  1.00 19.91 ? 243 PRO A CG  1 
ATOM   819  C CD  . PRO A 1 106 ? 16.861  -6.003  8.818   1.00 20.85 ? 243 PRO A CD  1 
ATOM   820  N N   . ALA A 1 107 ? 13.583  -4.725  10.168  1.00 15.25 ? 244 ALA A N   1 
ATOM   821  C CA  . ALA A 1 107 ? 12.609  -3.871  10.859  1.00 13.10 ? 244 ALA A CA  1 
ATOM   822  C C   . ALA A 1 107 ? 11.176  -4.260  10.509  1.00 12.10 ? 244 ALA A C   1 
ATOM   823  O O   . ALA A 1 107 ? 10.235  -3.872  11.196  1.00 16.31 ? 244 ALA A O   1 
ATOM   824  C CB  . ALA A 1 107 ? 12.857  -2.401  10.553  1.00 14.32 ? 244 ALA A CB  1 
ATOM   825  N N   . TRP A 1 108 ? 11.016  -4.987  9.408   1.00 11.10 ? 245 TRP A N   1 
ATOM   826  C CA  . TRP A 1 108 ? 9.708   -5.497  8.984   1.00 12.47 ? 245 TRP A CA  1 
ATOM   827  C C   . TRP A 1 108 ? 9.838   -7.029  9.055   1.00 14.31 ? 245 TRP A C   1 
ATOM   828  O O   . TRP A 1 108 ? 10.242  -7.677  8.086   1.00 16.32 ? 245 TRP A O   1 
ATOM   829  C CB  . TRP A 1 108 ? 9.384   -5.064  7.552   1.00 11.95 ? 245 TRP A CB  1 
ATOM   830  C CG  . TRP A 1 108 ? 9.156   -3.583  7.395   1.00 11.69 ? 245 TRP A CG  1 
ATOM   831  C CD1 . TRP A 1 108 ? 7.962   -2.925  7.478   1.00 12.75 ? 245 TRP A CD1 1 
ATOM   832  C CD2 . TRP A 1 108 ? 10.148  -2.582  7.102   1.00 11.65 ? 245 TRP A CD2 1 
ATOM   833  N NE1 . TRP A 1 108 ? 8.152   -1.581  7.257   1.00 15.29 ? 245 TRP A NE1 1 
ATOM   834  C CE2 . TRP A 1 108 ? 9.478   -1.342  7.026   1.00 11.33 ? 245 TRP A CE2 1 
ATOM   835  C CE3 . TRP A 1 108 ? 11.532  -2.618  6.894   1.00 11.70 ? 245 TRP A CE3 1 
ATOM   836  C CZ2 . TRP A 1 108 ? 10.142  -0.148  6.755   1.00 10.78 ? 245 TRP A CZ2 1 
ATOM   837  C CZ3 . TRP A 1 108 ? 12.199  -1.429  6.621   1.00 13.94 ? 245 TRP A CZ3 1 
ATOM   838  C CH2 . TRP A 1 108 ? 11.498  -0.209  6.554   1.00 14.46 ? 245 TRP A CH2 1 
ATOM   839  N N   . PRO A 1 109 ? 9.544   -7.616  10.224  1.00 15.74 ? 246 PRO A N   1 
ATOM   840  C CA  . PRO A 1 109 ? 9.641   -9.064  10.411  1.00 18.56 ? 246 PRO A CA  1 
ATOM   841  C C   . PRO A 1 109 ? 8.730   -9.892  9.514   1.00 18.21 ? 246 PRO A C   1 
ATOM   842  O O   . PRO A 1 109 ? 9.047   -11.037 9.198   1.00 21.01 ? 246 PRO A O   1 
ATOM   843  C CB  . PRO A 1 109 ? 9.300   -9.236  11.889  1.00 19.24 ? 246 PRO A CB  1 
ATOM   844  C CG  . PRO A 1 109 ? 8.389   -8.092  12.162  1.00 27.60 ? 246 PRO A CG  1 
ATOM   845  C CD  . PRO A 1 109 ? 9.086   -6.967  11.466  1.00 18.39 ? 246 PRO A CD  1 
ATOM   846  N N   . GLN A 1 110 ? 7.592   -9.331  9.116   1.00 15.33 ? 247 GLN A N   1 
ATOM   847  C CA  . GLN A 1 110 ? 6.672   -10.047 8.244   1.00 15.65 ? 247 GLN A CA  1 
ATOM   848  C C   . GLN A 1 110 ? 6.525   -9.292  6.931   1.00 14.94 ? 247 GLN A C   1 
ATOM   849  O O   . GLN A 1 110 ? 6.166   -8.113  6.902   1.00 15.97 ? 247 GLN A O   1 
ATOM   850  C CB  . GLN A 1 110 ? 5.340   -10.258 8.948   1.00 21.68 ? 247 GLN A CB  1 
ATOM   851  C CG  . GLN A 1 110 ? 5.522   -11.043 10.236  1.00 29.04 ? 247 GLN A CG  1 
ATOM   852  C CD  . GLN A 1 110 ? 4.300   -11.810 10.617  1.00 41.63 ? 247 GLN A CD  1 
ATOM   853  O OE1 . GLN A 1 110 ? 4.119   -12.982 10.180  1.00 54.44 ? 247 GLN A OE1 1 
ATOM   854  N NE2 . GLN A 1 110 ? 3.455   -11.212 11.450  1.00 38.76 ? 247 GLN A NE2 1 
ATOM   855  N N   . LYS A 1 111 ? 6.830   -9.982  5.844   1.00 12.37 ? 248 LYS A N   1 
ATOM   856  C CA  . LYS A 1 111 ? 6.815   -9.379  4.524   1.00 10.26 ? 248 LYS A CA  1 
ATOM   857  C C   . LYS A 1 111 ? 5.466   -9.352  3.810   1.00 11.42 ? 248 LYS A C   1 
ATOM   858  O O   . LYS A 1 111 ? 5.386   -9.622  2.603   1.00 14.70 ? 248 LYS A O   1 
ATOM   859  C CB  . LYS A 1 111 ? 7.896   -10.017 3.654   1.00 8.88  ? 248 LYS A CB  1 
ATOM   860  C CG  . LYS A 1 111 ? 9.239   -10.147 4.355   1.00 10.72 ? 248 LYS A CG  1 
ATOM   861  C CD  . LYS A 1 111 ? 9.803   -8.807  4.814   1.00 11.39 ? 248 LYS A CD  1 
ATOM   862  C CE  . LYS A 1 111 ? 11.167  -9.042  5.438   1.00 12.62 ? 248 LYS A CE  1 
ATOM   863  N NZ  . LYS A 1 111 ? 11.780  -7.803  5.974   1.00 13.55 ? 248 LYS A NZ  1 
ATOM   864  N N   . SER A 1 112 ? 4.417   -9.021  4.563   1.00 9.53  ? 249 SER A N   1 
ATOM   865  C CA  . SER A 1 112 ? 3.078   -8.905  4.010   1.00 9.68  ? 249 SER A CA  1 
ATOM   866  C C   . SER A 1 112 ? 2.682   -7.428  4.055   1.00 8.86  ? 249 SER A C   1 
ATOM   867  O O   . SER A 1 112 ? 3.216   -6.661  4.855   1.00 8.31  ? 249 SER A O   1 
ATOM   868  C CB  . SER A 1 112 ? 2.079   -9.771  4.783   1.00 12.41 ? 249 SER A CB  1 
ATOM   869  O OG  . SER A 1 112 ? 2.297   -11.151 4.500   1.00 14.83 ? 249 SER A OG  1 
ATOM   870  N N   . VAL A 1 113 ? 1.758   -7.054  3.185   1.00 9.03  ? 250 VAL A N   1 
ATOM   871  C CA  . VAL A 1 113 ? 1.282   -5.681  3.066   1.00 10.67 ? 250 VAL A CA  1 
ATOM   872  C C   . VAL A 1 113 ? -0.227  -5.629  3.263   1.00 10.06 ? 250 VAL A C   1 
ATOM   873  O O   . VAL A 1 113 ? -0.960  -6.452  2.695   1.00 8.85  ? 250 VAL A O   1 
ATOM   874  C CB  . VAL A 1 113 ? 1.589   -5.134  1.646   1.00 13.24 ? 250 VAL A CB  1 
ATOM   875  C CG1 . VAL A 1 113 ? 1.057   -3.717  1.495   1.00 16.31 ? 250 VAL A CG1 1 
ATOM   876  C CG2 . VAL A 1 113 ? 3.086   -5.172  1.375   1.00 17.56 ? 250 VAL A CG2 1 
ATOM   877  N N   . TRP A 1 114 ? -0.687  -4.689  4.087   1.00 8.27  ? 251 TRP A N   1 
ATOM   878  C CA  . TRP A 1 114 ? -2.126  -4.505  4.320   1.00 7.25  ? 251 TRP A CA  1 
ATOM   879  C C   . TRP A 1 114 ? -2.745  -3.818  3.108   1.00 7.43  ? 251 TRP A C   1 
ATOM   880  O O   . TRP A 1 114 ? -2.128  -2.936  2.514   1.00 8.02  ? 251 TRP A O   1 
ATOM   881  C CB  . TRP A 1 114 ? -2.384  -3.561  5.516   1.00 5.81  ? 251 TRP A CB  1 
ATOM   882  C CG  . TRP A 1 114 ? -2.136  -4.117  6.883   1.00 8.44  ? 251 TRP A CG  1 
ATOM   883  C CD1 . TRP A 1 114 ? -1.299  -3.607  7.840   1.00 7.73  ? 251 TRP A CD1 1 
ATOM   884  C CD2 . TRP A 1 114 ? -2.777  -5.263  7.476   1.00 7.01  ? 251 TRP A CD2 1 
ATOM   885  N NE1 . TRP A 1 114 ? -1.388  -4.360  8.994   1.00 9.29  ? 251 TRP A NE1 1 
ATOM   886  C CE2 . TRP A 1 114 ? -2.286  -5.377  8.796   1.00 8.05  ? 251 TRP A CE2 1 
ATOM   887  C CE3 . TRP A 1 114 ? -3.712  -6.205  7.011   1.00 11.41 ? 251 TRP A CE3 1 
ATOM   888  C CZ2 . TRP A 1 114 ? -2.702  -6.405  9.669   1.00 10.00 ? 251 TRP A CZ2 1 
ATOM   889  C CZ3 . TRP A 1 114 ? -4.126  -7.249  7.894   1.00 11.74 ? 251 TRP A CZ3 1 
ATOM   890  C CH2 . TRP A 1 114 ? -3.617  -7.322  9.197   1.00 8.88  ? 251 TRP A CH2 1 
ATOM   891  N N   . HIS A 1 115 ? -3.950  -4.223  2.724   1.00 6.15  ? 252 HIS A N   1 
ATOM   892  C CA  . HIS A 1 115 ? -4.635  -3.517  1.643   1.00 6.31  ? 252 HIS A CA  1 
ATOM   893  C C   . HIS A 1 115 ? -6.167  -3.436  1.791   1.00 7.71  ? 252 HIS A C   1 
ATOM   894  O O   . HIS A 1 115 ? -6.779  -2.503  1.282   1.00 8.53  ? 252 HIS A O   1 
ATOM   895  C CB  . HIS A 1 115 ? -4.215  -3.994  0.239   1.00 8.14  ? 252 HIS A CB  1 
ATOM   896  C CG  . HIS A 1 115 ? -4.473  -5.449  -0.025  1.00 7.73  ? 252 HIS A CG  1 
ATOM   897  N ND1 . HIS A 1 115 ? -5.741  -5.957  -0.227  1.00 8.85  ? 252 HIS A ND1 1 
ATOM   898  C CD2 . HIS A 1 115 ? -3.624  -6.497  -0.150  1.00 9.83  ? 252 HIS A CD2 1 
ATOM   899  C CE1 . HIS A 1 115 ? -5.661  -7.261  -0.462  1.00 8.72  ? 252 HIS A CE1 1 
ATOM   900  N NE2 . HIS A 1 115 ? -4.387  -7.610  -0.418  1.00 9.06  ? 252 HIS A NE2 1 
ATOM   901  N N   . GLY A 1 116 ? -6.779  -4.420  2.458   1.00 8.03  ? 253 GLY A N   1 
ATOM   902  C CA  . GLY A 1 116 ? -8.228  -4.428  2.653   1.00 7.38  ? 253 GLY A CA  1 
ATOM   903  C C   . GLY A 1 116 ? -9.067  -4.374  1.386   1.00 8.73  ? 253 GLY A C   1 
ATOM   904  O O   . GLY A 1 116 ? -10.220 -3.945  1.448   1.00 10.24 ? 253 GLY A O   1 
ATOM   905  N N   . SER A 1 117 ? -8.548  -4.910  0.273   1.00 7.94  ? 254 SER A N   1 
ATOM   906  C CA  . SER A 1 117 ? -9.236  -4.847  -1.026  1.00 9.32  ? 254 SER A CA  1 
ATOM   907  C C   . SER A 1 117 ? -9.293  -6.141  -1.820  1.00 9.44  ? 254 SER A C   1 
ATOM   908  O O   . SER A 1 117 ? -8.467  -7.026  -1.612  1.00 9.05  ? 254 SER A O   1 
ATOM   909  C CB  . SER A 1 117 ? -8.526  -3.837  -1.935  1.00 8.58  ? 254 SER A CB  1 
ATOM   910  O OG  . SER A 1 117 ? -8.213  -2.644  -1.239  1.00 9.45  ? 254 SER A OG  1 
ATOM   911  N N   . ASP A 1 118 ? -10.241 -6.213  -2.757  1.00 9.69  ? 255 ASP A N   1 
ATOM   912  C CA  . ASP A 1 118 ? -10.325 -7.364  -3.641  1.00 10.56 ? 255 ASP A CA  1 
ATOM   913  C C   . ASP A 1 118 ? -9.330  -7.108  -4.791  1.00 12.19 ? 255 ASP A C   1 
ATOM   914  O O   . ASP A 1 118 ? -8.676  -6.060  -4.821  1.00 8.72  ? 255 ASP A O   1 
ATOM   915  C CB  . ASP A 1 118 ? -11.760 -7.673  -4.103  1.00 11.81 ? 255 ASP A CB  1 
ATOM   916  C CG  . ASP A 1 118 ? -12.346 -6.649  -5.057  1.00 16.63 ? 255 ASP A CG  1 
ATOM   917  O OD1 . ASP A 1 118 ? -11.652 -5.824  -5.671  1.00 13.43 ? 255 ASP A OD1 1 
ATOM   918  O OD2 . ASP A 1 118 ? -13.568 -6.691  -5.221  1.00 20.81 ? 255 ASP A OD2 1 
ATOM   919  N N   . PRO A 1 119 ? -9.194  -8.061  -5.745  1.00 12.50 ? 256 PRO A N   1 
ATOM   920  C CA  . PRO A 1 119 ? -8.235  -7.846  -6.845  1.00 13.68 ? 256 PRO A CA  1 
ATOM   921  C C   . PRO A 1 119 ? -8.459  -6.657  -7.755  1.00 14.48 ? 256 PRO A C   1 
ATOM   922  O O   . PRO A 1 119 ? -7.536  -6.233  -8.460  1.00 16.99 ? 256 PRO A O   1 
ATOM   923  C CB  . PRO A 1 119 ? -8.295  -9.169  -7.607  1.00 16.35 ? 256 PRO A CB  1 
ATOM   924  C CG  . PRO A 1 119 ? -8.680  -10.162 -6.532  1.00 18.75 ? 256 PRO A CG  1 
ATOM   925  C CD  . PRO A 1 119 ? -9.755  -9.416  -5.793  1.00 13.84 ? 256 PRO A CD  1 
ATOM   926  N N   . SER A 1 120 ? -9.682  -6.132  -7.778  1.00 12.81 ? 257 SER A N   1 
ATOM   927  C CA  . SER A 1 120 ? -9.971  -4.970  -8.609  1.00 13.26 ? 257 SER A CA  1 
ATOM   928  C C   . SER A 1 120 ? -9.828  -3.656  -7.821  1.00 11.91 ? 257 SER A C   1 
ATOM   929  O O   . SER A 1 120 ? -10.125 -2.580  -8.332  1.00 13.55 ? 257 SER A O   1 
ATOM   930  C CB  . SER A 1 120 ? -11.374 -5.084  -9.213  1.00 18.73 ? 257 SER A CB  1 
ATOM   931  O OG  . SER A 1 120 ? -12.369 -5.080  -8.205  1.00 28.07 ? 257 SER A OG  1 
ATOM   932  N N   . GLY A 1 121 ? -9.375  -3.755  -6.576  1.00 9.77  ? 258 GLY A N   1 
ATOM   933  C CA  . GLY A 1 121 ? -9.193  -2.578  -5.751  1.00 10.17 ? 258 GLY A CA  1 
ATOM   934  C C   . GLY A 1 121 ? -10.430 -2.088  -5.023  1.00 12.95 ? 258 GLY A C   1 
ATOM   935  O O   . GLY A 1 121 ? -10.477 -0.924  -4.605  1.00 12.41 ? 258 GLY A O   1 
ATOM   936  N N   . ARG A 1 122 ? -11.447 -2.935  -4.901  1.00 11.66 ? 259 ARG A N   1 
ATOM   937  C CA  . ARG A 1 122 ? -12.660 -2.531  -4.204  1.00 12.36 ? 259 ARG A CA  1 
ATOM   938  C C   . ARG A 1 122 ? -12.583 -2.954  -2.743  1.00 9.40  ? 259 ARG A C   1 
ATOM   939  O O   . ARG A 1 122 ? -11.974 -3.972  -2.413  1.00 11.64 ? 259 ARG A O   1 
ATOM   940  C CB  . ARG A 1 122 ? -13.890 -3.136  -4.871  1.00 15.24 ? 259 ARG A CB  1 
ATOM   941  C CG  . ARG A 1 122 ? -14.142 -2.665  -6.307  1.00 19.16 ? 259 ARG A CG  1 
ATOM   942  C CD  . ARG A 1 122 ? -15.318 -3.407  -6.903  0.00 16.18 ? 259 ARG A CD  1 
ATOM   943  N NE  . ARG A 1 122 ? -15.118 -4.850  -6.809  0.00 14.78 ? 259 ARG A NE  1 
ATOM   944  C CZ  . ARG A 1 122 ? -15.203 -5.693  -7.833  0.00 13.66 ? 259 ARG A CZ  1 
ATOM   945  N NH1 . ARG A 1 122 ? -15.492 -5.239  -9.047  0.00 13.15 ? 259 ARG A NH1 1 
ATOM   946  N NH2 . ARG A 1 122 ? -14.934 -6.979  -7.657  0.00 13.15 ? 259 ARG A NH2 1 
ATOM   947  N N   . ARG A 1 123 ? -13.218 -2.169  -1.879  1.00 10.36 ? 260 ARG A N   1 
ATOM   948  C CA  . ARG A 1 123 ? -13.200 -2.386  -0.445  1.00 10.92 ? 260 ARG A CA  1 
ATOM   949  C C   . ARG A 1 123 ? -13.857 -3.686  -0.006  1.00 11.29 ? 260 ARG A C   1 
ATOM   950  O O   . ARG A 1 123 ? -14.843 -4.118  -0.611  1.00 13.57 ? 260 ARG A O   1 
ATOM   951  C CB  . ARG A 1 123 ? -13.858 -1.200  0.277   1.00 8.05  ? 260 ARG A CB  1 
ATOM   952  C CG  . ARG A 1 123 ? -15.382 -1.178  0.202   1.00 13.57 ? 260 ARG A CG  1 
ATOM   953  C CD  . ARG A 1 123 ? -15.939 0.215   0.447   1.00 13.55 ? 260 ARG A CD  1 
ATOM   954  N NE  . ARG A 1 123 ? -15.927 0.999   -0.784  1.00 14.10 ? 260 ARG A NE  1 
ATOM   955  C CZ  . ARG A 1 123 ? -16.534 2.168   -0.949  1.00 15.72 ? 260 ARG A CZ  1 
ATOM   956  N NH1 . ARG A 1 123 ? -17.211 2.710   0.059   1.00 14.41 ? 260 ARG A NH1 1 
ATOM   957  N NH2 . ARG A 1 123 ? -16.498 2.769   -2.136  1.00 16.24 ? 260 ARG A NH2 1 
ATOM   958  N N   . LEU A 1 124 ? -13.257 -4.325  0.999   1.00 10.67 ? 261 LEU A N   1 
ATOM   959  C CA  . LEU A 1 124 ? -13.768 -5.563  1.585   1.00 10.49 ? 261 LEU A CA  1 
ATOM   960  C C   . LEU A 1 124 ? -14.206 -5.204  3.003   1.00 11.08 ? 261 LEU A C   1 
ATOM   961  O O   . LEU A 1 124 ? -13.408 -5.211  3.929   1.00 12.60 ? 261 LEU A O   1 
ATOM   962  C CB  . LEU A 1 124 ? -12.685 -6.648  1.615   1.00 11.75 ? 261 LEU A CB  1 
ATOM   963  C CG  . LEU A 1 124 ? -12.287 -7.211  0.254   1.00 15.29 ? 261 LEU A CG  1 
ATOM   964  C CD1 . LEU A 1 124 ? -11.189 -8.246  0.427   1.00 14.39 ? 261 LEU A CD1 1 
ATOM   965  C CD2 . LEU A 1 124 ? -13.484 -7.837  -0.441  1.00 18.88 ? 261 LEU A CD2 1 
ATOM   966  N N   . MET A 1 125 ? -15.488 -4.881  3.165   1.00 13.03 ? 262 MET A N   1 
ATOM   967  C CA  . MET A 1 125 ? -16.019 -4.468  4.451   1.00 15.60 ? 262 MET A CA  1 
ATOM   968  C C   . MET A 1 125 ? -15.893 -5.485  5.552   1.00 15.15 ? 262 MET A C   1 
ATOM   969  O O   . MET A 1 125 ? -15.873 -5.118  6.719   1.00 18.38 ? 262 MET A O   1 
ATOM   970  C CB  . MET A 1 125 ? -17.456 -3.999  4.304   1.00 21.23 ? 262 MET A CB  1 
ATOM   971  C CG  . MET A 1 125 ? -17.564 -2.793  3.377   1.00 42.59 ? 262 MET A CG  1 
ATOM   972  S SD  . MET A 1 125 ? -19.096 -1.850  3.566   1.00 54.60 ? 262 MET A SD  1 
ATOM   973  C CE  . MET A 1 125 ? -18.435 -0.214  4.012   1.00 55.07 ? 262 MET A CE  1 
ATOM   974  N N   . GLU A 1 126 ? -15.764 -6.755  5.194   1.00 12.77 ? 263 GLU A N   1 
ATOM   975  C CA  . GLU A 1 126 ? -15.599 -7.786  6.206   1.00 16.03 ? 263 GLU A CA  1 
ATOM   976  C C   . GLU A 1 126 ? -14.123 -8.103  6.411   1.00 17.27 ? 263 GLU A C   1 
ATOM   977  O O   . GLU A 1 126 ? -13.776 -8.959  7.228   1.00 16.53 ? 263 GLU A O   1 
ATOM   978  C CB  . GLU A 1 126 ? -16.334 -9.072  5.818   1.00 20.28 ? 263 GLU A CB  1 
ATOM   979  C CG  . GLU A 1 126 ? -17.828 -8.901  5.555   1.00 34.89 ? 263 GLU A CG  1 
ATOM   980  C CD  . GLU A 1 126 ? -18.606 -8.450  6.775   1.00 42.80 ? 263 GLU A CD  1 
ATOM   981  O OE1 . GLU A 1 126 ? -18.179 -8.746  7.913   1.00 45.67 ? 263 GLU A OE1 1 
ATOM   982  O OE2 . GLU A 1 126 ? -19.657 -7.798  6.586   1.00 55.63 ? 263 GLU A OE2 1 
ATOM   983  N N   . SER A 1 127 ? -13.245 -7.415  5.687   1.00 13.09 ? 264 SER A N   1 
ATOM   984  C CA  . SER A 1 127 ? -11.830 -7.699  5.826   1.00 10.58 ? 264 SER A CA  1 
ATOM   985  C C   . SER A 1 127 ? -10.909 -6.490  5.681   1.00 10.61 ? 264 SER A C   1 
ATOM   986  O O   . SER A 1 127 ? -10.008 -6.446  4.832   1.00 10.80 ? 264 SER A O   1 
ATOM   987  C CB  . SER A 1 127 ? -11.410 -8.820  4.879   1.00 9.25  ? 264 SER A CB  1 
ATOM   988  O OG  . SER A 1 127 ? -10.268 -9.469  5.411   1.00 16.12 ? 264 SER A OG  1 
ATOM   989  N N   . TYR A 1 128 ? -11.163 -5.495  6.515   1.00 8.72  ? 265 TYR A N   1 
ATOM   990  C CA  . TYR A 1 128 ? -10.321 -4.318  6.546   1.00 10.84 ? 265 TYR A CA  1 
ATOM   991  C C   . TYR A 1 128 ? -10.135 -3.786  7.965   1.00 9.39  ? 265 TYR A C   1 
ATOM   992  O O   . TYR A 1 128 ? -10.011 -2.579  8.203   1.00 8.37  ? 265 TYR A O   1 
ATOM   993  C CB  . TYR A 1 128 ? -10.745 -3.240  5.533   1.00 11.87 ? 265 TYR A CB  1 
ATOM   994  C CG  . TYR A 1 128 ? -12.124 -2.620  5.647   1.00 8.78  ? 265 TYR A CG  1 
ATOM   995  C CD1 . TYR A 1 128 ? -12.967 -2.865  6.739   1.00 11.39 ? 265 TYR A CD1 1 
ATOM   996  C CD2 . TYR A 1 128 ? -12.574 -1.766  4.639   1.00 8.95  ? 265 TYR A CD2 1 
ATOM   997  C CE1 . TYR A 1 128 ? -14.238 -2.257  6.811   1.00 12.07 ? 265 TYR A CE1 1 
ATOM   998  C CE2 . TYR A 1 128 ? -13.827 -1.163  4.696   1.00 11.41 ? 265 TYR A CE2 1 
ATOM   999  C CZ  . TYR A 1 128 ? -14.651 -1.408  5.784   1.00 17.30 ? 265 TYR A CZ  1 
ATOM   1000 O OH  . TYR A 1 128 ? -15.868 -0.772  5.845   1.00 16.79 ? 265 TYR A OH  1 
ATOM   1001 N N   . CYS A 1 129 ? -10.056 -4.734  8.905   1.00 8.27  ? 266 CYS A N   1 
ATOM   1002 C CA  . CYS A 1 129 ? -9.839  -4.443  10.322  1.00 8.39  ? 266 CYS A CA  1 
ATOM   1003 C C   . CYS A 1 129 ? -10.741 -3.334  10.861  1.00 7.82  ? 266 CYS A C   1 
ATOM   1004 O O   . CYS A 1 129 ? -10.278 -2.445  11.567  1.00 8.83  ? 266 CYS A O   1 
ATOM   1005 C CB  . CYS A 1 129 ? -8.365  -4.126  10.568  1.00 9.42  ? 266 CYS A CB  1 
ATOM   1006 S SG  . CYS A 1 129 ? -7.274  -5.527  10.171  1.00 8.90  ? 266 CYS A SG  1 
ATOM   1007 N N   . GLU A 1 130 ? -12.026 -3.410  10.512  1.00 8.61  ? 267 GLU A N   1 
ATOM   1008 C CA  . GLU A 1 130 ? -13.017 -2.429  10.939  1.00 11.70 ? 267 GLU A CA  1 
ATOM   1009 C C   . GLU A 1 130 ? -12.518 -1.026  10.570  1.00 11.52 ? 267 GLU A C   1 
ATOM   1010 O O   . GLU A 1 130 ? -12.405 -0.114  11.404  1.00 11.15 ? 267 GLU A O   1 
ATOM   1011 C CB  . GLU A 1 130 ? -13.296 -2.620  12.429  1.00 12.76 ? 267 GLU A CB  1 
ATOM   1012 C CG  . GLU A 1 130 ? -13.852 -4.044  12.673  1.00 24.58 ? 267 GLU A CG  1 
ATOM   1013 C CD  . GLU A 1 130 ? -13.888 -4.486  14.127  1.00 39.48 ? 267 GLU A CD  1 
ATOM   1014 O OE1 . GLU A 1 130 ? -13.783 -3.634  15.039  1.00 42.95 ? 267 GLU A OE1 1 
ATOM   1015 O OE2 . GLU A 1 130 ? -14.032 -5.712  14.341  1.00 49.08 ? 267 GLU A OE2 1 
ATOM   1016 N N   . THR A 1 131 ? -12.249 -0.900  9.275   1.00 9.46  ? 268 THR A N   1 
ATOM   1017 C CA  . THR A 1 131 ? -11.710 0.300   8.660   1.00 9.65  ? 268 THR A CA  1 
ATOM   1018 C C   . THR A 1 131 ? -10.455 0.797   9.386   1.00 10.00 ? 268 THR A C   1 
ATOM   1019 O O   . THR A 1 131 ? -10.287 1.978   9.686   1.00 10.46 ? 268 THR A O   1 
ATOM   1020 C CB  . THR A 1 131 ? -12.797 1.384   8.333   1.00 15.01 ? 268 THR A CB  1 
ATOM   1021 O OG1 . THR A 1 131 ? -12.238 2.377   7.452   1.00 18.73 ? 268 THR A OG1 1 
ATOM   1022 C CG2 . THR A 1 131 ? -13.347 2.035   9.572   1.00 12.06 ? 268 THR A CG2 1 
ATOM   1023 N N   . TRP A 1 132 ? -9.559  -0.160  9.646   1.00 8.83  ? 269 TRP A N   1 
ATOM   1024 C CA  . TRP A 1 132 ? -8.251  0.072   10.263  1.00 7.33  ? 269 TRP A CA  1 
ATOM   1025 C C   . TRP A 1 132 ? -8.294  0.700   11.637  1.00 9.24  ? 269 TRP A C   1 
ATOM   1026 O O   . TRP A 1 132 ? -7.451  1.522   12.001  1.00 9.17  ? 269 TRP A O   1 
ATOM   1027 C CB  . TRP A 1 132 ? -7.360  0.859   9.287   1.00 6.91  ? 269 TRP A CB  1 
ATOM   1028 C CG  . TRP A 1 132 ? -7.425  0.250   7.914   1.00 7.44  ? 269 TRP A CG  1 
ATOM   1029 C CD1 . TRP A 1 132 ? -8.068  0.752   6.815   1.00 8.91  ? 269 TRP A CD1 1 
ATOM   1030 C CD2 . TRP A 1 132 ? -6.950  -1.054  7.539   1.00 9.25  ? 269 TRP A CD2 1 
ATOM   1031 N NE1 . TRP A 1 132 ? -8.036  -0.162  5.782   1.00 9.46  ? 269 TRP A NE1 1 
ATOM   1032 C CE2 . TRP A 1 132 ? -7.357  -1.278  6.199   1.00 9.60  ? 269 TRP A CE2 1 
ATOM   1033 C CE3 . TRP A 1 132 ? -6.227  -2.054  8.211   1.00 9.02  ? 269 TRP A CE3 1 
ATOM   1034 C CZ2 . TRP A 1 132 ? -7.060  -2.470  5.519   1.00 10.78 ? 269 TRP A CZ2 1 
ATOM   1035 C CZ3 . TRP A 1 132 ? -5.935  -3.230  7.539   1.00 8.88  ? 269 TRP A CZ3 1 
ATOM   1036 C CH2 . TRP A 1 132 ? -6.350  -3.430  6.212   1.00 9.58  ? 269 TRP A CH2 1 
ATOM   1037 N N   . ARG A 1 133 ? -9.254  0.242   12.426  1.00 8.34  ? 270 ARG A N   1 
ATOM   1038 C CA  . ARG A 1 133 ? -9.414  0.744   13.770  1.00 10.31 ? 270 ARG A CA  1 
ATOM   1039 C C   . ARG A 1 133 ? -9.131  -0.291  14.861  1.00 13.63 ? 270 ARG A C   1 
ATOM   1040 O O   . ARG A 1 133 ? -8.978  0.067   16.031  1.00 17.45 ? 270 ARG A O   1 
ATOM   1041 C CB  . ARG A 1 133 ? -10.823 1.331   13.948  1.00 12.83 ? 270 ARG A CB  1 
ATOM   1042 C CG  . ARG A 1 133 ? -11.043 2.623   13.176  1.00 13.79 ? 270 ARG A CG  1 
ATOM   1043 C CD  . ARG A 1 133 ? -12.358 3.292   13.565  1.00 21.22 ? 270 ARG A CD  1 
ATOM   1044 N NE  . ARG A 1 133 ? -12.476 4.573   12.870  1.00 39.86 ? 270 ARG A NE  1 
ATOM   1045 C CZ  . ARG A 1 133 ? -13.504 4.926   12.097  1.00 53.84 ? 270 ARG A CZ  1 
ATOM   1046 N NH1 . ARG A 1 133 ? -14.538 4.096   11.932  1.00 52.16 ? 270 ARG A NH1 1 
ATOM   1047 N NH2 . ARG A 1 133 ? -13.439 6.053   11.389  1.00 58.09 ? 270 ARG A NH2 1 
ATOM   1048 N N   . THR A 1 134 ? -8.975  -1.554  14.489  1.00 10.29 ? 271 THR A N   1 
ATOM   1049 C CA  . THR A 1 134 ? -8.736  -2.558  15.504  1.00 10.70 ? 271 THR A CA  1 
ATOM   1050 C C   . THR A 1 134 ? -7.545  -3.451  15.220  1.00 7.92  ? 271 THR A C   1 
ATOM   1051 O O   . THR A 1 134 ? -7.219  -3.711  14.060  1.00 12.00 ? 271 THR A O   1 
ATOM   1052 C CB  . THR A 1 134 ? -9.981  -3.464  15.676  1.00 12.98 ? 271 THR A CB  1 
ATOM   1053 O OG1 . THR A 1 134 ? -9.818  -4.291  16.847  1.00 14.76 ? 271 THR A OG1 1 
ATOM   1054 C CG2 . THR A 1 134 ? -10.171 -4.347  14.445  1.00 11.47 ? 271 THR A CG2 1 
ATOM   1055 N N   . GLU A 1 135 ? -6.881  -3.883  16.284  1.00 8.88  ? 272 GLU A N   1 
ATOM   1056 C CA  . GLU A 1 135 ? -5.761  -4.803  16.166  1.00 11.22 ? 272 GLU A CA  1 
ATOM   1057 C C   . GLU A 1 135 ? -6.072  -6.098  16.951  1.00 12.64 ? 272 GLU A C   1 
ATOM   1058 O O   . GLU A 1 135 ? -5.169  -6.873  17.280  1.00 14.03 ? 272 GLU A O   1 
ATOM   1059 C CB  . GLU A 1 135 ? -4.444  -4.161  16.627  1.00 12.02 ? 272 GLU A CB  1 
ATOM   1060 C CG  . GLU A 1 135 ? -4.368  -3.715  18.099  1.00 13.79 ? 272 GLU A CG  1 
ATOM   1061 C CD  . GLU A 1 135 ? -2.919  -3.506  18.526  1.00 24.86 ? 272 GLU A CD  1 
ATOM   1062 O OE1 . GLU A 1 135 ? -2.292  -2.539  18.047  1.00 25.32 ? 272 GLU A OE1 1 
ATOM   1063 O OE2 . GLU A 1 135 ? -2.388  -4.332  19.305  1.00 26.85 ? 272 GLU A OE2 1 
ATOM   1064 N N   . THR A 1 136 ? -7.355  -6.343  17.211  1.00 11.26 ? 273 THR A N   1 
ATOM   1065 C CA  . THR A 1 136 ? -7.777  -7.547  17.933  1.00 12.66 ? 273 THR A CA  1 
ATOM   1066 C C   . THR A 1 136 ? -7.435  -8.795  17.103  1.00 13.21 ? 273 THR A C   1 
ATOM   1067 O O   . THR A 1 136 ? -7.470  -8.743  15.858  1.00 13.27 ? 273 THR A O   1 
ATOM   1068 C CB  . THR A 1 136 ? -9.289  -7.505  18.242  1.00 16.48 ? 273 THR A CB  1 
ATOM   1069 O OG1 . THR A 1 136 ? -9.620  -8.560  19.152  1.00 32.58 ? 273 THR A OG1 1 
ATOM   1070 C CG2 . THR A 1 136 ? -10.106 -7.666  16.981  1.00 15.77 ? 273 THR A CG2 1 
ATOM   1071 N N   . THR A 1 137 ? -7.117  -9.915  17.767  1.00 10.07 ? 274 THR A N   1 
ATOM   1072 C CA  . THR A 1 137 ? -6.742  -11.123 17.021  1.00 10.48 ? 274 THR A CA  1 
ATOM   1073 C C   . THR A 1 137 ? -7.832  -11.770 16.187  1.00 11.19 ? 274 THR A C   1 
ATOM   1074 O O   . THR A 1 137 ? -7.540  -12.393 15.165  1.00 13.84 ? 274 THR A O   1 
ATOM   1075 C CB  . THR A 1 137 ? -6.117  -12.226 17.908  1.00 11.25 ? 274 THR A CB  1 
ATOM   1076 O OG1 . THR A 1 137 ? -7.093  -12.722 18.832  1.00 11.26 ? 274 THR A OG1 1 
ATOM   1077 C CG2 . THR A 1 137 ? -4.919  -11.701 18.665  1.00 12.70 ? 274 THR A CG2 1 
ATOM   1078 N N   . GLY A 1 138 ? -9.077  -11.631 16.631  1.00 12.95 ? 275 GLY A N   1 
ATOM   1079 C CA  . GLY A 1 138 ? -10.196 -12.216 15.924  1.00 13.46 ? 275 GLY A CA  1 
ATOM   1080 C C   . GLY A 1 138 ? -10.632 -11.492 14.670  1.00 16.29 ? 275 GLY A C   1 
ATOM   1081 O O   . GLY A 1 138 ? -11.275 -12.095 13.813  1.00 22.92 ? 275 GLY A O   1 
ATOM   1082 N N   . ALA A 1 139 ? -10.319 -10.210 14.543  1.00 12.83 ? 276 ALA A N   1 
ATOM   1083 C CA  . ALA A 1 139 ? -10.724 -9.478  13.343  1.00 12.40 ? 276 ALA A CA  1 
ATOM   1084 C C   . ALA A 1 139 ? -9.688  -9.688  12.233  1.00 10.43 ? 276 ALA A C   1 
ATOM   1085 O O   . ALA A 1 139 ? -8.520  -9.962  12.529  1.00 10.44 ? 276 ALA A O   1 
ATOM   1086 C CB  . ALA A 1 139 ? -10.863 -8.004  13.659  1.00 10.70 ? 276 ALA A CB  1 
ATOM   1087 N N   . THR A 1 140 ? -10.109 -9.563  10.973  1.00 9.22  ? 277 THR A N   1 
ATOM   1088 C CA  . THR A 1 140 ? -9.174  -9.734  9.867   1.00 9.06  ? 277 THR A CA  1 
ATOM   1089 C C   . THR A 1 140 ? -9.114  -8.566  8.898   1.00 10.02 ? 277 THR A C   1 
ATOM   1090 O O   . THR A 1 140 ? -10.048 -7.751  8.789   1.00 10.24 ? 277 THR A O   1 
ATOM   1091 C CB  . THR A 1 140 ? -9.444  -11.016 9.020   1.00 14.14 ? 277 THR A CB  1 
ATOM   1092 O OG1 . THR A 1 140 ? -10.697 -10.895 8.341   1.00 21.05 ? 277 THR A OG1 1 
ATOM   1093 C CG2 . THR A 1 140 ? -9.427  -12.264 9.896   1.00 17.07 ? 277 THR A CG2 1 
ATOM   1094 N N   . GLY A 1 141 ? -8.007  -8.532  8.165   1.00 10.62 ? 278 GLY A N   1 
ATOM   1095 C CA  . GLY A 1 141 ? -7.785  -7.531  7.144   1.00 10.07 ? 278 GLY A CA  1 
ATOM   1096 C C   . GLY A 1 141 ? -7.183  -8.253  5.955   1.00 9.01  ? 278 GLY A C   1 
ATOM   1097 O O   . GLY A 1 141 ? -6.418  -9.205  6.131   1.00 10.30 ? 278 GLY A O   1 
ATOM   1098 N N   . GLN A 1 142 ? -7.541  -7.832  4.751   1.00 7.20  ? 279 GLN A N   1 
ATOM   1099 C CA  . GLN A 1 142 ? -6.999  -8.467  3.558   1.00 7.37  ? 279 GLN A CA  1 
ATOM   1100 C C   . GLN A 1 142 ? -5.560  -7.962  3.353   1.00 8.48  ? 279 GLN A C   1 
ATOM   1101 O O   . GLN A 1 142 ? -5.298  -6.757  3.352   1.00 8.67  ? 279 GLN A O   1 
ATOM   1102 C CB  . GLN A 1 142 ? -7.874  -8.187  2.339   1.00 6.93  ? 279 GLN A CB  1 
ATOM   1103 C CG  . GLN A 1 142 ? -7.888  -9.321  1.331   1.00 7.69  ? 279 GLN A CG  1 
ATOM   1104 C CD  . GLN A 1 142 ? -8.793  -10.485 1.764   1.00 14.20 ? 279 GLN A CD  1 
ATOM   1105 O OE1 . GLN A 1 142 ? -9.168  -10.612 2.932   1.00 12.46 ? 279 GLN A OE1 1 
ATOM   1106 N NE2 . GLN A 1 142 ? -9.161  -11.315 0.813   1.00 13.42 ? 279 GLN A NE2 1 
ATOM   1107 N N   . ALA A 1 143 ? -4.639  -8.898  3.190   1.00 7.19  ? 280 ALA A N   1 
ATOM   1108 C CA  . ALA A 1 143 ? -3.228  -8.584  3.057   1.00 7.73  ? 280 ALA A CA  1 
ATOM   1109 C C   . ALA A 1 143 ? -2.613  -9.407  1.947   1.00 9.97  ? 280 ALA A C   1 
ATOM   1110 O O   . ALA A 1 143 ? -3.234  -10.346 1.443   1.00 11.40 ? 280 ALA A O   1 
ATOM   1111 C CB  . ALA A 1 143 ? -2.503  -8.862  4.377   1.00 9.40  ? 280 ALA A CB  1 
ATOM   1112 N N   . SER A 1 144 ? -1.398  -9.034  1.553   1.00 9.84  ? 281 SER A N   1 
ATOM   1113 C CA  . SER A 1 144 ? -0.699  -9.717  0.482   1.00 9.93  ? 281 SER A CA  1 
ATOM   1114 C C   . SER A 1 144 ? 0.765   -9.968  0.829   1.00 13.00 ? 281 SER A C   1 
ATOM   1115 O O   . SER A 1 144 ? 1.442   -9.094  1.367   1.00 11.02 ? 281 SER A O   1 
ATOM   1116 C CB  . SER A 1 144 ? -0.768  -8.858  -0.773  1.00 8.72  ? 281 SER A CB  1 
ATOM   1117 O OG  . SER A 1 144 ? -0.105  -9.503  -1.854  1.00 10.75 ? 281 SER A OG  1 
ATOM   1118 N N   . SER A 1 145 ? 1.267   -11.145 0.460   1.00 10.37 ? 282 SER A N   1 
ATOM   1119 C CA  . SER A 1 145 ? 2.651   -11.469 0.714   1.00 9.96  ? 282 SER A CA  1 
ATOM   1120 C C   . SER A 1 145 ? 3.516   -10.903 -0.386  1.00 10.90 ? 282 SER A C   1 
ATOM   1121 O O   . SER A 1 145 ? 3.384   -11.272 -1.543  1.00 12.82 ? 282 SER A O   1 
ATOM   1122 C CB  . SER A 1 145 ? 2.867   -12.977 0.745   1.00 11.10 ? 282 SER A CB  1 
ATOM   1123 O OG  . SER A 1 145 ? 4.211   -13.254 1.102   1.00 15.65 ? 282 SER A OG  1 
ATOM   1124 N N   . LEU A 1 146 ? 4.447   -10.050 -0.004  1.00 11.53 ? 283 LEU A N   1 
ATOM   1125 C CA  . LEU A 1 146 ? 5.367   -9.462  -0.952  1.00 14.28 ? 283 LEU A CA  1 
ATOM   1126 C C   . LEU A 1 146 ? 6.366   -10.526 -1.447  1.00 16.05 ? 283 LEU A C   1 
ATOM   1127 O O   . LEU A 1 146 ? 7.013   -10.347 -2.487  1.00 16.78 ? 283 LEU A O   1 
ATOM   1128 C CB  . LEU A 1 146 ? 6.099   -8.304  -0.276  1.00 19.36 ? 283 LEU A CB  1 
ATOM   1129 C CG  . LEU A 1 146 ? 6.280   -7.031  -1.088  1.00 28.95 ? 283 LEU A CG  1 
ATOM   1130 C CD1 . LEU A 1 146 ? 5.003   -6.681  -1.848  1.00 25.11 ? 283 LEU A CD1 1 
ATOM   1131 C CD2 . LEU A 1 146 ? 6.677   -5.930  -0.120  1.00 33.05 ? 283 LEU A CD2 1 
ATOM   1132 N N   . LEU A 1 147 ? 6.491   -11.629 -0.707  1.00 14.06 ? 284 LEU A N   1 
ATOM   1133 C CA  . LEU A 1 147 ? 7.393   -12.704 -1.104  1.00 16.31 ? 284 LEU A CA  1 
ATOM   1134 C C   . LEU A 1 147 ? 6.898   -13.366 -2.390  1.00 18.57 ? 284 LEU A C   1 
ATOM   1135 O O   . LEU A 1 147 ? 7.697   -13.883 -3.168  1.00 22.25 ? 284 LEU A O   1 
ATOM   1136 C CB  . LEU A 1 147 ? 7.556   -13.741 0.018   1.00 13.83 ? 284 LEU A CB  1 
ATOM   1137 C CG  . LEU A 1 147 ? 8.148   -13.181 1.320   1.00 14.35 ? 284 LEU A CG  1 
ATOM   1138 C CD1 . LEU A 1 147 ? 8.077   -14.204 2.415   1.00 16.51 ? 284 LEU A CD1 1 
ATOM   1139 C CD2 . LEU A 1 147 ? 9.551   -12.722 1.111   1.00 16.99 ? 284 LEU A CD2 1 
ATOM   1140 N N   . SER A 1 148 ? 5.593   -13.308 -2.640  1.00 16.42 ? 285 SER A N   1 
ATOM   1141 C CA  . SER A 1 148 ? 5.022   -13.892 -3.854  1.00 18.85 ? 285 SER A CA  1 
ATOM   1142 C C   . SER A 1 148 ? 5.076   -12.923 -5.050  1.00 19.12 ? 285 SER A C   1 
ATOM   1143 O O   . SER A 1 148 ? 4.601   -13.251 -6.133  1.00 22.78 ? 285 SER A O   1 
ATOM   1144 C CB  . SER A 1 148 ? 3.574   -14.318 -3.602  1.00 17.75 ? 285 SER A CB  1 
ATOM   1145 O OG  . SER A 1 148 ? 2.708   -13.193 -3.538  1.00 22.16 ? 285 SER A OG  1 
ATOM   1146 N N   . GLY A 1 149 ? 5.639   -11.734 -4.841  1.00 18.11 ? 286 GLY A N   1 
ATOM   1147 C CA  . GLY A 1 149 ? 5.727   -10.739 -5.897  1.00 17.95 ? 286 GLY A CA  1 
ATOM   1148 C C   . GLY A 1 149 ? 4.439   -9.992  -6.216  1.00 19.04 ? 286 GLY A C   1 
ATOM   1149 O O   . GLY A 1 149 ? 4.407   -9.238  -7.184  1.00 20.27 ? 286 GLY A O   1 
ATOM   1150 N N   . ARG A 1 150 ? 3.412   -10.112 -5.372  1.00 15.86 ? 287 ARG A N   1 
ATOM   1151 C CA  . ARG A 1 150 ? 2.127   -9.448  -5.627  1.00 12.80 ? 287 ARG A CA  1 
ATOM   1152 C C   . ARG A 1 150 ? 1.726   -8.497  -4.506  1.00 12.17 ? 287 ARG A C   1 
ATOM   1153 O O   . ARG A 1 150 ? 2.057   -8.729  -3.341  1.00 13.69 ? 287 ARG A O   1 
ATOM   1154 C CB  . ARG A 1 150 ? 1.016   -10.493 -5.787  1.00 12.46 ? 287 ARG A CB  1 
ATOM   1155 C CG  . ARG A 1 150 ? 1.219   -11.428 -6.947  1.00 14.92 ? 287 ARG A CG  1 
ATOM   1156 C CD  . ARG A 1 150 ? 0.286   -12.628 -6.851  1.00 25.50 ? 287 ARG A CD  1 
ATOM   1157 N NE  . ARG A 1 150 ? 0.579   -13.473 -5.692  1.00 25.57 ? 287 ARG A NE  1 
ATOM   1158 C CZ  . ARG A 1 150 ? -0.160  -14.509 -5.302  1.00 27.33 ? 287 ARG A CZ  1 
ATOM   1159 N NH1 . ARG A 1 150 ? -1.250  -14.850 -5.974  1.00 25.30 ? 287 ARG A NH1 1 
ATOM   1160 N NH2 . ARG A 1 150 ? 0.189   -15.202 -4.227  1.00 25.11 ? 287 ARG A NH2 1 
ATOM   1161 N N   . LEU A 1 151 ? 0.968   -7.460  -4.859  1.00 10.50 ? 288 LEU A N   1 
ATOM   1162 C CA  . LEU A 1 151 ? 0.475   -6.474  -3.891  1.00 12.07 ? 288 LEU A CA  1 
ATOM   1163 C C   . LEU A 1 151 ? -0.963  -6.726  -3.462  1.00 11.63 ? 288 LEU A C   1 
ATOM   1164 O O   . LEU A 1 151 ? -1.378  -6.250  -2.415  1.00 11.03 ? 288 LEU A O   1 
ATOM   1165 C CB  . LEU A 1 151 ? 0.504   -5.066  -4.490  1.00 11.10 ? 288 LEU A CB  1 
ATOM   1166 C CG  . LEU A 1 151 ? 1.843   -4.431  -4.806  1.00 13.11 ? 288 LEU A CG  1 
ATOM   1167 C CD1 . LEU A 1 151 ? 1.593   -3.066  -5.449  1.00 14.89 ? 288 LEU A CD1 1 
ATOM   1168 C CD2 . LEU A 1 151 ? 2.638   -4.290  -3.538  1.00 16.30 ? 288 LEU A CD2 1 
ATOM   1169 N N   . LEU A 1 152 ? -1.714  -7.481  -4.265  1.00 10.91 ? 289 LEU A N   1 
ATOM   1170 C CA  . LEU A 1 152 ? -3.134  -7.701  -3.994  1.00 11.22 ? 289 LEU A CA  1 
ATOM   1171 C C   . LEU A 1 152 ? -3.594  -9.153  -3.838  1.00 11.78 ? 289 LEU A C   1 
ATOM   1172 O O   . LEU A 1 152 ? -4.722  -9.495  -4.176  1.00 12.35 ? 289 LEU A O   1 
ATOM   1173 C CB  . LEU A 1 152 ? -3.992  -6.969  -5.051  1.00 12.01 ? 289 LEU A CB  1 
ATOM   1174 C CG  . LEU A 1 152 ? -3.857  -5.438  -5.165  1.00 12.63 ? 289 LEU A CG  1 
ATOM   1175 C CD1 . LEU A 1 152 ? -4.555  -4.947  -6.422  1.00 12.30 ? 289 LEU A CD1 1 
ATOM   1176 C CD2 . LEU A 1 152 ? -4.449  -4.761  -3.914  1.00 12.35 ? 289 LEU A CD2 1 
ATOM   1177 N N   . GLU A 1 153 ? -2.713  -9.998  -3.324  1.00 11.86 ? 290 GLU A N   1 
ATOM   1178 C CA  . GLU A 1 153 ? -3.046  -11.383 -3.039  1.00 13.35 ? 290 GLU A CA  1 
ATOM   1179 C C   . GLU A 1 153 ? -4.228  -11.311 -2.060  1.00 14.01 ? 290 GLU A C   1 
ATOM   1180 O O   . GLU A 1 153 ? -4.377  -10.338 -1.306  1.00 14.47 ? 290 GLU A O   1 
ATOM   1181 C CB  . GLU A 1 153 ? -1.830  -12.041 -2.395  1.00 17.02 ? 290 GLU A CB  1 
ATOM   1182 C CG  . GLU A 1 153 ? -1.945  -13.509 -2.079  1.00 40.20 ? 290 GLU A CG  1 
ATOM   1183 C CD  . GLU A 1 153 ? -0.621  -14.092 -1.601  1.00 49.50 ? 290 GLU A CD  1 
ATOM   1184 O OE1 . GLU A 1 153 ? 0.284   -13.323 -1.224  1.00 39.91 ? 290 GLU A OE1 1 
ATOM   1185 O OE2 . GLU A 1 153 ? -0.476  -15.333 -1.587  1.00 62.69 ? 290 GLU A OE2 1 
ATOM   1186 N N   . GLN A 1 154 ? -5.077  -12.320 -2.070  1.00 13.28 ? 291 GLN A N   1 
ATOM   1187 C CA  . GLN A 1 154 ? -6.258  -12.310 -1.214  1.00 13.39 ? 291 GLN A CA  1 
ATOM   1188 C C   . GLN A 1 154 ? -6.176  -13.143 0.057   1.00 15.73 ? 291 GLN A C   1 
ATOM   1189 O O   . GLN A 1 154 ? -6.803  -14.203 0.151   1.00 21.34 ? 291 GLN A O   1 
ATOM   1190 C CB  . GLN A 1 154 ? -7.457  -12.719 -2.054  1.00 12.23 ? 291 GLN A CB  1 
ATOM   1191 C CG  . GLN A 1 154 ? -7.670  -11.753 -3.202  1.00 13.53 ? 291 GLN A CG  1 
ATOM   1192 C CD  . GLN A 1 154 ? -8.103  -10.405 -2.703  1.00 12.24 ? 291 GLN A CD  1 
ATOM   1193 O OE1 . GLN A 1 154 ? -9.126  -10.301 -2.049  1.00 13.87 ? 291 GLN A OE1 1 
ATOM   1194 N NE2 . GLN A 1 154 ? -7.314  -9.376  -2.970  1.00 10.73 ? 291 GLN A NE2 1 
ATOM   1195 N N   . LYS A 1 155 ? -5.379  -12.677 1.015   1.00 13.25 ? 292 LYS A N   1 
ATOM   1196 C CA  . LYS A 1 155 ? -5.217  -13.355 2.288   1.00 13.64 ? 292 LYS A CA  1 
ATOM   1197 C C   . LYS A 1 155 ? -5.919  -12.598 3.410   1.00 16.34 ? 292 LYS A C   1 
ATOM   1198 O O   . LYS A 1 155 ? -5.687  -11.407 3.598   1.00 16.97 ? 292 LYS A O   1 
ATOM   1199 C CB  . LYS A 1 155 ? -3.736  -13.480 2.651   1.00 15.76 ? 292 LYS A CB  1 
ATOM   1200 C CG  . LYS A 1 155 ? -2.985  -14.628 2.018   0.00 14.29 ? 292 LYS A CG  1 
ATOM   1201 C CD  . LYS A 1 155 ? -1.700  -14.876 2.799   0.00 13.82 ? 292 LYS A CD  1 
ATOM   1202 C CE  . LYS A 1 155 ? -0.865  -15.992 2.206   0.00 13.29 ? 292 LYS A CE  1 
ATOM   1203 N NZ  . LYS A 1 155 ? -0.270  -15.602 0.915   0.00 12.93 ? 292 LYS A NZ  1 
ATOM   1204 N N   . ALA A 1 156 ? -6.783  -13.285 4.155   1.00 15.29 ? 293 ALA A N   1 
ATOM   1205 C CA  . ALA A 1 156 ? -7.464  -12.670 5.292   1.00 15.09 ? 293 ALA A CA  1 
ATOM   1206 C C   . ALA A 1 156 ? -6.529  -12.928 6.470   1.00 18.98 ? 293 ALA A C   1 
ATOM   1207 O O   . ALA A 1 156 ? -6.327  -14.091 6.857   1.00 22.49 ? 293 ALA A O   1 
ATOM   1208 C CB  . ALA A 1 156 ? -8.790  -13.336 5.528   1.00 17.19 ? 293 ALA A CB  1 
ATOM   1209 N N   . ALA A 1 157 ? -5.884  -11.871 6.971   1.00 15.43 ? 294 ALA A N   1 
ATOM   1210 C CA  . ALA A 1 157 ? -4.930  -11.992 8.082   1.00 13.78 ? 294 ALA A CA  1 
ATOM   1211 C C   . ALA A 1 157 ? -5.444  -11.353 9.369   1.00 12.39 ? 294 ALA A C   1 
ATOM   1212 O O   . ALA A 1 157 ? -6.179  -10.367 9.326   1.00 11.83 ? 294 ALA A O   1 
ATOM   1213 C CB  . ALA A 1 157 ? -3.582  -11.349 7.690   1.00 10.17 ? 294 ALA A CB  1 
ATOM   1214 N N   . SER A 1 158 ? -5.078  -11.923 10.513  1.00 9.52  ? 295 SER A N   1 
ATOM   1215 C CA  . SER A 1 158 ? -5.487  -11.356 11.793  1.00 10.89 ? 295 SER A CA  1 
ATOM   1216 C C   . SER A 1 158 ? -4.956  -9.924  11.879  1.00 9.64  ? 295 SER A C   1 
ATOM   1217 O O   . SER A 1 158 ? -3.772  -9.665  11.605  1.00 9.24  ? 295 SER A O   1 
ATOM   1218 C CB  . SER A 1 158 ? -4.900  -12.159 12.956  1.00 10.02 ? 295 SER A CB  1 
ATOM   1219 O OG  . SER A 1 158 ? -5.030  -11.487 14.196  1.00 10.54 ? 295 SER A OG  1 
ATOM   1220 N N   . CYS A 1 159 ? -5.814  -9.033  12.359  1.00 8.90  ? 296 CYS A N   1 
ATOM   1221 C CA  . CYS A 1 159 ? -5.481  -7.627  12.505  1.00 10.24 ? 296 CYS A CA  1 
ATOM   1222 C C   . CYS A 1 159 ? -4.393  -7.354  13.520  1.00 9.59  ? 296 CYS A C   1 
ATOM   1223 O O   . CYS A 1 159 ? -3.849  -6.246  13.581  1.00 9.50  ? 296 CYS A O   1 
ATOM   1224 C CB  . CYS A 1 159 ? -6.738  -6.837  12.838  1.00 8.51  ? 296 CYS A CB  1 
ATOM   1225 S SG  . CYS A 1 159 ? -7.944  -6.926  11.484  1.00 10.52 ? 296 CYS A SG  1 
ATOM   1226 N N   . HIS A 1 160 ? -4.078  -8.352  14.333  1.00 8.62  ? 297 HIS A N   1 
ATOM   1227 C CA  . HIS A 1 160 ? -3.045  -8.186  15.328  1.00 9.50  ? 297 HIS A CA  1 
ATOM   1228 C C   . HIS A 1 160 ? -1.610  -8.234  14.729  1.00 9.12  ? 297 HIS A C   1 
ATOM   1229 O O   . HIS A 1 160 ? -0.627  -7.909  15.405  1.00 11.63 ? 297 HIS A O   1 
ATOM   1230 C CB  . HIS A 1 160 ? -3.222  -9.215  16.442  1.00 9.64  ? 297 HIS A CB  1 
ATOM   1231 C CG  . HIS A 1 160 ? -2.405  -8.915  17.652  1.00 9.70  ? 297 HIS A CG  1 
ATOM   1232 N ND1 . HIS A 1 160 ? -1.202  -9.530  17.904  1.00 14.69 ? 297 HIS A ND1 1 
ATOM   1233 C CD2 . HIS A 1 160 ? -2.604  -8.035  18.655  1.00 15.57 ? 297 HIS A CD2 1 
ATOM   1234 C CE1 . HIS A 1 160 ? -0.688  -9.042  19.020  1.00 19.73 ? 297 HIS A CE1 1 
ATOM   1235 N NE2 . HIS A 1 160 ? -1.522  -8.133  19.495  1.00 23.00 ? 297 HIS A NE2 1 
ATOM   1236 N N   . ASN A 1 161 ? -1.498  -8.670  13.477  1.00 8.35  ? 298 ASN A N   1 
ATOM   1237 C CA  . ASN A 1 161 ? -0.207  -8.714  12.794  1.00 8.97  ? 298 ASN A CA  1 
ATOM   1238 C C   . ASN A 1 161 ? 0.296   -7.292  12.474  1.00 10.39 ? 298 ASN A C   1 
ATOM   1239 O O   . ASN A 1 161 ? -0.503  -6.396  12.170  1.00 11.28 ? 298 ASN A O   1 
ATOM   1240 C CB  . ASN A 1 161 ? -0.348  -9.469  11.465  1.00 8.79  ? 298 ASN A CB  1 
ATOM   1241 C CG  . ASN A 1 161 ? -0.381  -10.978 11.646  1.00 8.51  ? 298 ASN A CG  1 
ATOM   1242 O OD1 . ASN A 1 161 ? 0.626   -11.592 11.967  1.00 11.82 ? 298 ASN A OD1 1 
ATOM   1243 N ND2 . ASN A 1 161 ? -1.533  -11.573 11.416  1.00 11.49 ? 298 ASN A ND2 1 
ATOM   1244 N N   . SER A 1 162 ? 1.614   -7.118  12.509  1.00 10.29 ? 299 SER A N   1 
ATOM   1245 C CA  . SER A 1 162 ? 2.265   -5.843  12.179  1.00 10.47 ? 299 SER A CA  1 
ATOM   1246 C C   . SER A 1 162 ? 2.867   -6.045  10.795  1.00 10.29 ? 299 SER A C   1 
ATOM   1247 O O   . SER A 1 162 ? 3.871   -6.747  10.649  1.00 11.16 ? 299 SER A O   1 
ATOM   1248 C CB  . SER A 1 162 ? 3.360   -5.481  13.197  1.00 14.97 ? 299 SER A CB  1 
ATOM   1249 O OG  . SER A 1 162 ? 2.791   -4.992  14.404  1.00 28.18 ? 299 SER A OG  1 
ATOM   1250 N N   . TYR A 1 163 ? 2.212   -5.458  9.791   1.00 9.29  ? 300 TYR A N   1 
ATOM   1251 C CA  . TYR A 1 163 ? 2.588   -5.581  8.387   1.00 8.49  ? 300 TYR A CA  1 
ATOM   1252 C C   . TYR A 1 163 ? 3.026   -4.237  7.777   1.00 9.73  ? 300 TYR A C   1 
ATOM   1253 O O   . TYR A 1 163 ? 2.888   -3.169  8.382   1.00 8.08  ? 300 TYR A O   1 
ATOM   1254 C CB  . TYR A 1 163 ? 1.371   -6.102  7.589   1.00 7.10  ? 300 TYR A CB  1 
ATOM   1255 C CG  . TYR A 1 163 ? 1.024   -7.574  7.762   1.00 7.59  ? 300 TYR A CG  1 
ATOM   1256 C CD1 . TYR A 1 163 ? 1.942   -8.482  8.308   1.00 10.11 ? 300 TYR A CD1 1 
ATOM   1257 C CD2 . TYR A 1 163 ? -0.207  -8.058  7.336   1.00 8.62  ? 300 TYR A CD2 1 
ATOM   1258 C CE1 . TYR A 1 163 ? 1.644   -9.851  8.403   1.00 9.19  ? 300 TYR A CE1 1 
ATOM   1259 C CE2 . TYR A 1 163 ? -0.516  -9.403  7.425   1.00 11.31 ? 300 TYR A CE2 1 
ATOM   1260 C CZ  . TYR A 1 163 ? 0.412   -10.294 7.961   1.00 12.94 ? 300 TYR A CZ  1 
ATOM   1261 O OH  . TYR A 1 163 ? 0.084   -11.624 8.051   1.00 16.38 ? 300 TYR A OH  1 
ATOM   1262 N N   . ILE A 1 164 ? 3.562   -4.337  6.571   1.00 7.28  ? 301 ILE A N   1 
ATOM   1263 C CA  . ILE A 1 164 ? 4.001   -3.199  5.794   1.00 7.35  ? 301 ILE A CA  1 
ATOM   1264 C C   . ILE A 1 164 ? 2.765   -2.419  5.334   1.00 7.08  ? 301 ILE A C   1 
ATOM   1265 O O   . ILE A 1 164 ? 1.728   -3.003  5.002   1.00 7.60  ? 301 ILE A O   1 
ATOM   1266 C CB  . ILE A 1 164 ? 4.737   -3.680  4.515   1.00 7.56  ? 301 ILE A CB  1 
ATOM   1267 C CG1 . ILE A 1 164 ? 5.971   -4.503  4.904   1.00 10.75 ? 301 ILE A CG1 1 
ATOM   1268 C CG2 . ILE A 1 164 ? 5.116   -2.486  3.614   1.00 9.38  ? 301 ILE A CG2 1 
ATOM   1269 C CD1 . ILE A 1 164 ? 6.499   -5.372  3.778   1.00 11.79 ? 301 ILE A CD1 1 
ATOM   1270 N N   . VAL A 1 165 ? 2.875   -1.098  5.352   1.00 6.56  ? 302 VAL A N   1 
ATOM   1271 C CA  . VAL A 1 165 ? 1.810   -0.248  4.860   1.00 6.59  ? 302 VAL A CA  1 
ATOM   1272 C C   . VAL A 1 165 ? 2.456   0.644   3.813   1.00 7.34  ? 302 VAL A C   1 
ATOM   1273 O O   . VAL A 1 165 ? 3.530   1.234   4.068   1.00 9.31  ? 302 VAL A O   1 
ATOM   1274 C CB  . VAL A 1 165 ? 1.188   0.613   5.981   1.00 7.08  ? 302 VAL A CB  1 
ATOM   1275 C CG1 . VAL A 1 165 ? 0.166   1.572   5.380   1.00 9.28  ? 302 VAL A CG1 1 
ATOM   1276 C CG2 . VAL A 1 165 ? 0.517   -0.303  7.031   1.00 8.65  ? 302 VAL A CG2 1 
ATOM   1277 N N   . LEU A 1 166 ? 1.827   0.717   2.639   1.00 5.98  ? 303 LEU A N   1 
ATOM   1278 C CA  . LEU A 1 166 ? 2.328   1.546   1.541   1.00 6.62  ? 303 LEU A CA  1 
ATOM   1279 C C   . LEU A 1 166 ? 1.551   2.863   1.389   1.00 6.94  ? 303 LEU A C   1 
ATOM   1280 O O   . LEU A 1 166 ? 0.386   2.978   1.810   1.00 7.50  ? 303 LEU A O   1 
ATOM   1281 C CB  . LEU A 1 166 ? 2.248   0.770   0.217   1.00 5.91  ? 303 LEU A CB  1 
ATOM   1282 C CG  . LEU A 1 166 ? 2.957   -0.592  0.192   1.00 5.79  ? 303 LEU A CG  1 
ATOM   1283 C CD1 . LEU A 1 166 ? 2.731   -1.252  -1.163  1.00 9.29  ? 303 LEU A CD1 1 
ATOM   1284 C CD2 . LEU A 1 166 ? 4.437   -0.421  0.484   1.00 8.55  ? 303 LEU A CD2 1 
ATOM   1285 N N   . CYS A 1 167 ? 2.209   3.840   0.766   1.00 5.58  ? 304 CYS A N   1 
ATOM   1286 C CA  . CYS A 1 167 ? 1.630   5.151   0.479   1.00 6.15  ? 304 CYS A CA  1 
ATOM   1287 C C   . CYS A 1 167 ? 1.829   5.364   -1.016  1.00 7.15  ? 304 CYS A C   1 
ATOM   1288 O O   . CYS A 1 167 ? 2.906   5.066   -1.558  1.00 8.17  ? 304 CYS A O   1 
ATOM   1289 C CB  . CYS A 1 167 ? 2.370   6.272   1.216   1.00 7.42  ? 304 CYS A CB  1 
ATOM   1290 S SG  . CYS A 1 167 ? 2.459   6.084   3.014   1.00 7.96  ? 304 CYS A SG  1 
ATOM   1291 N N   . ILE A 1 168 ? 0.786   5.841   -1.672  1.00 6.12  ? 305 ILE A N   1 
ATOM   1292 C CA  . ILE A 1 168 ? 0.825   6.094   -3.101  1.00 7.49  ? 305 ILE A CA  1 
ATOM   1293 C C   . ILE A 1 168 ? 0.620   7.582   -3.399  1.00 10.06 ? 305 ILE A C   1 
ATOM   1294 O O   . ILE A 1 168 ? -0.224  8.244   -2.784  1.00 9.16  ? 305 ILE A O   1 
ATOM   1295 C CB  . ILE A 1 168 ? -0.255  5.221   -3.868  1.00 7.52  ? 305 ILE A CB  1 
ATOM   1296 C CG1 . ILE A 1 168 ? -0.280  5.549   -5.375  1.00 10.13 ? 305 ILE A CG1 1 
ATOM   1297 C CG2 . ILE A 1 168 ? -1.659  5.383   -3.232  1.00 9.27  ? 305 ILE A CG2 1 
ATOM   1298 C CD1 . ILE A 1 168 ? 0.912   5.035   -6.161  1.00 11.16 ? 305 ILE A CD1 1 
ATOM   1299 N N   . GLU A 1 169 ? 1.448   8.109   -4.298  1.00 7.92  ? 306 GLU A N   1 
ATOM   1300 C CA  . GLU A 1 169 ? 1.359   9.500   -4.761  1.00 10.18 ? 306 GLU A CA  1 
ATOM   1301 C C   . GLU A 1 169 ? 0.076   9.523   -5.593  1.00 9.73  ? 306 GLU A C   1 
ATOM   1302 O O   . GLU A 1 169 ? -0.048  8.772   -6.563  1.00 11.98 ? 306 GLU A O   1 
ATOM   1303 C CB  . GLU A 1 169 ? 2.574   9.795   -5.619  1.00 10.07 ? 306 GLU A CB  1 
ATOM   1304 C CG  . GLU A 1 169 ? 2.855   11.247  -5.818  1.00 13.04 ? 306 GLU A CG  1 
ATOM   1305 C CD  . GLU A 1 169 ? 4.216   11.479  -6.457  1.00 20.14 ? 306 GLU A CD  1 
ATOM   1306 O OE1 . GLU A 1 169 ? 4.882   10.495  -6.846  1.00 10.57 ? 306 GLU A OE1 1 
ATOM   1307 O OE2 . GLU A 1 169 ? 4.634   12.649  -6.572  1.00 24.88 ? 306 GLU A OE2 1 
ATOM   1308 N N   . ASN A 1 170 ? -0.879  10.376  -5.229  1.00 10.68 ? 307 ASN A N   1 
ATOM   1309 C CA  . ASN A 1 170 ? -2.173  10.338  -5.907  1.00 13.13 ? 307 ASN A CA  1 
ATOM   1310 C C   . ASN A 1 170 ? -2.350  11.038  -7.242  1.00 13.53 ? 307 ASN A C   1 
ATOM   1311 O O   . ASN A 1 170 ? -3.379  10.888  -7.898  1.00 14.73 ? 307 ASN A O   1 
ATOM   1312 C CB  . ASN A 1 170 ? -3.317  10.663  -4.934  1.00 17.30 ? 307 ASN A CB  1 
ATOM   1313 C CG  . ASN A 1 170 ? -3.457  12.146  -4.647  1.00 33.21 ? 307 ASN A CG  1 
ATOM   1314 O OD1 . ASN A 1 170 ? -4.497  12.582  -4.136  1.00 42.13 ? 307 ASN A OD1 1 
ATOM   1315 N ND2 . ASN A 1 170 ? -2.430  12.936  -4.972  1.00 34.89 ? 307 ASN A ND2 1 
ATOM   1316 N N   . SER A 1 171 ? -1.316  11.750  -7.660  1.00 15.33 ? 308 SER A N   1 
ATOM   1317 C CA  . SER A 1 171 ? -1.327  12.439  -8.937  1.00 17.72 ? 308 SER A CA  1 
ATOM   1318 C C   . SER A 1 171 ? 0.084   12.916  -9.228  1.00 16.82 ? 308 SER A C   1 
ATOM   1319 O O   . SER A 1 171 ? 0.881   13.074  -8.305  1.00 17.25 ? 308 SER A O   1 
ATOM   1320 C CB  . SER A 1 171 ? -2.256  13.649  -8.874  1.00 21.56 ? 308 SER A CB  1 
ATOM   1321 O OG  . SER A 1 171 ? -1.898  14.485  -7.784  1.00 25.37 ? 308 SER A OG  1 
ATOM   1322 N N   . PHE A 1 172 ? 0.415   13.046  -10.506 1.00 19.67 ? 309 PHE A N   1 
ATOM   1323 C CA  . PHE A 1 172 ? 1.721   13.566  -10.901 1.00 21.81 ? 309 PHE A CA  1 
ATOM   1324 C C   . PHE A 1 172 ? 1.513   15.074  -10.964 1.00 22.35 ? 309 PHE A C   1 
ATOM   1325 O O   . PHE A 1 172 ? 2.306   15.798  -10.355 1.00 26.83 ? 309 PHE A O   1 
ATOM   1326 C CB  . PHE A 1 172 ? 2.157   13.038  -12.276 1.00 19.28 ? 309 PHE A CB  1 
ATOM   1327 C CG  . PHE A 1 172 ? 3.446   13.635  -12.771 0.00 20.57 ? 309 PHE A CG  1 
ATOM   1328 C CD1 . PHE A 1 172 ? 4.654   13.321  -12.158 0.00 20.77 ? 309 PHE A CD1 1 
ATOM   1329 C CD2 . PHE A 1 172 ? 3.453   14.522  -13.845 0.00 20.76 ? 309 PHE A CD2 1 
ATOM   1330 C CE1 . PHE A 1 172 ? 5.852   13.881  -12.604 0.00 21.12 ? 309 PHE A CE1 1 
ATOM   1331 C CE2 . PHE A 1 172 ? 4.644   15.088  -14.300 0.00 21.12 ? 309 PHE A CE2 1 
ATOM   1332 C CZ  . PHE A 1 172 ? 5.847   14.766  -13.677 0.00 21.23 ? 309 PHE A CZ  1 
ATOM   1333 O OXT . PHE A 1 172 ? 0.531   15.516  -11.595 1.00 26.72 ? 309 PHE A OXT 1 
HETATM 1334 O O   . HOH B 2 .   ? 6.478   -6.455  9.128   1.00 14.12 ? 401 HOH A O   1 
HETATM 1335 O O   . HOH B 2 .   ? 9.534   2.734   -2.607  1.00 7.88  ? 402 HOH A O   1 
HETATM 1336 O O   . HOH B 2 .   ? 10.357  9.859   6.649   1.00 11.26 ? 403 HOH A O   1 
HETATM 1337 O O   . HOH B 2 .   ? -0.726  -0.615  2.336   1.00 10.17 ? 404 HOH A O   1 
HETATM 1338 O O   . HOH B 2 .   ? 5.541   -0.111  6.698   1.00 8.09  ? 405 HOH A O   1 
HETATM 1339 O O   . HOH B 2 .   ? -4.150  13.385  2.694   1.00 15.06 ? 406 HOH A O   1 
HETATM 1340 O O   . HOH B 2 .   ? -11.245 4.705   8.896   1.00 17.19 ? 407 HOH A O   1 
HETATM 1341 O O   . HOH B 2 .   ? -1.094  5.008   -14.081 1.00 12.28 ? 408 HOH A O   1 
HETATM 1342 O O   . HOH B 2 .   ? -10.622 7.498   10.481  1.00 21.94 ? 409 HOH A O   1 
HETATM 1343 O O   . HOH B 2 .   ? -6.835  2.011   15.790  1.00 19.39 ? 410 HOH A O   1 
HETATM 1344 O O   . HOH B 2 .   ? -6.056  6.372   1.619   1.00 13.46 ? 411 HOH A O   1 
HETATM 1345 O O   . HOH B 2 .   ? -13.136 -5.577  8.854   1.00 16.11 ? 412 HOH A O   1 
HETATM 1346 O O   . HOH B 2 .   ? -5.505  -7.260  -9.816  1.00 13.93 ? 413 HOH A O   1 
HETATM 1347 O O   . HOH B 2 .   ? -15.682 -8.394  2.754   1.00 20.91 ? 414 HOH A O   1 
HETATM 1348 O O   . HOH B 2 .   ? -3.830  -14.497 10.360  1.00 16.40 ? 415 HOH A O   1 
HETATM 1349 O O   . HOH B 2 .   ? 6.645   13.593  -4.793  1.00 34.65 ? 416 HOH A O   1 
HETATM 1350 O O   . HOH B 2 .   ? 5.164   4.286   10.414  1.00 22.94 ? 417 HOH A O   1 
HETATM 1351 O O   . HOH B 2 .   ? -13.104 5.909   4.446   1.00 18.73 ? 418 HOH A O   1 
HETATM 1352 O O   . HOH B 2 .   ? -2.968  -0.037  17.578  1.00 23.10 ? 419 HOH A O   1 
HETATM 1353 O O   . HOH B 2 .   ? 5.904   12.112  -9.129  1.00 21.98 ? 420 HOH A O   1 
HETATM 1354 O O   . HOH B 2 .   ? 11.590  -4.910  -1.651  1.00 20.87 ? 421 HOH A O   1 
HETATM 1355 O O   . HOH B 2 .   ? -14.037 5.178   -3.658  1.00 30.37 ? 422 HOH A O   1 
HETATM 1356 O O   . HOH B 2 .   ? -17.081 -4.848  0.710   1.00 20.79 ? 423 HOH A O   1 
HETATM 1357 O O   . HOH B 2 .   ? 13.578  0.466   -16.380 1.00 15.88 ? 424 HOH A O   1 
HETATM 1358 O O   . HOH B 2 .   ? -11.514 -11.658 -2.470  1.00 30.27 ? 425 HOH A O   1 
HETATM 1359 O O   . HOH B 2 .   ? -16.042 6.859   9.511   1.00 57.70 ? 426 HOH A O   1 
HETATM 1360 O O   . HOH B 2 .   ? -8.660  13.326  -13.306 1.00 30.09 ? 427 HOH A O   1 
HETATM 1361 O O   . HOH B 2 .   ? 12.767  -2.166  -8.264  1.00 21.81 ? 428 HOH A O   1 
HETATM 1362 O O   . HOH B 2 .   ? 9.062   18.697  2.875   1.00 32.40 ? 429 HOH A O   1 
HETATM 1363 O O   . HOH B 2 .   ? 9.803   -6.524  -2.501  1.00 58.83 ? 430 HOH A O   1 
HETATM 1364 O O   . HOH B 2 .   ? -8.691  4.902   1.617   1.00 21.54 ? 431 HOH A O   1 
HETATM 1365 O O   . HOH B 2 .   ? 0.153   13.899  1.671   1.00 25.50 ? 432 HOH A O   1 
HETATM 1366 O O   . HOH B 2 .   ? 6.989   15.585  8.753   1.00 19.82 ? 433 HOH A O   1 
HETATM 1367 O O   . HOH B 2 .   ? 17.989  -3.290  -2.139  1.00 32.07 ? 434 HOH A O   1 
HETATM 1368 O O   . HOH B 2 .   ? 4.595   15.519  0.296   1.00 23.70 ? 435 HOH A O   1 
HETATM 1369 O O   . HOH B 2 .   ? -8.303  -10.935 21.076  1.00 39.43 ? 436 HOH A O   1 
HETATM 1370 O O   . HOH B 2 .   ? -11.148 9.820   5.662   1.00 28.09 ? 437 HOH A O   1 
HETATM 1371 O O   . HOH B 2 .   ? 9.193   13.387  -14.124 1.00 29.78 ? 438 HOH A O   1 
HETATM 1372 O O   . HOH B 2 .   ? 0.311   -0.548  14.936  1.00 26.66 ? 439 HOH A O   1 
HETATM 1373 O O   . HOH B 2 .   ? -6.307  11.932  2.993   1.00 27.17 ? 440 HOH A O   1 
HETATM 1374 O O   . HOH B 2 .   ? -1.840  5.993   12.948  1.00 28.79 ? 441 HOH A O   1 
HETATM 1375 O O   . HOH B 2 .   ? -0.838  -13.941 -10.353 1.00 27.73 ? 442 HOH A O   1 
HETATM 1376 O O   . HOH B 2 .   ? 4.913   -12.739 3.737   1.00 33.39 ? 443 HOH A O   1 
HETATM 1377 O O   . HOH B 2 .   ? 0.303   -5.822  17.102  1.00 38.29 ? 444 HOH A O   1 
HETATM 1378 O O   . HOH B 2 .   ? 0.535   14.289  -5.864  1.00 36.44 ? 445 HOH A O   1 
HETATM 1379 O O   . HOH B 2 .   ? -8.250  10.289  5.423   1.00 17.58 ? 446 HOH A O   1 
HETATM 1380 O O   . HOH B 2 .   ? 15.309  -6.846  -2.667  1.00 32.48 ? 447 HOH A O   1 
HETATM 1381 O O   . HOH B 2 .   ? -4.827  -14.692 -3.758  1.00 28.58 ? 448 HOH A O   1 
HETATM 1382 O O   . HOH B 2 .   ? -21.480 -9.278  9.148   1.00 55.63 ? 449 HOH A O   1 
HETATM 1383 O O   . HOH B 2 .   ? 3.800   -4.880  -12.936 1.00 31.86 ? 450 HOH A O   1 
HETATM 1384 O O   . HOH B 2 .   ? 10.188  -4.146  -11.820 1.00 34.21 ? 451 HOH A O   1 
HETATM 1385 O O   . HOH B 2 .   ? -12.020 8.348   3.167   1.00 46.38 ? 452 HOH A O   1 
HETATM 1386 O O   . HOH B 2 .   ? -6.913  10.542  -3.213  1.00 33.96 ? 453 HOH A O   1 
HETATM 1387 O O   . HOH B 2 .   ? 0.805   -14.061 9.935   1.00 42.18 ? 454 HOH A O   1 
HETATM 1388 O O   . HOH B 2 .   ? -7.411  -2.924  19.228  1.00 29.91 ? 455 HOH A O   1 
HETATM 1389 O O   . HOH B 2 .   ? -2.320  2.841   18.880  1.00 60.74 ? 456 HOH A O   1 
HETATM 1390 O O   . HOH B 2 .   ? 12.454  -6.905  -3.466  1.00 50.14 ? 457 HOH A O   1 
HETATM 1391 O O   . HOH B 2 .   ? -15.909 -4.533  9.264   1.00 53.32 ? 458 HOH A O   1 
HETATM 1392 O O   . HOH B 2 .   ? 13.291  7.390   9.879   1.00 39.85 ? 459 HOH A O   1 
HETATM 1393 O O   . HOH B 2 .   ? -1.911  8.749   13.026  1.00 39.50 ? 460 HOH A O   1 
HETATM 1394 O O   . HOH B 2 .   ? 9.188   -11.054 -7.807  1.00 69.51 ? 461 HOH A O   1 
HETATM 1395 O O   . HOH B 2 .   ? 2.633   -18.006 -3.626  1.00 42.87 ? 462 HOH A O   1 
HETATM 1396 O O   . HOH B 2 .   ? -3.162  7.998   -17.519 1.00 27.98 ? 463 HOH A O   1 
HETATM 1397 O O   . HOH B 2 .   ? -12.678 -8.043  10.229  1.00 34.76 ? 464 HOH A O   1 
HETATM 1398 O O   . HOH B 2 .   ? -12.520 8.448   8.161   1.00 25.60 ? 465 HOH A O   1 
HETATM 1399 O O   . HOH B 2 .   ? 14.593  11.313  -8.149  1.00 58.08 ? 466 HOH A O   1 
HETATM 1400 O O   . HOH B 2 .   ? 1.336   -8.664  21.095  1.00 47.16 ? 467 HOH A O   1 
HETATM 1401 O O   . HOH B 2 .   ? 1.853   3.229   -19.520 1.00 41.30 ? 468 HOH A O   1 
HETATM 1402 O O   . HOH B 2 .   ? 9.576   10.681  9.445   1.00 29.62 ? 469 HOH A O   1 
HETATM 1403 O O   . HOH B 2 .   ? 11.866  6.137   -13.815 1.00 33.13 ? 470 HOH A O   1 
HETATM 1404 O O   . HOH B 2 .   ? 7.760   -4.608  -10.852 1.00 41.23 ? 471 HOH A O   1 
HETATM 1405 O O   . HOH B 2 .   ? 7.041   -12.934 5.988   1.00 29.31 ? 472 HOH A O   1 
HETATM 1406 O O   . HOH B 2 .   ? 2.888   -9.520  13.440  1.00 60.80 ? 473 HOH A O   1 
HETATM 1407 O O   . HOH B 2 .   ? 9.464   7.901   10.538  1.00 34.90 ? 474 HOH A O   1 
HETATM 1408 O O   . HOH B 2 .   ? 3.049   14.992  2.501   1.00 33.44 ? 475 HOH A O   1 
HETATM 1409 O O   . HOH B 2 .   ? 12.980  10.153  7.439   1.00 30.01 ? 476 HOH A O   1 
HETATM 1410 O O   . HOH B 2 .   ? 11.913  0.727   11.367  1.00 41.29 ? 477 HOH A O   1 
HETATM 1411 O O   . HOH B 2 .   ? 15.668  10.159  6.561   1.00 30.12 ? 478 HOH A O   1 
HETATM 1412 O O   . HOH B 2 .   ? 2.547   -13.205 7.742   1.00 42.81 ? 479 HOH A O   1 
HETATM 1413 O O   . HOH B 2 .   ? -2.024  -6.444  -15.611 1.00 44.07 ? 480 HOH A O   1 
HETATM 1414 O O   . HOH B 2 .   ? 0.180   -6.471  -12.454 1.00 33.96 ? 481 HOH A O   1 
HETATM 1415 O O   . HOH B 2 .   ? -5.446  0.731   18.233  1.00 51.26 ? 482 HOH A O   1 
HETATM 1416 O O   . HOH B 2 .   ? -13.467 5.891   7.177   1.00 44.95 ? 483 HOH A O   1 
# 
